data_1QA5
# 
_entry.id   1QA5 
# 
_audit_conform.dict_name       mmcif_pdbx.dic 
_audit_conform.dict_version    5.362 
_audit_conform.dict_location   http://mmcif.pdb.org/dictionaries/ascii/mmcif_pdbx.dic 
# 
loop_
_database_2.database_id 
_database_2.database_code 
_database_2.pdbx_database_accession 
_database_2.pdbx_DOI 
PDB   1QA5         pdb_00001qa5 10.2210/pdb1qa5/pdb 
RCSB  RCSB000836   ?            ?                   
WWPDB D_1000000836 ?            ?                   
# 
_pdbx_database_status.status_code                     REL 
_pdbx_database_status.entry_id                        1QA5 
_pdbx_database_status.recvd_initial_deposition_date   1999-04-12 
_pdbx_database_status.deposit_site                    RCSB 
_pdbx_database_status.process_site                    RCSB 
_pdbx_database_status.SG_entry                        . 
_pdbx_database_status.pdb_format_compatible           Y 
_pdbx_database_status.status_code_mr                  ? 
_pdbx_database_status.status_code_sf                  ? 
_pdbx_database_status.status_code_cs                  ? 
_pdbx_database_status.methods_development_category    ? 
_pdbx_database_status.status_code_nmr_data            ? 
# 
loop_
_audit_author.name 
_audit_author.pdbx_ordinal 
'Geyer, M.'       1 
'Kalbitzer, H.R.' 2 
# 
loop_
_citation.id 
_citation.title 
_citation.journal_abbrev 
_citation.journal_volume 
_citation.page_first 
_citation.page_last 
_citation.year 
_citation.journal_id_ASTM 
_citation.country 
_citation.journal_id_ISSN 
_citation.journal_id_CSD 
_citation.book_publisher 
_citation.pdbx_database_id_PubMed 
_citation.pdbx_database_id_DOI 
primary 'Structure of the anchor-domain of myristoylated and non-myristoylated HIV-1 Nef protein.' J.Mol.Biol.             289 123 
138  1999 JMOBAK UK 0022-2836 0070 ? 10339411 10.1006/jmbi.1999.2740             
1       'Refined solution structure and backbone dynamics of HIV-1 Nef.' 'Protein Sci.'          6   1248 1263 1997 PRCIEI US 
0961-8368 0795 ? 9194185  10.1002/pro.5560060613             
2       'Solution structure of a polypeptide from the N terminus of the HIV protein Nef.' Biochemistry            36  5970 5980 
1997 BICHAW US 0006-2960 0033 ? 9166767  10.1021/bi9629945                  
3       
;The crystal structure of HIV-1 Nef protein bound to the Fyn kinase SH3 domain suggests a role for this complex in altered T cell receptor signaling.
;
Structure               5   1361 1372 1997 STRUE6 UK 0969-2126 2005 ? 9351809  '10.1016/s0969-2126(97)00286-4'    
4       'Crystal structure of the conserved core of HIV-1 Nef complexed with a Src family SH3 domain.' 'Cell(Cambridge,Mass.)' 85  
931  942  1996 CELLB5 US 0092-8674 0998 ? 8681387  '10.1016/s0092-8674(00)81276-3'    
5       
;The solution structure of HIV-1 Nef reveals an unexpected fold and permits delineation of the binding surface for the SH3 domain of Hck tyrosine protein kinase.
;
Nat.Struct.Biol.        3   340  345  1996 NSBIEW US 1072-8368 2024 ? 8599760  10.1038/nsb0496-340                
6       'A possible regulation of negative factor (Nef) activity of human immunodeficiency virus type 1 by the viral protease.' 
Eur.J.Biochem.          223 589  593  1994 EJBCAI IX 0014-2956 0262 ? 8055930  10.1111/j.1432-1033.1994.tb19029.x 
# 
loop_
_citation_author.citation_id 
_citation_author.name 
_citation_author.ordinal 
_citation_author.identifier_ORCID 
primary 'Geyer, M.'        1  ? 
primary 'Munte, C.E.'      2  ? 
primary 'Schorr, J.'       3  ? 
primary 'Kellner, R.'      4  ? 
primary 'Kalbitzer, H.R.'  5  ? 
1       'Grzesiek, S.'     6  ? 
1       'Bax, A.'          7  ? 
1       'Hu, J.S.'         8  ? 
1       'Kaufman, J.'      9  ? 
1       'Palmer, I.'       10 ? 
1       'Stahl, S.J.'      11 ? 
1       'Tjandra, N.'      12 ? 
1       'Wingfield, P.T.'  13 ? 
2       'Barnham, K.J.'    14 ? 
2       'Monks, S.A.'      15 ? 
2       'Hinds, M.G.'      16 ? 
2       'Azad, A.A.'       17 ? 
2       'Norton, R.S.'     18 ? 
3       'Arold, S.'        19 ? 
3       'Franken, P.'      20 ? 
3       'Strub, M.P.'      21 ? 
3       'Hoh, F.'          22 ? 
3       'Benichou, S.'     23 ? 
3       'Benarous, R.'     24 ? 
3       'Dumas, C.'        25 ? 
4       'Lee, C.H.'        26 ? 
4       'Saksela, K.'      27 ? 
4       'Mirza, U.A.'      28 ? 
4       'Chait, B.T.'      29 ? 
4       'Kuriyan, J.'      30 ? 
5       'Grzesiek, S.'     31 ? 
5       'Bax, A.'          32 ? 
5       'Clore, G.M.'      33 ? 
5       'Gronenborn, A.M.' 34 ? 
5       'Hu, J.S.'         35 ? 
5       'Kaufman, J.'      36 ? 
5       'Palmer, I.'       37 ? 
5       'Stahl, S.J.'      38 ? 
5       'Wingfield, P.T.'  39 ? 
6       'Freund, J.'       40 ? 
6       'Kellner, R.'      41 ? 
6       'Konvalinka, J.'   42 ? 
6       'Wolber, V.'       43 ? 
6       'Krausslich, H.G.' 44 ? 
6       'Kalbitzer, H.R.'  45 ? 
# 
_cell.entry_id           1QA5 
_cell.length_a           1.000 
_cell.length_b           1.000 
_cell.length_c           1.000 
_cell.angle_alpha        90.00 
_cell.angle_beta         90.00 
_cell.angle_gamma        90.00 
_cell.Z_PDB              1 
_cell.pdbx_unique_axis   ? 
# 
_symmetry.entry_id                         1QA5 
_symmetry.space_group_name_H-M             'P 1' 
_symmetry.pdbx_full_space_group_name_H-M   ? 
_symmetry.cell_setting                     ? 
_symmetry.Int_Tables_number                1 
# 
_entity.id                         1 
_entity.type                       polymer 
_entity.src_method                 syn 
_entity.pdbx_description           'PROTEIN (MYRISTOYLATED HIV-1 NEF ANCHOR DOMAIN (MYRISTATE-GLY2 TO TRP57))' 
_entity.formula_weight             6027.812 
_entity.pdbx_number_of_molecules   1 
_entity.pdbx_ec                    ? 
_entity.pdbx_mutation              ? 
_entity.pdbx_fragment              ? 
_entity.details                    ? 
# 
_entity_keywords.entity_id   1 
_entity_keywords.text        'N-TERMINAL MYRISTOYLATION ON GLY-2' 
# 
_entity_poly.entity_id                      1 
_entity_poly.type                           'polypeptide(L)' 
_entity_poly.nstd_linkage                   no 
_entity_poly.nstd_monomer                   yes 
_entity_poly.pdbx_seq_one_letter_code       '(MYR)GGKWSKSSVVGWPAVRERMRRAEPAADGVGAASRDLEKHGAITSSNTAANNAACAW(NH2)' 
_entity_poly.pdbx_seq_one_letter_code_can   XGGKWSKSSVVGWPAVRERMRRAEPAADGVGAASRDLEKHGAITSSNTAANNAACAWX 
_entity_poly.pdbx_strand_id                 A 
_entity_poly.pdbx_target_identifier         ? 
# 
loop_
_entity_poly_seq.entity_id 
_entity_poly_seq.num 
_entity_poly_seq.mon_id 
_entity_poly_seq.hetero 
1 1  MYR n 
1 2  GLY n 
1 3  GLY n 
1 4  LYS n 
1 5  TRP n 
1 6  SER n 
1 7  LYS n 
1 8  SER n 
1 9  SER n 
1 10 VAL n 
1 11 VAL n 
1 12 GLY n 
1 13 TRP n 
1 14 PRO n 
1 15 ALA n 
1 16 VAL n 
1 17 ARG n 
1 18 GLU n 
1 19 ARG n 
1 20 MET n 
1 21 ARG n 
1 22 ARG n 
1 23 ALA n 
1 24 GLU n 
1 25 PRO n 
1 26 ALA n 
1 27 ALA n 
1 28 ASP n 
1 29 GLY n 
1 30 VAL n 
1 31 GLY n 
1 32 ALA n 
1 33 ALA n 
1 34 SER n 
1 35 ARG n 
1 36 ASP n 
1 37 LEU n 
1 38 GLU n 
1 39 LYS n 
1 40 HIS n 
1 41 GLY n 
1 42 ALA n 
1 43 ILE n 
1 44 THR n 
1 45 SER n 
1 46 SER n 
1 47 ASN n 
1 48 THR n 
1 49 ALA n 
1 50 ALA n 
1 51 ASN n 
1 52 ASN n 
1 53 ALA n 
1 54 ALA n 
1 55 CYS n 
1 56 ALA n 
1 57 TRP n 
1 58 NH2 n 
# 
_pdbx_entity_src_syn.entity_id              1 
_pdbx_entity_src_syn.pdbx_src_id            1 
_pdbx_entity_src_syn.pdbx_alt_source_flag   sample 
_pdbx_entity_src_syn.pdbx_beg_seq_num       ? 
_pdbx_entity_src_syn.pdbx_end_seq_num       ? 
_pdbx_entity_src_syn.organism_scientific    'Human immunodeficiency virus type 1 (isolate NL4-3)' 
_pdbx_entity_src_syn.organism_common_name   HIV-1 
_pdbx_entity_src_syn.ncbi_taxonomy_id       11676 
_pdbx_entity_src_syn.details                ? 
# 
_struct_ref.id                         1 
_struct_ref.db_name                    UNP 
_struct_ref.db_code                    NEF_HV112 
_struct_ref.entity_id                  1 
_struct_ref.pdbx_db_accession          P04324 
_struct_ref.pdbx_align_begin           ? 
_struct_ref.pdbx_seq_one_letter_code   ? 
_struct_ref.pdbx_db_isoform            ? 
# 
_struct_ref_seq.align_id                      1 
_struct_ref_seq.ref_id                        1 
_struct_ref_seq.pdbx_PDB_id_code              1QA5 
_struct_ref_seq.pdbx_strand_id                A 
_struct_ref_seq.seq_align_beg                 2 
_struct_ref_seq.pdbx_seq_align_beg_ins_code   ? 
_struct_ref_seq.seq_align_end                 57 
_struct_ref_seq.pdbx_seq_align_end_ins_code   ? 
_struct_ref_seq.pdbx_db_accession             P04324 
_struct_ref_seq.db_align_beg                  2 
_struct_ref_seq.pdbx_db_align_beg_ins_code    ? 
_struct_ref_seq.db_align_end                  57 
_struct_ref_seq.pdbx_db_align_end_ins_code    ? 
_struct_ref_seq.pdbx_auth_seq_align_beg       2 
_struct_ref_seq.pdbx_auth_seq_align_end       57 
# 
loop_
_struct_ref_seq_dif.align_id 
_struct_ref_seq_dif.pdbx_pdb_id_code 
_struct_ref_seq_dif.mon_id 
_struct_ref_seq_dif.pdbx_pdb_strand_id 
_struct_ref_seq_dif.seq_num 
_struct_ref_seq_dif.pdbx_pdb_ins_code 
_struct_ref_seq_dif.pdbx_seq_db_name 
_struct_ref_seq_dif.pdbx_seq_db_accession_code 
_struct_ref_seq_dif.db_mon_id 
_struct_ref_seq_dif.pdbx_seq_db_seq_num 
_struct_ref_seq_dif.details 
_struct_ref_seq_dif.pdbx_auth_seq_num 
_struct_ref_seq_dif.pdbx_ordinal 
1 1QA5 MYR A 1  ? ? P04324 ? ? 'modified residue' 1  1 
1 1QA5 NH2 A 58 ? ? P04324 ? ? amidation          58 2 
# 
loop_
_chem_comp.id 
_chem_comp.type 
_chem_comp.mon_nstd_flag 
_chem_comp.name 
_chem_comp.pdbx_synonyms 
_chem_comp.formula 
_chem_comp.formula_weight 
ALA 'L-peptide linking' y ALANINE         ? 'C3 H7 N O2'     89.093  
ARG 'L-peptide linking' y ARGININE        ? 'C6 H15 N4 O2 1' 175.209 
ASN 'L-peptide linking' y ASPARAGINE      ? 'C4 H8 N2 O3'    132.118 
ASP 'L-peptide linking' y 'ASPARTIC ACID' ? 'C4 H7 N O4'     133.103 
CYS 'L-peptide linking' y CYSTEINE        ? 'C3 H7 N O2 S'   121.158 
GLU 'L-peptide linking' y 'GLUTAMIC ACID' ? 'C5 H9 N O4'     147.129 
GLY 'peptide linking'   y GLYCINE         ? 'C2 H5 N O2'     75.067  
HIS 'L-peptide linking' y HISTIDINE       ? 'C6 H10 N3 O2 1' 156.162 
ILE 'L-peptide linking' y ISOLEUCINE      ? 'C6 H13 N O2'    131.173 
LEU 'L-peptide linking' y LEUCINE         ? 'C6 H13 N O2'    131.173 
LYS 'L-peptide linking' y LYSINE          ? 'C6 H15 N2 O2 1' 147.195 
MET 'L-peptide linking' y METHIONINE      ? 'C5 H11 N O2 S'  149.211 
MYR non-polymer         . 'MYRISTIC ACID' ? 'C14 H28 O2'     228.371 
NH2 non-polymer         . 'AMINO GROUP'   ? 'H2 N'           16.023  
PRO 'L-peptide linking' y PROLINE         ? 'C5 H9 N O2'     115.130 
SER 'L-peptide linking' y SERINE          ? 'C3 H7 N O3'     105.093 
THR 'L-peptide linking' y THREONINE       ? 'C4 H9 N O3'     119.119 
TRP 'L-peptide linking' y TRYPTOPHAN      ? 'C11 H12 N2 O2'  204.225 
VAL 'L-peptide linking' y VALINE          ? 'C5 H11 N O2'    117.146 
# 
_pdbx_nmr_exptl.experiment_id   1 
_pdbx_nmr_exptl.conditions_id   1 
_pdbx_nmr_exptl.type            1H 
_pdbx_nmr_exptl.solution_id     1 
# 
_pdbx_nmr_exptl_sample_conditions.conditions_id          1 
_pdbx_nmr_exptl_sample_conditions.temperature            285 
_pdbx_nmr_exptl_sample_conditions.pressure               ? 
_pdbx_nmr_exptl_sample_conditions.pH                     4.6 
_pdbx_nmr_exptl_sample_conditions.ionic_strength         ? 
_pdbx_nmr_exptl_sample_conditions.pressure_units         ? 
_pdbx_nmr_exptl_sample_conditions.temperature_units      K 
_pdbx_nmr_exptl_sample_conditions.label                  ? 
_pdbx_nmr_exptl_sample_conditions.pH_units               ? 
_pdbx_nmr_exptl_sample_conditions.ionic_strength_units   ? 
# 
loop_
_pdbx_nmr_spectrometer.spectrometer_id 
_pdbx_nmr_spectrometer.model 
_pdbx_nmr_spectrometer.manufacturer 
_pdbx_nmr_spectrometer.field_strength 
_pdbx_nmr_spectrometer.type 
1 AMX Bruker 500 ? 
2 DMX Bruker 800 ? 
# 
_pdbx_nmr_refine.entry_id           1QA5 
_pdbx_nmr_refine.method             'DISTANCE GEOMETRY, SIMULATED ANNEALING' 
_pdbx_nmr_refine.details            
;THE STRUCTURES WERE CALCULATED WITH X-PLOR, V. 3.851 (BRUNGER, 1992) USING A DISTANCE GEOMETRY/SIMULATED ANNEALING PROTOCOL (NILGES ET AL., FEBS LETT. 229, 317 (1988)). THE 3D STRUCTURE OF MYRISTOYLATED HIV-1 NEF ANCHOR
DOMAIN (MYR-2-57) SOLVED BY TWO-DIMENSIONAL HOMONUCLEAR NMR SPECTROSCOPY IS BASED ON 540 EXPERIMENTAL RESTRAINTS:
332 INTRARESIDUAL, 156 SEQUENTIAL AND MEDIUM RANGE (1<=|I-J|<=4), AND 10 LONG RANGE (|I-J|>=5) INTERPROTON
DISTANCE RESTRAINTS; 42 TORSION ANGLE RESTRAINTS (PHI). NO RESTRAINTS FOR HYDROGEN BONDS WERE ADDED.
;
_pdbx_nmr_refine.software_ordinal   1 
# 
_pdbx_nmr_details.entry_id   1QA5 
_pdbx_nmr_details.text       
;THE COORDINATES OF 2 SIMULATED ANNEALING STRUCTURES ARE PRESENTED IN THIS ENTRY.  THE STRUCTURE OF THE
MYRISTOYLATED HIV-1 NEF ANCHOR DOMAIN IS HIGHLY FLEXIBLE AND NOT WELL DEFINED BY NMR RESTRAINTS.  ONLY TWO
SECONDARY STRUCTURE ELEMENTS CAN BE OBSERVED:  A FIRST HELIX IN THE POSITIVE CLUSTER REGION FROM PRO14 TO ARG22
AND A SECOND HELICAL REGION FROM ALA33 TO GLY41. ADDITIONALLY, THE N-TERMINAL MYRISTIC ACID RESIDUE
CLOSELY INTERACTS WITH THE SIDE CHAIN OF TRP5 AND THEREBY FORMS A LOOP WITH GLY2, GLY3 AND LYS4 IN THE
KINK REGION.  TWO MODELS ARE PRESENTED TO DEMONSTRATE THE CONFORMATIONAL VARIETY OF THE STRUCTURES CALCULATED.
;
# 
_pdbx_nmr_ensemble.entry_id                                      1QA5 
_pdbx_nmr_ensemble.conformers_calculated_total_number            400 
_pdbx_nmr_ensemble.conformers_submitted_total_number             2 
_pdbx_nmr_ensemble.conformer_selection_criteria                  
'TWO STRUCTURES WITH LOW TOTAL ENERGY WERE SELECTED SHOWING THE CONFORMATIONAL VARIETY OF THE FLEXIBLE DOMAIN' 
_pdbx_nmr_ensemble.average_constraints_per_residue               ? 
_pdbx_nmr_ensemble.average_constraint_violations_per_residue     ? 
_pdbx_nmr_ensemble.maximum_distance_constraint_violation         ? 
_pdbx_nmr_ensemble.average_distance_constraint_violation         ? 
_pdbx_nmr_ensemble.maximum_upper_distance_constraint_violation   ? 
_pdbx_nmr_ensemble.maximum_lower_distance_constraint_violation   ? 
_pdbx_nmr_ensemble.distance_constraint_violation_method          ? 
_pdbx_nmr_ensemble.maximum_torsion_angle_constraint_violation    ? 
_pdbx_nmr_ensemble.average_torsion_angle_constraint_violation    ? 
_pdbx_nmr_ensemble.torsion_angle_constraint_violation_method     ? 
# 
_pdbx_nmr_representative.entry_id             1QA5 
_pdbx_nmr_representative.conformer_id         1 
_pdbx_nmr_representative.selection_criteria   ? 
# 
loop_
_pdbx_nmr_software.classification 
_pdbx_nmr_software.name 
_pdbx_nmr_software.version 
_pdbx_nmr_software.authors 
_pdbx_nmr_software.ordinal 
refinement              X-PLOR  3.851 BRUNGER                                                      1 
'structure calculation' AURELIA 2.0   'Neidig, Geyer, Gorler, Antz, Saffrich, Beneicke, Kalbitzer' 2 
'structure calculation' X-PLOR  3.851 BRUNGER                                                      3 
# 
_exptl.entry_id          1QA5 
_exptl.method            'SOLUTION NMR' 
_exptl.crystals_number   ? 
# 
_struct.entry_id                  1QA5 
_struct.title                     'MYRISTOYLATED HIV-1 NEF ANCHOR DOMAIN, NMR, 2 STRUCTURES' 
_struct.pdbx_model_details        ? 
_struct.pdbx_CASP_flag            ? 
_struct.pdbx_model_type_details   ? 
# 
_struct_keywords.entry_id        1QA5 
_struct_keywords.pdbx_keywords   'VIRAL PROTEIN' 
_struct_keywords.text            'HIV, AIDS, REGULATORY FACTOR, NEGATIVE FACTOR, NEF, MYRISTOYLATION, Viral protein' 
# 
_struct_asym.id                            A 
_struct_asym.pdbx_blank_PDB_chainid_flag   N 
_struct_asym.pdbx_modified                 N 
_struct_asym.entity_id                     1 
_struct_asym.details                       ? 
# 
loop_
_struct_conf.conf_type_id 
_struct_conf.id 
_struct_conf.pdbx_PDB_helix_id 
_struct_conf.beg_label_comp_id 
_struct_conf.beg_label_asym_id 
_struct_conf.beg_label_seq_id 
_struct_conf.pdbx_beg_PDB_ins_code 
_struct_conf.end_label_comp_id 
_struct_conf.end_label_asym_id 
_struct_conf.end_label_seq_id 
_struct_conf.pdbx_end_PDB_ins_code 
_struct_conf.beg_auth_comp_id 
_struct_conf.beg_auth_asym_id 
_struct_conf.beg_auth_seq_id 
_struct_conf.end_auth_comp_id 
_struct_conf.end_auth_asym_id 
_struct_conf.end_auth_seq_id 
_struct_conf.pdbx_PDB_helix_class 
_struct_conf.details 
_struct_conf.pdbx_PDB_helix_length 
HELX_P HELX_P1 1 VAL A 16 ? ARG A 22 ? VAL A 16 ARG A 22 1 ? 7 
HELX_P HELX_P2 2 LEU A 37 ? GLY A 41 ? LEU A 37 GLY A 41 1 ? 5 
# 
_struct_conf_type.id          HELX_P 
_struct_conf_type.criteria    ? 
_struct_conf_type.reference   ? 
# 
loop_
_struct_conn.id 
_struct_conn.conn_type_id 
_struct_conn.pdbx_leaving_atom_flag 
_struct_conn.pdbx_PDB_id 
_struct_conn.ptnr1_label_asym_id 
_struct_conn.ptnr1_label_comp_id 
_struct_conn.ptnr1_label_seq_id 
_struct_conn.ptnr1_label_atom_id 
_struct_conn.pdbx_ptnr1_label_alt_id 
_struct_conn.pdbx_ptnr1_PDB_ins_code 
_struct_conn.pdbx_ptnr1_standard_comp_id 
_struct_conn.ptnr1_symmetry 
_struct_conn.ptnr2_label_asym_id 
_struct_conn.ptnr2_label_comp_id 
_struct_conn.ptnr2_label_seq_id 
_struct_conn.ptnr2_label_atom_id 
_struct_conn.pdbx_ptnr2_label_alt_id 
_struct_conn.pdbx_ptnr2_PDB_ins_code 
_struct_conn.ptnr1_auth_asym_id 
_struct_conn.ptnr1_auth_comp_id 
_struct_conn.ptnr1_auth_seq_id 
_struct_conn.ptnr2_auth_asym_id 
_struct_conn.ptnr2_auth_comp_id 
_struct_conn.ptnr2_auth_seq_id 
_struct_conn.ptnr2_symmetry 
_struct_conn.pdbx_ptnr3_label_atom_id 
_struct_conn.pdbx_ptnr3_label_seq_id 
_struct_conn.pdbx_ptnr3_label_comp_id 
_struct_conn.pdbx_ptnr3_label_asym_id 
_struct_conn.pdbx_ptnr3_label_alt_id 
_struct_conn.pdbx_ptnr3_PDB_ins_code 
_struct_conn.details 
_struct_conn.pdbx_dist_value 
_struct_conn.pdbx_value_order 
_struct_conn.pdbx_role 
covale1 covale both ? A MYR 1  C1 ? ? ? 1_555 A GLY 2  N ? ? A MYR 1  A GLY 2  1_555 ? ? ? ? ? ? ? 1.314 ? ? 
covale2 covale both ? A TRP 57 C  ? ? ? 1_555 A NH2 58 N ? ? A TRP 57 A NH2 58 1_555 ? ? ? ? ? ? ? 1.304 ? ? 
# 
_struct_conn_type.id          covale 
_struct_conn_type.criteria    ? 
_struct_conn_type.reference   ? 
# 
_atom_sites.entry_id                    1QA5 
_atom_sites.fract_transf_matrix[1][1]   1.000000 
_atom_sites.fract_transf_matrix[1][2]   0.000000 
_atom_sites.fract_transf_matrix[1][3]   0.000000 
_atom_sites.fract_transf_matrix[2][1]   0.000000 
_atom_sites.fract_transf_matrix[2][2]   1.000000 
_atom_sites.fract_transf_matrix[2][3]   0.000000 
_atom_sites.fract_transf_matrix[3][1]   0.000000 
_atom_sites.fract_transf_matrix[3][2]   0.000000 
_atom_sites.fract_transf_matrix[3][3]   1.000000 
_atom_sites.fract_transf_vector[1]      0.00000 
_atom_sites.fract_transf_vector[2]      0.00000 
_atom_sites.fract_transf_vector[3]      0.00000 
# 
loop_
_atom_type.symbol 
C 
H 
N 
O 
S 
# 
loop_
_atom_site.group_PDB 
_atom_site.id 
_atom_site.type_symbol 
_atom_site.label_atom_id 
_atom_site.label_alt_id 
_atom_site.label_comp_id 
_atom_site.label_asym_id 
_atom_site.label_entity_id 
_atom_site.label_seq_id 
_atom_site.pdbx_PDB_ins_code 
_atom_site.Cartn_x 
_atom_site.Cartn_y 
_atom_site.Cartn_z 
_atom_site.occupancy 
_atom_site.B_iso_or_equiv 
_atom_site.pdbx_formal_charge 
_atom_site.auth_seq_id 
_atom_site.auth_comp_id 
_atom_site.auth_asym_id 
_atom_site.auth_atom_id 
_atom_site.pdbx_PDB_model_num 
HETATM 1    C C1   . MYR A 1 1  ? 21.599  -27.397 -4.313  1.00 -10.00 ? 1  MYR A C1   1 
HETATM 2    O O1   . MYR A 1 1  ? 20.985  -28.442 -4.207  1.00 -10.00 ? 1  MYR A O1   1 
HETATM 3    C C2   . MYR A 1 1  ? 23.129  -27.381 -4.317  1.00 -10.00 ? 1  MYR A C2   1 
HETATM 4    C C3   . MYR A 1 1  ? 23.641  -27.855 -5.681  1.00 -10.00 ? 1  MYR A C3   1 
HETATM 5    C C4   . MYR A 1 1  ? 25.116  -28.254 -5.568  1.00 -10.00 ? 1  MYR A C4   1 
HETATM 6    C C5   . MYR A 1 1  ? 25.446  -29.315 -6.625  1.00 -10.00 ? 1  MYR A C5   1 
HETATM 7    C C6   . MYR A 1 1  ? 26.509  -28.775 -7.586  1.00 -10.00 ? 1  MYR A C6   1 
HETATM 8    C C7   . MYR A 1 1  ? 27.901  -29.181 -7.089  1.00 -10.00 ? 1  MYR A C7   1 
HETATM 9    C C8   . MYR A 1 1  ? 28.841  -27.973 -7.144  1.00 -10.00 ? 1  MYR A C8   1 
HETATM 10   C C9   . MYR A 1 1  ? 28.420  -26.947 -6.087  1.00 -10.00 ? 1  MYR A C9   1 
HETATM 11   C C10  . MYR A 1 1  ? 29.665  -26.338 -5.435  1.00 -10.00 ? 1  MYR A C10  1 
HETATM 12   C C11  . MYR A 1 1  ? 29.468  -24.830 -5.256  1.00 -10.00 ? 1  MYR A C11  1 
HETATM 13   C C12  . MYR A 1 1  ? 28.661  -24.562 -3.980  1.00 -10.00 ? 1  MYR A C12  1 
HETATM 14   C C13  . MYR A 1 1  ? 27.335  -23.890 -4.343  1.00 -10.00 ? 1  MYR A C13  1 
HETATM 15   C C14  . MYR A 1 1  ? 26.659  -23.368 -3.072  1.00 -10.00 ? 1  MYR A C14  1 
HETATM 16   H H21  . MYR A 1 1  ? 23.478  -26.376 -4.131  1.00 -10.00 ? 1  MYR A H21  1 
HETATM 17   H H22  . MYR A 1 1  ? 23.499  -28.039 -3.544  1.00 -10.00 ? 1  MYR A H22  1 
HETATM 18   H H31  . MYR A 1 1  ? 23.062  -28.708 -6.004  1.00 -10.00 ? 1  MYR A H31  1 
HETATM 19   H H32  . MYR A 1 1  ? 23.539  -27.057 -6.402  1.00 -10.00 ? 1  MYR A H32  1 
HETATM 20   H H41  . MYR A 1 1  ? 25.736  -27.383 -5.725  1.00 -10.00 ? 1  MYR A H41  1 
HETATM 21   H H42  . MYR A 1 1  ? 25.306  -28.657 -4.584  1.00 -10.00 ? 1  MYR A H42  1 
HETATM 22   H H51  . MYR A 1 1  ? 25.822  -30.201 -6.136  1.00 -10.00 ? 1  MYR A H51  1 
HETATM 23   H H52  . MYR A 1 1  ? 24.553  -29.563 -7.180  1.00 -10.00 ? 1  MYR A H52  1 
HETATM 24   H H61  . MYR A 1 1  ? 26.344  -29.188 -8.570  1.00 -10.00 ? 1  MYR A H61  1 
HETATM 25   H H62  . MYR A 1 1  ? 26.441  -27.698 -7.632  1.00 -10.00 ? 1  MYR A H62  1 
HETATM 26   H H71  . MYR A 1 1  ? 27.828  -29.533 -6.070  1.00 -10.00 ? 1  MYR A H71  1 
HETATM 27   H H72  . MYR A 1 1  ? 28.292  -29.971 -7.715  1.00 -10.00 ? 1  MYR A H72  1 
HETATM 28   H H81  . MYR A 1 1  ? 29.851  -28.298 -6.950  1.00 -10.00 ? 1  MYR A H81  1 
HETATM 29   H H82  . MYR A 1 1  ? 28.790  -27.521 -8.124  1.00 -10.00 ? 1  MYR A H82  1 
HETATM 30   H H91  . MYR A 1 1  ? 27.841  -26.166 -6.557  1.00 -10.00 ? 1  MYR A H91  1 
HETATM 31   H H92  . MYR A 1 1  ? 27.820  -27.433 -5.331  1.00 -10.00 ? 1  MYR A H92  1 
HETATM 32   H H101 . MYR A 1 1  ? 29.825  -26.799 -4.472  1.00 -10.00 ? 1  MYR A H101 1 
HETATM 33   H H102 . MYR A 1 1  ? 30.526  -26.515 -6.065  1.00 -10.00 ? 1  MYR A H102 1 
HETATM 34   H H111 . MYR A 1 1  ? 30.431  -24.350 -5.177  1.00 -10.00 ? 1  MYR A H111 1 
HETATM 35   H H112 . MYR A 1 1  ? 28.937  -24.432 -6.108  1.00 -10.00 ? 1  MYR A H112 1 
HETATM 36   H H121 . MYR A 1 1  ? 28.465  -25.497 -3.476  1.00 -10.00 ? 1  MYR A H121 1 
HETATM 37   H H122 . MYR A 1 1  ? 29.226  -23.912 -3.326  1.00 -10.00 ? 1  MYR A H122 1 
HETATM 38   H H131 . MYR A 1 1  ? 27.523  -23.065 -5.014  1.00 -10.00 ? 1  MYR A H131 1 
HETATM 39   H H132 . MYR A 1 1  ? 26.686  -24.606 -4.825  1.00 -10.00 ? 1  MYR A H132 1 
HETATM 40   H H141 . MYR A 1 1  ? 25.846  -22.709 -3.340  1.00 -10.00 ? 1  MYR A H141 1 
HETATM 41   H H142 . MYR A 1 1  ? 27.380  -22.826 -2.477  1.00 -10.00 ? 1  MYR A H142 1 
HETATM 42   H H143 . MYR A 1 1  ? 26.275  -24.200 -2.501  1.00 -10.00 ? 1  MYR A H143 1 
ATOM   43   N N    . GLY A 1 2  ? 20.981  -26.243 -4.430  1.00 -10.00 ? 2  GLY A N    1 
ATOM   44   C CA   . GLY A 1 2  ? 19.483  -26.181 -4.436  1.00 -10.00 ? 2  GLY A CA   1 
ATOM   45   C C    . GLY A 1 2  ? 18.976  -25.539 -5.738  1.00 -10.00 ? 2  GLY A C    1 
ATOM   46   O O    . GLY A 1 2  ? 17.878  -25.015 -5.784  1.00 -10.00 ? 2  GLY A O    1 
ATOM   47   H H    . GLY A 1 2  ? 21.501  -25.417 -4.514  1.00 0.00   ? 2  GLY A H    1 
ATOM   48   H HA2  . GLY A 1 2  ? 19.083  -27.182 -4.351  1.00 -10.00 ? 2  GLY A HA2  1 
ATOM   49   H HA3  . GLY A 1 2  ? 19.147  -25.590 -3.596  1.00 0.00   ? 2  GLY A HA3  1 
ATOM   50   N N    . GLY A 1 3  ? 19.762  -25.582 -6.795  1.00 -10.00 ? 3  GLY A N    1 
ATOM   51   C CA   . GLY A 1 3  ? 19.328  -24.981 -8.098  1.00 -10.00 ? 3  GLY A CA   1 
ATOM   52   C C    . GLY A 1 3  ? 19.051  -23.481 -7.927  1.00 -10.00 ? 3  GLY A C    1 
ATOM   53   O O    . GLY A 1 3  ? 19.739  -22.795 -7.195  1.00 -10.00 ? 3  GLY A O    1 
ATOM   54   H H    . GLY A 1 3  ? 20.639  -26.015 -6.733  1.00 0.00   ? 3  GLY A H    1 
ATOM   55   H HA2  . GLY A 1 3  ? 20.106  -25.119 -8.835  1.00 -10.00 ? 3  GLY A HA2  1 
ATOM   56   H HA3  . GLY A 1 3  ? 18.427  -25.471 -8.436  1.00 0.00   ? 3  GLY A HA3  1 
ATOM   57   N N    . LYS A 1 4  ? 18.038  -22.977 -8.603  1.00 -10.00 ? 4  LYS A N    1 
ATOM   58   C CA   . LYS A 1 4  ? 17.685  -21.521 -8.502  1.00 -10.00 ? 4  LYS A CA   1 
ATOM   59   C C    . LYS A 1 4  ? 18.939  -20.644 -8.708  1.00 -10.00 ? 4  LYS A C    1 
ATOM   60   O O    . LYS A 1 4  ? 19.089  -19.602 -8.090  1.00 -10.00 ? 4  LYS A O    1 
ATOM   61   C CB   . LYS A 1 4  ? 17.077  -21.255 -7.117  1.00 -10.00 ? 4  LYS A CB   1 
ATOM   62   C CG   . LYS A 1 4  ? 15.548  -21.306 -7.206  1.00 -10.00 ? 4  LYS A CG   1 
ATOM   63   C CD   . LYS A 1 4  ? 15.058  -22.725 -6.899  1.00 -10.00 ? 4  LYS A CD   1 
ATOM   64   C CE   . LYS A 1 4  ? 14.467  -23.355 -8.166  1.00 -10.00 ? 4  LYS A CE   1 
ATOM   65   N NZ   . LYS A 1 4  ? 13.035  -22.954 -8.304  1.00 -10.00 ? 4  LYS A NZ   1 
ATOM   66   H H    . LYS A 1 4  ? 17.506  -23.562 -9.181  1.00 0.00   ? 4  LYS A H    1 
ATOM   67   H HA   . LYS A 1 4  ? 16.956  -21.280 -9.262  1.00 -10.00 ? 4  LYS A HA   1 
ATOM   68   H HB2  . LYS A 1 4  ? 17.422  -22.009 -6.423  1.00 -10.00 ? 4  LYS A HB2  1 
ATOM   69   H HB3  . LYS A 1 4  ? 17.383  -20.281 -6.769  1.00 -10.00 ? 4  LYS A HB3  1 
ATOM   70   H HG2  . LYS A 1 4  ? 15.124  -20.615 -6.490  1.00 -10.00 ? 4  LYS A HG2  1 
ATOM   71   H HG3  . LYS A 1 4  ? 15.237  -21.027 -8.201  1.00 -10.00 ? 4  LYS A HG3  1 
ATOM   72   H HD2  . LYS A 1 4  ? 15.888  -23.326 -6.552  1.00 -10.00 ? 4  LYS A HD2  1 
ATOM   73   H HD3  . LYS A 1 4  ? 14.299  -22.686 -6.132  1.00 -10.00 ? 4  LYS A HD3  1 
ATOM   74   H HE2  . LYS A 1 4  ? 15.022  -23.013 -9.029  1.00 -10.00 ? 4  LYS A HE2  1 
ATOM   75   H HE3  . LYS A 1 4  ? 14.536  -24.431 -8.098  1.00 -10.00 ? 4  LYS A HE3  1 
ATOM   76   H HZ1  . LYS A 1 4  ? 12.473  -23.401 -7.554  1.00 -10.00 ? 4  LYS A HZ1  1 
ATOM   77   H HZ2  . LYS A 1 4  ? 12.679  -23.261 -9.234  1.00 -10.00 ? 4  LYS A HZ2  1 
ATOM   78   H HZ3  . LYS A 1 4  ? 12.953  -21.921 -8.226  1.00 -10.00 ? 4  LYS A HZ3  1 
ATOM   79   N N    . TRP A 1 5  ? 19.833  -21.057 -9.579  1.00 -10.00 ? 5  TRP A N    1 
ATOM   80   C CA   . TRP A 1 5  ? 21.076  -20.261 -9.833  1.00 -10.00 ? 5  TRP A CA   1 
ATOM   81   C C    . TRP A 1 5  ? 20.888  -19.362 -11.066 1.00 -10.00 ? 5  TRP A C    1 
ATOM   82   O O    . TRP A 1 5  ? 19.918  -19.482 -11.792 1.00 -10.00 ? 5  TRP A O    1 
ATOM   83   C CB   . TRP A 1 5  ? 22.252  -21.218 -10.078 1.00 -10.00 ? 5  TRP A CB   1 
ATOM   84   C CG   . TRP A 1 5  ? 22.688  -21.854 -8.789  1.00 -10.00 ? 5  TRP A CG   1 
ATOM   85   C CD1  . TRP A 1 5  ? 22.399  -21.392 -7.547  1.00 -10.00 ? 5  TRP A CD1  1 
ATOM   86   C CD2  . TRP A 1 5  ? 23.493  -23.056 -8.597  1.00 -10.00 ? 5  TRP A CD2  1 
ATOM   87   N NE1  . TRP A 1 5  ? 22.969  -22.237 -6.612  1.00 -10.00 ? 5  TRP A NE1  1 
ATOM   88   C CE2  . TRP A 1 5  ? 23.654  -23.276 -7.209  1.00 -10.00 ? 5  TRP A CE2  1 
ATOM   89   C CE3  . TRP A 1 5  ? 24.092  -23.969 -9.486  1.00 -10.00 ? 5  TRP A CE3  1 
ATOM   90   C CZ2  . TRP A 1 5  ? 24.382  -24.360 -6.720  1.00 -10.00 ? 5  TRP A CZ2  1 
ATOM   91   C CZ3  . TRP A 1 5  ? 24.825  -25.061 -8.996  1.00 -10.00 ? 5  TRP A CZ3  1 
ATOM   92   C CH2  . TRP A 1 5  ? 24.970  -25.257 -7.616  1.00 -10.00 ? 5  TRP A CH2  1 
ATOM   93   H H    . TRP A 1 5  ? 19.686  -21.894 -10.067 1.00 0.00   ? 5  TRP A H    1 
ATOM   94   H HA   . TRP A 1 5  ? 21.290  -19.645 -8.973  1.00 -10.00 ? 5  TRP A HA   1 
ATOM   95   H HB2  . TRP A 1 5  ? 21.947  -21.989 -10.770 1.00 -10.00 ? 5  TRP A HB2  1 
ATOM   96   H HB3  . TRP A 1 5  ? 23.080  -20.668 -10.502 1.00 -10.00 ? 5  TRP A HB3  1 
ATOM   97   H HD1  . TRP A 1 5  ? 21.814  -20.513 -7.325  1.00 -10.00 ? 5  TRP A HD1  1 
ATOM   98   H HE1  . TRP A 1 5  ? 22.905  -22.127 -5.641  1.00 -10.00 ? 5  TRP A HE1  1 
ATOM   99   H HE3  . TRP A 1 5  ? 23.986  -23.829 -10.551 1.00 -10.00 ? 5  TRP A HE3  1 
ATOM   100  H HZ2  . TRP A 1 5  ? 24.491  -24.506 -5.655  1.00 -10.00 ? 5  TRP A HZ2  1 
ATOM   101  H HZ3  . TRP A 1 5  ? 25.281  -25.756 -9.687  1.00 -10.00 ? 5  TRP A HZ3  1 
ATOM   102  H HH2  . TRP A 1 5  ? 25.535  -26.098 -7.245  1.00 -10.00 ? 5  TRP A HH2  1 
ATOM   103  N N    . SER A 1 6  ? 21.829  -18.470 -11.301 1.00 -10.00 ? 6  SER A N    1 
ATOM   104  C CA   . SER A 1 6  ? 21.761  -17.542 -12.480 1.00 -10.00 ? 6  SER A CA   1 
ATOM   105  C C    . SER A 1 6  ? 20.388  -16.844 -12.553 1.00 -10.00 ? 6  SER A C    1 
ATOM   106  O O    . SER A 1 6  ? 19.481  -17.290 -13.236 1.00 -10.00 ? 6  SER A O    1 
ATOM   107  C CB   . SER A 1 6  ? 22.009  -18.340 -13.765 1.00 -10.00 ? 6  SER A CB   1 
ATOM   108  O OG   . SER A 1 6  ? 22.711  -17.525 -14.695 1.00 -10.00 ? 6  SER A OG   1 
ATOM   109  H H    . SER A 1 6  ? 22.597  -18.413 -10.694 1.00 0.00   ? 6  SER A H    1 
ATOM   110  H HA   . SER A 1 6  ? 22.530  -16.790 -12.379 1.00 -10.00 ? 6  SER A HA   1 
ATOM   111  H HB2  . SER A 1 6  ? 22.601  -19.211 -13.540 1.00 -10.00 ? 6  SER A HB2  1 
ATOM   112  H HB3  . SER A 1 6  ? 21.061  -18.652 -14.185 1.00 -10.00 ? 6  SER A HB3  1 
ATOM   113  H HG   . SER A 1 6  ? 22.629  -17.927 -15.563 1.00 -10.00 ? 6  SER A HG   1 
ATOM   114  N N    . LYS A 1 7  ? 20.243  -15.740 -11.857 1.00 -10.00 ? 7  LYS A N    1 
ATOM   115  C CA   . LYS A 1 7  ? 18.948  -14.984 -11.878 1.00 -10.00 ? 7  LYS A CA   1 
ATOM   116  C C    . LYS A 1 7  ? 19.209  -13.507 -11.538 1.00 -10.00 ? 7  LYS A C    1 
ATOM   117  O O    . LYS A 1 7  ? 20.032  -13.190 -10.696 1.00 -10.00 ? 7  LYS A O    1 
ATOM   118  C CB   . LYS A 1 7  ? 17.973  -15.591 -10.857 1.00 -10.00 ? 7  LYS A CB   1 
ATOM   119  C CG   . LYS A 1 7  ? 18.642  -15.696 -9.482  1.00 -10.00 ? 7  LYS A CG   1 
ATOM   120  C CD   . LYS A 1 7  ? 17.604  -15.440 -8.383  1.00 -10.00 ? 7  LYS A CD   1 
ATOM   121  C CE   . LYS A 1 7  ? 16.660  -16.641 -8.272  1.00 -10.00 ? 7  LYS A CE   1 
ATOM   122  N NZ   . LYS A 1 7  ? 17.280  -17.689 -7.410  1.00 -10.00 ? 7  LYS A NZ   1 
ATOM   123  H H    . LYS A 1 7  ? 20.993  -15.400 -11.325 1.00 0.00   ? 7  LYS A H    1 
ATOM   124  H HA   . LYS A 1 7  ? 18.516  -15.049 -12.866 1.00 -10.00 ? 7  LYS A HA   1 
ATOM   125  H HB2  . LYS A 1 7  ? 17.097  -14.963 -10.783 1.00 -10.00 ? 7  LYS A HB2  1 
ATOM   126  H HB3  . LYS A 1 7  ? 17.678  -16.577 -11.187 1.00 -10.00 ? 7  LYS A HB3  1 
ATOM   127  H HG2  . LYS A 1 7  ? 19.061  -16.685 -9.360  1.00 -10.00 ? 7  LYS A HG2  1 
ATOM   128  H HG3  . LYS A 1 7  ? 19.430  -14.962 -9.406  1.00 -10.00 ? 7  LYS A HG3  1 
ATOM   129  H HD2  . LYS A 1 7  ? 18.110  -15.292 -7.439  1.00 -10.00 ? 7  LYS A HD2  1 
ATOM   130  H HD3  . LYS A 1 7  ? 17.034  -14.556 -8.626  1.00 -10.00 ? 7  LYS A HD3  1 
ATOM   131  H HE2  . LYS A 1 7  ? 15.724  -16.322 -7.836  1.00 -10.00 ? 7  LYS A HE2  1 
ATOM   132  H HE3  . LYS A 1 7  ? 16.476  -17.046 -9.258  1.00 -10.00 ? 7  LYS A HE3  1 
ATOM   133  H HZ1  . LYS A 1 7  ? 17.639  -17.255 -6.536  1.00 -10.00 ? 7  LYS A HZ1  1 
ATOM   134  H HZ2  . LYS A 1 7  ? 18.068  -18.142 -7.923  1.00 -10.00 ? 7  LYS A HZ2  1 
ATOM   135  H HZ3  . LYS A 1 7  ? 16.568  -18.406 -7.170  1.00 -10.00 ? 7  LYS A HZ3  1 
ATOM   136  N N    . SER A 1 8  ? 18.517  -12.602 -12.194 1.00 -10.00 ? 8  SER A N    1 
ATOM   137  C CA   . SER A 1 8  ? 18.724  -11.142 -11.920 1.00 -10.00 ? 8  SER A CA   1 
ATOM   138  C C    . SER A 1 8  ? 17.455  -10.348 -12.269 1.00 -10.00 ? 8  SER A C    1 
ATOM   139  O O    . SER A 1 8  ? 16.563  -10.843 -12.935 1.00 -10.00 ? 8  SER A O    1 
ATOM   140  C CB   . SER A 1 8  ? 19.892  -10.629 -12.767 1.00 -10.00 ? 8  SER A CB   1 
ATOM   141  O OG   . SER A 1 8  ? 20.602  -9.638  -12.033 1.00 -10.00 ? 8  SER A OG   1 
ATOM   142  H H    . SER A 1 8  ? 17.864  -12.882 -12.869 1.00 0.00   ? 8  SER A H    1 
ATOM   143  H HA   . SER A 1 8  ? 18.953  -11.003 -10.874 1.00 -10.00 ? 8  SER A HA   1 
ATOM   144  H HB2  . SER A 1 8  ? 20.558  -11.443 -12.998 1.00 -10.00 ? 8  SER A HB2  1 
ATOM   145  H HB3  . SER A 1 8  ? 19.510  -10.206 -13.687 1.00 -10.00 ? 8  SER A HB3  1 
ATOM   146  H HG   . SER A 1 8  ? 21.237  -10.085 -11.467 1.00 -10.00 ? 8  SER A HG   1 
ATOM   147  N N    . SER A 1 9  ? 17.378  -9.114  -11.824 1.00 -10.00 ? 9  SER A N    1 
ATOM   148  C CA   . SER A 1 9  ? 16.179  -8.263  -12.120 1.00 -10.00 ? 9  SER A CA   1 
ATOM   149  C C    . SER A 1 9  ? 16.615  -6.980  -12.852 1.00 -10.00 ? 9  SER A C    1 
ATOM   150  O O    . SER A 1 9  ? 17.787  -6.778  -13.123 1.00 -10.00 ? 9  SER A O    1 
ATOM   151  C CB   . SER A 1 9  ? 15.476  -7.898  -10.807 1.00 -10.00 ? 9  SER A CB   1 
ATOM   152  O OG   . SER A 1 9  ? 16.366  -7.159  -9.976  1.00 -10.00 ? 9  SER A OG   1 
ATOM   153  H H    . SER A 1 9  ? 18.115  -8.743  -11.293 1.00 0.00   ? 9  SER A H    1 
ATOM   154  H HA   . SER A 1 9  ? 15.497  -8.816  -12.749 1.00 -10.00 ? 9  SER A HA   1 
ATOM   155  H HB2  . SER A 1 9  ? 14.606  -7.298  -11.016 1.00 -10.00 ? 9  SER A HB2  1 
ATOM   156  H HB3  . SER A 1 9  ? 15.169  -8.806  -10.303 1.00 -10.00 ? 9  SER A HB3  1 
ATOM   157  H HG   . SER A 1 9  ? 16.089  -6.239  -9.987  1.00 -10.00 ? 9  SER A HG   1 
ATOM   158  N N    . VAL A 1 10 ? 15.679  -6.116  -13.179 1.00 -10.00 ? 10 VAL A N    1 
ATOM   159  C CA   . VAL A 1 10 ? 16.034  -4.850  -13.900 1.00 -10.00 ? 10 VAL A CA   1 
ATOM   160  C C    . VAL A 1 10 ? 14.966  -3.768  -13.640 1.00 -10.00 ? 10 VAL A C    1 
ATOM   161  O O    . VAL A 1 10 ? 13.933  -4.036  -13.058 1.00 -10.00 ? 10 VAL A O    1 
ATOM   162  C CB   . VAL A 1 10 ? 16.137  -5.148  -15.407 1.00 -10.00 ? 10 VAL A CB   1 
ATOM   163  C CG1  . VAL A 1 10 ? 14.746  -5.130  -16.050 1.00 -10.00 ? 10 VAL A CG1  1 
ATOM   164  C CG2  . VAL A 1 10 ? 17.024  -4.098  -16.083 1.00 -10.00 ? 10 VAL A CG2  1 
ATOM   165  H H    . VAL A 1 10 ? 14.743  -6.302  -12.957 1.00 0.00   ? 10 VAL A H    1 
ATOM   166  H HA   . VAL A 1 10 ? 16.989  -4.495  -13.542 1.00 -10.00 ? 10 VAL A HA   1 
ATOM   167  H HB   . VAL A 1 10 ? 16.576  -6.125  -15.542 1.00 -10.00 ? 10 VAL A HB   1 
ATOM   168  H HG11 . VAL A 1 10 ? 14.026  -5.550  -15.363 1.00 0.00   ? 10 VAL A HG11 1 
ATOM   169  H HG12 . VAL A 1 10 ? 14.762  -5.716  -16.957 1.00 0.00   ? 10 VAL A HG12 1 
ATOM   170  H HG13 . VAL A 1 10 ? 14.470  -4.112  -16.283 1.00 0.00   ? 10 VAL A HG13 1 
ATOM   171  H HG21 . VAL A 1 10 ? 17.783  -3.768  -15.390 1.00 0.00   ? 10 VAL A HG21 1 
ATOM   172  H HG22 . VAL A 1 10 ? 16.420  -3.256  -16.385 1.00 0.00   ? 10 VAL A HG22 1 
ATOM   173  H HG23 . VAL A 1 10 ? 17.496  -4.532  -16.953 1.00 0.00   ? 10 VAL A HG23 1 
ATOM   174  N N    . VAL A 1 11 ? 15.226  -2.554  -14.090 1.00 -10.00 ? 11 VAL A N    1 
ATOM   175  C CA   . VAL A 1 11 ? 14.272  -1.400  -13.915 1.00 -10.00 ? 11 VAL A CA   1 
ATOM   176  C C    . VAL A 1 11 ? 13.949  -1.130  -12.431 1.00 -10.00 ? 11 VAL A C    1 
ATOM   177  O O    . VAL A 1 11 ? 14.036  -1.998  -11.579 1.00 -10.00 ? 11 VAL A O    1 
ATOM   178  C CB   . VAL A 1 11 ? 12.979  -1.664  -14.720 1.00 -10.00 ? 11 VAL A CB   1 
ATOM   179  C CG1  . VAL A 1 11 ? 11.870  -2.237  -13.824 1.00 -10.00 ? 11 VAL A CG1  1 
ATOM   180  C CG2  . VAL A 1 11 ? 12.493  -0.348  -15.337 1.00 -10.00 ? 11 VAL A CG2  1 
ATOM   181  H H    . VAL A 1 11 ? 16.072  -2.397  -14.558 1.00 0.00   ? 11 VAL A H    1 
ATOM   182  H HA   . VAL A 1 11 ? 14.744  -0.515  -14.318 1.00 -10.00 ? 11 VAL A HA   1 
ATOM   183  H HB   . VAL A 1 11 ? 13.192  -2.367  -15.511 1.00 -10.00 ? 11 VAL A HB   1 
ATOM   184  H HG11 . VAL A 1 11 ? 11.813  -1.673  -12.906 1.00 0.00   ? 11 VAL A HG11 1 
ATOM   185  H HG12 . VAL A 1 11 ? 12.083  -3.270  -13.600 1.00 0.00   ? 11 VAL A HG12 1 
ATOM   186  H HG13 . VAL A 1 11 ? 10.924  -2.173  -14.342 1.00 0.00   ? 11 VAL A HG13 1 
ATOM   187  H HG21 . VAL A 1 11 ? 13.336  0.194   -15.737 1.00 0.00   ? 11 VAL A HG21 1 
ATOM   188  H HG22 . VAL A 1 11 ? 12.008  0.248   -14.578 1.00 0.00   ? 11 VAL A HG22 1 
ATOM   189  H HG23 . VAL A 1 11 ? 11.792  -0.561  -16.130 1.00 0.00   ? 11 VAL A HG23 1 
ATOM   190  N N    . GLY A 1 12 ? 13.579  0.094   -12.128 1.00 -10.00 ? 12 GLY A N    1 
ATOM   191  C CA   . GLY A 1 12 ? 13.243  0.475   -10.719 1.00 -10.00 ? 12 GLY A CA   1 
ATOM   192  C C    . GLY A 1 12 ? 12.309  1.695   -10.716 1.00 -10.00 ? 12 GLY A C    1 
ATOM   193  O O    . GLY A 1 12 ? 11.964  2.229   -11.756 1.00 -10.00 ? 12 GLY A O    1 
ATOM   194  H H    . GLY A 1 12 ? 13.523  0.768   -12.838 1.00 0.00   ? 12 GLY A H    1 
ATOM   195  H HA2  . GLY A 1 12 ? 12.751  -0.354  -10.230 1.00 -10.00 ? 12 GLY A HA2  1 
ATOM   196  H HA3  . GLY A 1 12 ? 14.149  0.720   -10.187 1.00 0.00   ? 12 GLY A HA3  1 
ATOM   197  N N    . TRP A 1 13 ? 11.900  2.139   -9.549  1.00 -10.00 ? 13 TRP A N    1 
ATOM   198  C CA   . TRP A 1 13 ? 10.987  3.326   -9.462  1.00 -10.00 ? 13 TRP A CA   1 
ATOM   199  C C    . TRP A 1 13 ? 11.072  3.947   -8.052  1.00 -10.00 ? 13 TRP A C    1 
ATOM   200  O O    . TRP A 1 13 ? 10.229  3.695   -7.209  1.00 -10.00 ? 13 TRP A O    1 
ATOM   201  C CB   . TRP A 1 13 ? 9.535   2.904   -9.769  1.00 -10.00 ? 13 TRP A CB   1 
ATOM   202  C CG   . TRP A 1 13 ? 9.299   1.479   -9.360  1.00 -10.00 ? 13 TRP A CG   1 
ATOM   203  C CD1  . TRP A 1 13 ? 9.100   1.054   -8.090  1.00 -10.00 ? 13 TRP A CD1  1 
ATOM   204  C CD2  . TRP A 1 13 ? 9.232   0.292   -10.202 1.00 -10.00 ? 13 TRP A CD2  1 
ATOM   205  N NE1  . TRP A 1 13 ? 8.918   -0.317  -8.100  1.00 -10.00 ? 13 TRP A NE1  1 
ATOM   206  C CE2  . TRP A 1 13 ? 8.990   -0.832  -9.378  1.00 -10.00 ? 13 TRP A CE2  1 
ATOM   207  C CE3  . TRP A 1 13 ? 9.357   0.084   -11.588 1.00 -10.00 ? 13 TRP A CE3  1 
ATOM   208  C CZ2  . TRP A 1 13 ? 8.876   -2.118  -9.910  1.00 -10.00 ? 13 TRP A CZ2  1 
ATOM   209  C CZ3  . TRP A 1 13 ? 9.242   -1.207  -12.126 1.00 -10.00 ? 13 TRP A CZ3  1 
ATOM   210  C CH2  . TRP A 1 13 ? 9.002   -2.307  -11.288 1.00 -10.00 ? 13 TRP A CH2  1 
ATOM   211  H H    . TRP A 1 13 ? 12.194  1.689   -8.729  1.00 0.00   ? 13 TRP A H    1 
ATOM   212  H HA   . TRP A 1 13 ? 11.301  4.063   -10.188 1.00 -10.00 ? 13 TRP A HA   1 
ATOM   213  H HB2  . TRP A 1 13 ? 8.855   3.545   -9.228  1.00 -10.00 ? 13 TRP A HB2  1 
ATOM   214  H HB3  . TRP A 1 13 ? 9.351   3.006   -10.828 1.00 -10.00 ? 13 TRP A HB3  1 
ATOM   215  H HD1  . TRP A 1 13 ? 9.087   1.684   -7.213  1.00 -10.00 ? 13 TRP A HD1  1 
ATOM   216  H HE1  . TRP A 1 13 ? 8.756   -0.871  -7.310  1.00 -10.00 ? 13 TRP A HE1  1 
ATOM   217  H HE3  . TRP A 1 13 ? 9.543   0.923   -12.241 1.00 -10.00 ? 13 TRP A HE3  1 
ATOM   218  H HZ2  . TRP A 1 13 ? 8.690   -2.960  -9.259  1.00 -10.00 ? 13 TRP A HZ2  1 
ATOM   219  H HZ3  . TRP A 1 13 ? 9.340   -1.356  -13.191 1.00 -10.00 ? 13 TRP A HZ3  1 
ATOM   220  H HH2  . TRP A 1 13 ? 8.914   -3.298  -11.708 1.00 -10.00 ? 13 TRP A HH2  1 
ATOM   221  N N    . PRO A 1 14 ? 12.099  4.746   -7.840  1.00 -10.00 ? 14 PRO A N    1 
ATOM   222  C CA   . PRO A 1 14 ? 12.340  5.426   -6.546  1.00 -10.00 ? 14 PRO A CA   1 
ATOM   223  C C    . PRO A 1 14 ? 11.468  6.693   -6.408  1.00 -10.00 ? 14 PRO A C    1 
ATOM   224  O O    . PRO A 1 14 ? 11.942  7.736   -5.994  1.00 -10.00 ? 14 PRO A O    1 
ATOM   225  C CB   . PRO A 1 14 ? 13.830  5.790   -6.614  1.00 -10.00 ? 14 PRO A CB   1 
ATOM   226  C CG   . PRO A 1 14 ? 14.202  5.835   -8.116  1.00 -10.00 ? 14 PRO A CG   1 
ATOM   227  C CD   . PRO A 1 14 ? 13.120  5.038   -8.868  1.00 -10.00 ? 14 PRO A CD   1 
ATOM   228  H HA   . PRO A 1 14 ? 12.165  4.752   -5.723  1.00 -10.00 ? 14 PRO A HA   1 
ATOM   229  H HB2  . PRO A 1 14 ? 13.996  6.757   -6.158  1.00 -10.00 ? 14 PRO A HB2  1 
ATOM   230  H HB3  . PRO A 1 14 ? 14.419  5.038   -6.116  1.00 -10.00 ? 14 PRO A HB3  1 
ATOM   231  H HG2  . PRO A 1 14 ? 14.219  6.860   -8.462  1.00 -10.00 ? 14 PRO A HG2  1 
ATOM   232  H HG3  . PRO A 1 14 ? 15.166  5.376   -8.273  1.00 -10.00 ? 14 PRO A HG3  1 
ATOM   233  H HD2  . PRO A 1 14 ? 12.698  5.637   -9.664  1.00 -10.00 ? 14 PRO A HD2  1 
ATOM   234  H HD3  . PRO A 1 14 ? 13.529  4.120   -9.259  1.00 -10.00 ? 14 PRO A HD3  1 
ATOM   235  N N    . ALA A 1 15 ? 10.200  6.608   -6.744  1.00 -10.00 ? 15 ALA A N    1 
ATOM   236  C CA   . ALA A 1 15 ? 9.300   7.801   -6.631  1.00 -10.00 ? 15 ALA A CA   1 
ATOM   237  C C    . ALA A 1 15 ? 8.964   8.061   -5.156  1.00 -10.00 ? 15 ALA A C    1 
ATOM   238  O O    . ALA A 1 15 ? 9.086   9.173   -4.671  1.00 -10.00 ? 15 ALA A O    1 
ATOM   239  C CB   . ALA A 1 15 ? 8.010   7.544   -7.414  1.00 -10.00 ? 15 ALA A CB   1 
ATOM   240  H H    . ALA A 1 15 ? 9.838   5.758   -7.068  1.00 0.00   ? 15 ALA A H    1 
ATOM   241  H HA   . ALA A 1 15 ? 9.801   8.666   -7.040  1.00 -10.00 ? 15 ALA A HA   1 
ATOM   242  H HB1  . ALA A 1 15 ? 8.204   7.649   -8.472  1.00 -10.00 ? 15 ALA A HB1  1 
ATOM   243  H HB2  . ALA A 1 15 ? 7.258   8.258   -7.115  1.00 -10.00 ? 15 ALA A HB2  1 
ATOM   244  H HB3  . ALA A 1 15 ? 7.657   6.544   -7.211  1.00 -10.00 ? 15 ALA A HB3  1 
ATOM   245  N N    . VAL A 1 16 ? 8.547   7.038   -4.441  1.00 -10.00 ? 16 VAL A N    1 
ATOM   246  C CA   . VAL A 1 16 ? 8.202   7.201   -2.989  1.00 -10.00 ? 16 VAL A CA   1 
ATOM   247  C C    . VAL A 1 16 ? 9.419   7.746   -2.224  1.00 -10.00 ? 16 VAL A C    1 
ATOM   248  O O    . VAL A 1 16 ? 9.274   8.476   -1.261  1.00 -10.00 ? 16 VAL A O    1 
ATOM   249  C CB   . VAL A 1 16 ? 7.790   5.844   -2.400  1.00 -10.00 ? 16 VAL A CB   1 
ATOM   250  C CG1  . VAL A 1 16 ? 7.353   6.025   -0.944  1.00 -10.00 ? 16 VAL A CG1  1 
ATOM   251  C CG2  . VAL A 1 16 ? 6.623   5.265   -3.206  1.00 -10.00 ? 16 VAL A CG2  1 
ATOM   252  H H    . VAL A 1 16 ? 8.465   6.157   -4.862  1.00 0.00   ? 16 VAL A H    1 
ATOM   253  H HA   . VAL A 1 16 ? 7.381   7.897   -2.893  1.00 -10.00 ? 16 VAL A HA   1 
ATOM   254  H HB   . VAL A 1 16 ? 8.630   5.164   -2.441  1.00 -10.00 ? 16 VAL A HB   1 
ATOM   255  H HG11 . VAL A 1 16 ? 6.749   5.182   -0.642  1.00 0.00   ? 16 VAL A HG11 1 
ATOM   256  H HG12 . VAL A 1 16 ? 6.775   6.933   -0.852  1.00 0.00   ? 16 VAL A HG12 1 
ATOM   257  H HG13 . VAL A 1 16 ? 8.225   6.088   -0.310  1.00 0.00   ? 16 VAL A HG13 1 
ATOM   258  H HG21 . VAL A 1 16 ? 6.997   4.832   -4.121  1.00 0.00   ? 16 VAL A HG21 1 
ATOM   259  H HG22 . VAL A 1 16 ? 5.922   6.053   -3.440  1.00 0.00   ? 16 VAL A HG22 1 
ATOM   260  H HG23 . VAL A 1 16 ? 6.127   4.503   -2.623  1.00 0.00   ? 16 VAL A HG23 1 
ATOM   261  N N    . ARG A 1 17 ? 10.611  7.391   -2.656  1.00 -10.00 ? 17 ARG A N    1 
ATOM   262  C CA   . ARG A 1 17 ? 11.865  7.869   -1.984  1.00 -10.00 ? 17 ARG A CA   1 
ATOM   263  C C    . ARG A 1 17 ? 11.799  9.386   -1.724  1.00 -10.00 ? 17 ARG A C    1 
ATOM   264  O O    . ARG A 1 17 ? 12.294  9.869   -0.719  1.00 -10.00 ? 17 ARG A O    1 
ATOM   265  C CB   . ARG A 1 17 ? 13.057  7.547   -2.898  1.00 -10.00 ? 17 ARG A CB   1 
ATOM   266  C CG   . ARG A 1 17 ? 14.343  8.167   -2.339  1.00 -10.00 ? 17 ARG A CG   1 
ATOM   267  C CD   . ARG A 1 17 ? 15.154  8.773   -3.487  1.00 -10.00 ? 17 ARG A CD   1 
ATOM   268  N NE   . ARG A 1 17 ? 14.404  9.923   -4.075  1.00 -10.00 ? 17 ARG A NE   1 
ATOM   269  C CZ   . ARG A 1 17 ? 14.888  11.128  -3.991  1.00 -10.00 ? 17 ARG A CZ   1 
ATOM   270  N NH1  . ARG A 1 17 ? 14.765  11.801  -2.882  1.00 -10.00 ? 17 ARG A NH1  1 
ATOM   271  N NH2  . ARG A 1 17 ? 15.486  11.662  -5.020  1.00 -10.00 ? 17 ARG A NH2  1 
ATOM   272  H H    . ARG A 1 17 ? 10.682  6.802   -3.436  1.00 0.00   ? 17 ARG A H    1 
ATOM   273  H HA   . ARG A 1 17 ? 11.988  7.351   -1.046  1.00 -10.00 ? 17 ARG A HA   1 
ATOM   274  H HB2  . ARG A 1 17 ? 13.176  6.476   -2.965  1.00 -10.00 ? 17 ARG A HB2  1 
ATOM   275  H HB3  . ARG A 1 17 ? 12.867  7.947   -3.883  1.00 -10.00 ? 17 ARG A HB3  1 
ATOM   276  H HG2  . ARG A 1 17 ? 14.095  8.939   -1.625  1.00 -10.00 ? 17 ARG A HG2  1 
ATOM   277  H HG3  . ARG A 1 17 ? 14.929  7.401   -1.853  1.00 -10.00 ? 17 ARG A HG3  1 
ATOM   278  H HD2  . ARG A 1 17 ? 16.106  9.117   -3.112  1.00 -10.00 ? 17 ARG A HD2  1 
ATOM   279  H HD3  . ARG A 1 17 ? 15.317  8.022   -4.247  1.00 -10.00 ? 17 ARG A HD3  1 
ATOM   280  H HE   . ARG A 1 17 ? 13.545  9.772   -4.530  1.00 -10.00 ? 17 ARG A HE   1 
ATOM   281  H HH11 . ARG A 1 17 ? 14.298  11.391  -2.098  1.00 0.00   ? 17 ARG A HH11 1 
ATOM   282  H HH12 . ARG A 1 17 ? 15.138  12.725  -2.813  1.00 0.00   ? 17 ARG A HH12 1 
ATOM   283  H HH21 . ARG A 1 17 ? 15.570  11.144  -5.871  1.00 0.00   ? 17 ARG A HH21 1 
ATOM   284  H HH22 . ARG A 1 17 ? 15.862  12.586  -4.957  1.00 0.00   ? 17 ARG A HH22 1 
ATOM   285  N N    . GLU A 1 18 ? 11.201  10.137  -2.619  1.00 -10.00 ? 18 GLU A N    1 
ATOM   286  C CA   . GLU A 1 18 ? 11.111  11.620  -2.433  1.00 -10.00 ? 18 GLU A CA   1 
ATOM   287  C C    . GLU A 1 18 ? 10.198  11.965  -1.243  1.00 -10.00 ? 18 GLU A C    1 
ATOM   288  O O    . GLU A 1 18 ? 10.621  12.620  -0.308  1.00 -10.00 ? 18 GLU A O    1 
ATOM   289  C CB   . GLU A 1 18 ? 10.548  12.258  -3.708  1.00 -10.00 ? 18 GLU A CB   1 
ATOM   290  C CG   . GLU A 1 18 ? 11.686  12.520  -4.701  1.00 -10.00 ? 18 GLU A CG   1 
ATOM   291  C CD   . GLU A 1 18 ? 11.575  11.552  -5.885  1.00 -10.00 ? 18 GLU A CD   1 
ATOM   292  O OE1  . GLU A 1 18 ? 10.764  11.804  -6.763  1.00 -10.00 ? 18 GLU A OE1  1 
ATOM   293  O OE2  . GLU A 1 18 ? 12.306  10.576  -5.894  1.00 -10.00 ? 18 GLU A OE2  1 
ATOM   294  H H    . GLU A 1 18 ? 10.817  9.725   -3.422  1.00 0.00   ? 18 GLU A H    1 
ATOM   295  H HA   . GLU A 1 18 ? 12.097  12.015  -2.245  1.00 -10.00 ? 18 GLU A HA   1 
ATOM   296  H HB2  . GLU A 1 18 ? 9.828   11.589  -4.156  1.00 -10.00 ? 18 GLU A HB2  1 
ATOM   297  H HB3  . GLU A 1 18 ? 10.067  13.193  -3.463  1.00 -10.00 ? 18 GLU A HB3  1 
ATOM   298  H HG2  . GLU A 1 18 ? 11.621  13.538  -5.058  1.00 -10.00 ? 18 GLU A HG2  1 
ATOM   299  H HG3  . GLU A 1 18 ? 12.636  12.373  -4.207  1.00 -10.00 ? 18 GLU A HG3  1 
ATOM   300  N N    . ARG A 1 19 ? 8.952   11.546  -1.278  1.00 -10.00 ? 19 ARG A N    1 
ATOM   301  C CA   . ARG A 1 19 ? 8.010   11.872  -0.154  1.00 -10.00 ? 19 ARG A CA   1 
ATOM   302  C C    . ARG A 1 19 ? 8.382   11.100  1.125   1.00 -10.00 ? 19 ARG A C    1 
ATOM   303  O O    . ARG A 1 19 ? 8.192   11.592  2.223   1.00 -10.00 ? 19 ARG A O    1 
ATOM   304  C CB   . ARG A 1 19 ? 6.564   11.547  -0.566  1.00 -10.00 ? 19 ARG A CB   1 
ATOM   305  C CG   . ARG A 1 19 ? 6.375   10.034  -0.742  1.00 -10.00 ? 19 ARG A CG   1 
ATOM   306  C CD   . ARG A 1 19 ? 5.223   9.552   0.147   1.00 -10.00 ? 19 ARG A CD   1 
ATOM   307  N NE   . ARG A 1 19 ? 5.746   9.194   1.500   1.00 -10.00 ? 19 ARG A NE   1 
ATOM   308  C CZ   . ARG A 1 19 ? 5.210   9.714   2.570   1.00 -10.00 ? 19 ARG A CZ   1 
ATOM   309  N NH1  . ARG A 1 19 ? 4.024   9.333   2.954   1.00 -10.00 ? 19 ARG A NH1  1 
ATOM   310  N NH2  . ARG A 1 19 ? 5.863   10.608  3.258   1.00 -10.00 ? 19 ARG A NH2  1 
ATOM   311  H H    . ARG A 1 19 ? 8.633   11.031  -2.048  1.00 0.00   ? 19 ARG A H    1 
ATOM   312  H HA   . ARG A 1 19 ? 8.078   12.930  0.055   1.00 -10.00 ? 19 ARG A HA   1 
ATOM   313  H HB2  . ARG A 1 19 ? 5.888   11.905  0.197   1.00 -10.00 ? 19 ARG A HB2  1 
ATOM   314  H HB3  . ARG A 1 19 ? 6.341   12.043  -1.499  1.00 -10.00 ? 19 ARG A HB3  1 
ATOM   315  H HG2  . ARG A 1 19 ? 6.146   9.819   -1.775  1.00 -10.00 ? 19 ARG A HG2  1 
ATOM   316  H HG3  . ARG A 1 19 ? 7.280   9.520   -0.463  1.00 -10.00 ? 19 ARG A HG3  1 
ATOM   317  H HD2  . ARG A 1 19 ? 4.487   10.338  0.240   1.00 -10.00 ? 19 ARG A HD2  1 
ATOM   318  H HD3  . ARG A 1 19 ? 4.765   8.683   -0.302  1.00 -10.00 ? 19 ARG A HD3  1 
ATOM   319  H HE   . ARG A 1 19 ? 6.495   8.568   1.585   1.00 -10.00 ? 19 ARG A HE   1 
ATOM   320  H HH11 . ARG A 1 19 ? 3.527   8.642   2.430   1.00 0.00   ? 19 ARG A HH11 1 
ATOM   321  H HH12 . ARG A 1 19 ? 3.611   9.733   3.771   1.00 0.00   ? 19 ARG A HH12 1 
ATOM   322  H HH21 . ARG A 1 19 ? 6.776   10.893  2.967   1.00 0.00   ? 19 ARG A HH21 1 
ATOM   323  H HH22 . ARG A 1 19 ? 5.452   11.011  4.078   1.00 0.00   ? 19 ARG A HH22 1 
ATOM   324  N N    . MET A 1 20 ? 8.900   9.900   0.996   1.00 -10.00 ? 20 MET A N    1 
ATOM   325  C CA   . MET A 1 20 ? 9.277   9.099   2.206   1.00 -10.00 ? 20 MET A CA   1 
ATOM   326  C C    . MET A 1 20 ? 10.537  9.686   2.872   1.00 -10.00 ? 20 MET A C    1 
ATOM   327  O O    . MET A 1 20 ? 10.833  9.373   4.010   1.00 -10.00 ? 20 MET A O    1 
ATOM   328  C CB   . MET A 1 20 ? 9.515   7.633   1.806   1.00 -10.00 ? 20 MET A CB   1 
ATOM   329  C CG   . MET A 1 20 ? 10.879  7.475   1.124   1.00 -10.00 ? 20 MET A CG   1 
ATOM   330  S SD   . MET A 1 20 ? 12.034  6.669   2.261   1.00 -10.00 ? 20 MET A SD   1 
ATOM   331  C CE   . MET A 1 20 ? 13.470  7.718   1.919   1.00 -10.00 ? 20 MET A CE   1 
ATOM   332  H H    . MET A 1 20 ? 9.042   9.522   0.101   1.00 0.00   ? 20 MET A H    1 
ATOM   333  H HA   . MET A 1 20 ? 8.464   9.139   2.915   1.00 -10.00 ? 20 MET A HA   1 
ATOM   334  H HB2  . MET A 1 20 ? 9.484   7.012   2.689   1.00 -10.00 ? 20 MET A HB2  1 
ATOM   335  H HB3  . MET A 1 20 ? 8.739   7.320   1.123   1.00 -10.00 ? 20 MET A HB3  1 
ATOM   336  H HG2  . MET A 1 20 ? 10.768  6.870   0.237   1.00 -10.00 ? 20 MET A HG2  1 
ATOM   337  H HG3  . MET A 1 20 ? 11.262  8.446   0.850   1.00 -10.00 ? 20 MET A HG3  1 
ATOM   338  H HE1  . MET A 1 20 ? 13.314  8.251   0.992   1.00 -10.00 ? 20 MET A HE1  1 
ATOM   339  H HE2  . MET A 1 20 ? 14.352  7.105   1.834   1.00 -10.00 ? 20 MET A HE2  1 
ATOM   340  H HE3  . MET A 1 20 ? 13.600  8.422   2.730   1.00 -10.00 ? 20 MET A HE3  1 
ATOM   341  N N    . ARG A 1 21 ? 11.282  10.519  2.168   1.00 -10.00 ? 21 ARG A N    1 
ATOM   342  C CA   . ARG A 1 21 ? 12.529  11.123  2.747   1.00 -10.00 ? 21 ARG A CA   1 
ATOM   343  C C    . ARG A 1 21 ? 12.271  11.625  4.177   1.00 -10.00 ? 21 ARG A C    1 
ATOM   344  O O    . ARG A 1 21 ? 12.884  11.153  5.118   1.00 -10.00 ? 21 ARG A O    1 
ATOM   345  C CB   . ARG A 1 21 ? 12.982  12.291  1.860   1.00 -10.00 ? 21 ARG A CB   1 
ATOM   346  C CG   . ARG A 1 21 ? 14.394  12.734  2.262   1.00 -10.00 ? 21 ARG A CG   1 
ATOM   347  C CD   . ARG A 1 21 ? 14.311  13.986  3.141   1.00 -10.00 ? 21 ARG A CD   1 
ATOM   348  N NE   . ARG A 1 21 ? 13.872  15.152  2.316   1.00 -10.00 ? 21 ARG A NE   1 
ATOM   349  C CZ   . ARG A 1 21 ? 13.233  16.144  2.872   1.00 -10.00 ? 21 ARG A CZ   1 
ATOM   350  N NH1  . ARG A 1 21 ? 13.898  17.089  3.476   1.00 -10.00 ? 21 ARG A NH1  1 
ATOM   351  N NH2  . ARG A 1 21 ? 11.931  16.192  2.819   1.00 -10.00 ? 21 ARG A NH2  1 
ATOM   352  H H    . ARG A 1 21 ? 11.023  10.745  1.250   1.00 0.00   ? 21 ARG A H    1 
ATOM   353  H HA   . ARG A 1 21 ? 13.307  10.374  2.769   1.00 -10.00 ? 21 ARG A HA   1 
ATOM   354  H HB2  . ARG A 1 21 ? 12.986  11.976  0.826   1.00 -10.00 ? 21 ARG A HB2  1 
ATOM   355  H HB3  . ARG A 1 21 ? 12.300  13.120  1.978   1.00 -10.00 ? 21 ARG A HB3  1 
ATOM   356  H HG2  . ARG A 1 21 ? 14.877  11.938  2.812   1.00 -10.00 ? 21 ARG A HG2  1 
ATOM   357  H HG3  . ARG A 1 21 ? 14.968  12.956  1.375   1.00 -10.00 ? 21 ARG A HG3  1 
ATOM   358  H HD2  . ARG A 1 21 ? 13.599  13.820  3.937   1.00 -10.00 ? 21 ARG A HD2  1 
ATOM   359  H HD3  . ARG A 1 21 ? 15.283  14.192  3.566   1.00 -10.00 ? 21 ARG A HD3  1 
ATOM   360  H HE   . ARG A 1 21 ? 14.064  15.173  1.355   1.00 -10.00 ? 21 ARG A HE   1 
ATOM   361  H HH11 . ARG A 1 21 ? 14.897  17.052  3.510   1.00 0.00   ? 21 ARG A HH11 1 
ATOM   362  H HH12 . ARG A 1 21 ? 13.412  17.850  3.903   1.00 0.00   ? 21 ARG A HH12 1 
ATOM   363  H HH21 . ARG A 1 21 ? 11.423  15.469  2.349   1.00 0.00   ? 21 ARG A HH21 1 
ATOM   364  H HH22 . ARG A 1 21 ? 11.437  16.949  3.246   1.00 0.00   ? 21 ARG A HH22 1 
ATOM   365  N N    . ARG A 1 22 ? 11.371  12.568  4.353   1.00 -10.00 ? 22 ARG A N    1 
ATOM   366  C CA   . ARG A 1 22 ? 11.080  13.079  5.729   1.00 -10.00 ? 22 ARG A CA   1 
ATOM   367  C C    . ARG A 1 22 ? 9.998   12.203  6.381   1.00 -10.00 ? 22 ARG A C    1 
ATOM   368  O O    . ARG A 1 22 ? 10.301  11.373  7.217   1.00 -10.00 ? 22 ARG A O    1 
ATOM   369  C CB   . ARG A 1 22 ? 10.611  14.539  5.655   1.00 -10.00 ? 22 ARG A CB   1 
ATOM   370  C CG   . ARG A 1 22 ? 11.678  15.452  6.271   1.00 -10.00 ? 22 ARG A CG   1 
ATOM   371  C CD   . ARG A 1 22 ? 11.442  15.570  7.781   1.00 -10.00 ? 22 ARG A CD   1 
ATOM   372  N NE   . ARG A 1 22 ? 12.640  16.181  8.429   1.00 -10.00 ? 22 ARG A NE   1 
ATOM   373  C CZ   . ARG A 1 22 ? 12.966  15.848  9.646   1.00 -10.00 ? 22 ARG A CZ   1 
ATOM   374  N NH1  . ARG A 1 22 ? 13.744  14.821  9.852   1.00 -10.00 ? 22 ARG A NH1  1 
ATOM   375  N NH2  . ARG A 1 22 ? 12.516  16.540  10.655  1.00 -10.00 ? 22 ARG A NH2  1 
ATOM   376  H H    . ARG A 1 22 ? 10.885  12.928  3.582   1.00 0.00   ? 22 ARG A H    1 
ATOM   377  H HA   . ARG A 1 22 ? 11.980  13.023  6.324   1.00 -10.00 ? 22 ARG A HA   1 
ATOM   378  H HB2  . ARG A 1 22 ? 10.453  14.817  4.623   1.00 -10.00 ? 22 ARG A HB2  1 
ATOM   379  H HB3  . ARG A 1 22 ? 9.688   14.652  6.203   1.00 -10.00 ? 22 ARG A HB3  1 
ATOM   380  H HG2  . ARG A 1 22 ? 12.658  15.033  6.092   1.00 -10.00 ? 22 ARG A HG2  1 
ATOM   381  H HG3  . ARG A 1 22 ? 11.617  16.432  5.823   1.00 -10.00 ? 22 ARG A HG3  1 
ATOM   382  H HD2  . ARG A 1 22 ? 10.576  16.192  7.961   1.00 -10.00 ? 22 ARG A HD2  1 
ATOM   383  H HD3  . ARG A 1 22 ? 11.270  14.587  8.195   1.00 -10.00 ? 22 ARG A HD3  1 
ATOM   384  H HE   . ARG A 1 22 ? 13.180  16.837  7.941   1.00 -10.00 ? 22 ARG A HE   1 
ATOM   385  H HH11 . ARG A 1 22 ? 14.089  14.293  9.077   1.00 0.00   ? 22 ARG A HH11 1 
ATOM   386  H HH12 . ARG A 1 22 ? 13.996  14.563  10.785  1.00 0.00   ? 22 ARG A HH12 1 
ATOM   387  H HH21 . ARG A 1 22 ? 11.920  17.326  10.494  1.00 0.00   ? 22 ARG A HH21 1 
ATOM   388  H HH22 . ARG A 1 22 ? 12.765  16.286  11.589  1.00 0.00   ? 22 ARG A HH22 1 
ATOM   389  N N    . ALA A 1 23 ? 8.750   12.379  5.984   1.00 -10.00 ? 23 ALA A N    1 
ATOM   390  C CA   . ALA A 1 23 ? 7.615   11.566  6.547   1.00 -10.00 ? 23 ALA A CA   1 
ATOM   391  C C    . ALA A 1 23 ? 6.302   12.352  6.388   1.00 -10.00 ? 23 ALA A C    1 
ATOM   392  O O    . ALA A 1 23 ? 5.570   12.159  5.432   1.00 -10.00 ? 23 ALA A O    1 
ATOM   393  C CB   . ALA A 1 23 ? 7.847   11.254  8.034   1.00 -10.00 ? 23 ALA A CB   1 
ATOM   394  H H    . ALA A 1 23 ? 8.558   13.049  5.296   1.00 0.00   ? 23 ALA A H    1 
ATOM   395  H HA   . ALA A 1 23 ? 7.539   10.639  5.996   1.00 -10.00 ? 23 ALA A HA   1 
ATOM   396  H HB1  . ALA A 1 23 ? 6.895   11.118  8.527   1.00 -10.00 ? 23 ALA A HB1  1 
ATOM   397  H HB2  . ALA A 1 23 ? 8.378   12.073  8.496   1.00 -10.00 ? 23 ALA A HB2  1 
ATOM   398  H HB3  . ALA A 1 23 ? 8.431   10.350  8.125   1.00 -10.00 ? 23 ALA A HB3  1 
ATOM   399  N N    . GLU A 1 24 ? 6.008   13.237  7.318   1.00 -10.00 ? 24 GLU A N    1 
ATOM   400  C CA   . GLU A 1 24 ? 4.753   14.053  7.252   1.00 -10.00 ? 24 GLU A CA   1 
ATOM   401  C C    . GLU A 1 24 ? 4.660   14.928  8.516   1.00 -10.00 ? 24 GLU A C    1 
ATOM   402  O O    . GLU A 1 24 ? 4.494   14.412  9.607   1.00 -10.00 ? 24 GLU A O    1 
ATOM   403  C CB   . GLU A 1 24 ? 3.529   13.127  7.183   1.00 -10.00 ? 24 GLU A CB   1 
ATOM   404  C CG   . GLU A 1 24 ? 2.541   13.655  6.135   1.00 -10.00 ? 24 GLU A CG   1 
ATOM   405  C CD   . GLU A 1 24 ? 1.728   14.812  6.724   1.00 -10.00 ? 24 GLU A CD   1 
ATOM   406  O OE1  . GLU A 1 24 ? 0.850   14.546  7.529   1.00 -10.00 ? 24 GLU A OE1  1 
ATOM   407  O OE2  . GLU A 1 24 ? 1.994   15.943  6.355   1.00 -10.00 ? 24 GLU A OE2  1 
ATOM   408  H H    . GLU A 1 24 ? 6.622   13.367  8.069   1.00 0.00   ? 24 GLU A H    1 
ATOM   409  H HA   . GLU A 1 24 ? 4.779   14.683  6.374   1.00 -10.00 ? 24 GLU A HA   1 
ATOM   410  H HB2  . GLU A 1 24 ? 3.846   12.131  6.909   1.00 -10.00 ? 24 GLU A HB2  1 
ATOM   411  H HB3  . GLU A 1 24 ? 3.044   13.097  8.147   1.00 -10.00 ? 24 GLU A HB3  1 
ATOM   412  H HG2  . GLU A 1 24 ? 3.088   14.002  5.270   1.00 -10.00 ? 24 GLU A HG2  1 
ATOM   413  H HG3  . GLU A 1 24 ? 1.872   12.861  5.841   1.00 -10.00 ? 24 GLU A HG3  1 
ATOM   414  N N    . PRO A 1 25 ? 4.779   16.228  8.335   1.00 -10.00 ? 25 PRO A N    1 
ATOM   415  C CA   . PRO A 1 25 ? 4.719   17.192  9.454   1.00 -10.00 ? 25 PRO A CA   1 
ATOM   416  C C    . PRO A 1 25 ? 3.270   17.386  9.933   1.00 -10.00 ? 25 PRO A C    1 
ATOM   417  O O    . PRO A 1 25 ? 2.507   18.144  9.358   1.00 -10.00 ? 25 PRO A O    1 
ATOM   418  C CB   . PRO A 1 25 ? 5.292   18.481  8.852   1.00 -10.00 ? 25 PRO A CB   1 
ATOM   419  C CG   . PRO A 1 25 ? 5.118   18.359  7.320   1.00 -10.00 ? 25 PRO A CG   1 
ATOM   420  C CD   . PRO A 1 25 ? 4.984   16.857  7.011   1.00 -10.00 ? 25 PRO A CD   1 
ATOM   421  H HA   . PRO A 1 25 ? 5.343   16.862  10.269  1.00 -10.00 ? 25 PRO A HA   1 
ATOM   422  H HB2  . PRO A 1 25 ? 4.748   19.339  9.225   1.00 -10.00 ? 25 PRO A HB2  1 
ATOM   423  H HB3  . PRO A 1 25 ? 6.339   18.571  9.093   1.00 -10.00 ? 25 PRO A HB3  1 
ATOM   424  H HG2  . PRO A 1 25 ? 4.226   18.887  7.009   1.00 -10.00 ? 25 PRO A HG2  1 
ATOM   425  H HG3  . PRO A 1 25 ? 5.982   18.760  6.816   1.00 -10.00 ? 25 PRO A HG3  1 
ATOM   426  H HD2  . PRO A 1 25 ? 4.132   16.680  6.369   1.00 -10.00 ? 25 PRO A HD2  1 
ATOM   427  H HD3  . PRO A 1 25 ? 5.887   16.482  6.556   1.00 -10.00 ? 25 PRO A HD3  1 
ATOM   428  N N    . ALA A 1 26 ? 2.896   16.698  10.986  1.00 -10.00 ? 26 ALA A N    1 
ATOM   429  C CA   . ALA A 1 26 ? 1.508   16.821  11.530  1.00 -10.00 ? 26 ALA A CA   1 
ATOM   430  C C    . ALA A 1 26 ? 1.566   17.031  13.052  1.00 -10.00 ? 26 ALA A C    1 
ATOM   431  O O    . ALA A 1 26 ? 2.479   16.569  13.716  1.00 -10.00 ? 26 ALA A O    1 
ATOM   432  C CB   . ALA A 1 26 ? 0.729   15.541  11.217  1.00 -10.00 ? 26 ALA A CB   1 
ATOM   433  H H    . ALA A 1 26 ? 3.535   16.097  11.424  1.00 0.00   ? 26 ALA A H    1 
ATOM   434  H HA   . ALA A 1 26 ? 1.014   17.664  11.070  1.00 -10.00 ? 26 ALA A HA   1 
ATOM   435  H HB1  . ALA A 1 26 ? 0.709   15.385  10.147  1.00 -10.00 ? 26 ALA A HB1  1 
ATOM   436  H HB2  . ALA A 1 26 ? -0.281  15.635  11.587  1.00 -10.00 ? 26 ALA A HB2  1 
ATOM   437  H HB3  . ALA A 1 26 ? 1.211   14.700  11.695  1.00 -10.00 ? 26 ALA A HB3  1 
ATOM   438  N N    . ALA A 1 27 ? 0.601   17.729  13.606  1.00 -10.00 ? 27 ALA A N    1 
ATOM   439  C CA   . ALA A 1 27 ? 0.595   17.979  15.082  1.00 -10.00 ? 27 ALA A CA   1 
ATOM   440  C C    . ALA A 1 27 ? -0.559  17.210  15.739  1.00 -10.00 ? 27 ALA A C    1 
ATOM   441  O O    . ALA A 1 27 ? -1.718  17.532  15.548  1.00 -10.00 ? 27 ALA A O    1 
ATOM   442  C CB   . ALA A 1 27 ? 0.427   19.480  15.341  1.00 -10.00 ? 27 ALA A CB   1 
ATOM   443  H H    . ALA A 1 27 ? -0.120  18.090  13.050  1.00 0.00   ? 27 ALA A H    1 
ATOM   444  H HA   . ALA A 1 27 ? 1.531   17.647  15.505  1.00 -10.00 ? 27 ALA A HA   1 
ATOM   445  H HB1  . ALA A 1 27 ? 0.418   19.663  16.406  1.00 -10.00 ? 27 ALA A HB1  1 
ATOM   446  H HB2  . ALA A 1 27 ? -0.502  19.818  14.910  1.00 -10.00 ? 27 ALA A HB2  1 
ATOM   447  H HB3  . ALA A 1 27 ? 1.249   20.017  14.891  1.00 -10.00 ? 27 ALA A HB3  1 
ATOM   448  N N    . ASP A 1 28 ? -0.236  16.198  16.518  1.00 -10.00 ? 28 ASP A N    1 
ATOM   449  C CA   . ASP A 1 28 ? -1.283  15.381  17.217  1.00 -10.00 ? 28 ASP A CA   1 
ATOM   450  C C    . ASP A 1 28 ? -2.407  14.991  16.237  1.00 -10.00 ? 28 ASP A C    1 
ATOM   451  O O    . ASP A 1 28 ? -3.517  15.495  16.308  1.00 -10.00 ? 28 ASP A O    1 
ATOM   452  C CB   . ASP A 1 28 ? -1.855  16.190  18.392  1.00 -10.00 ? 28 ASP A CB   1 
ATOM   453  C CG   . ASP A 1 28 ? -2.153  15.254  19.568  1.00 -10.00 ? 28 ASP A CG   1 
ATOM   454  O OD1  . ASP A 1 28 ? -1.240  14.986  20.332  1.00 -10.00 ? 28 ASP A OD1  1 
ATOM   455  O OD2  . ASP A 1 28 ? -3.288  14.824  19.685  1.00 -10.00 ? 28 ASP A OD2  1 
ATOM   456  H H    . ASP A 1 28 ? 0.710   15.976  16.649  1.00 0.00   ? 28 ASP A H    1 
ATOM   457  H HA   . ASP A 1 28 ? -0.825  14.479  17.600  1.00 -10.00 ? 28 ASP A HA   1 
ATOM   458  H HB2  . ASP A 1 28 ? -1.135  16.935  18.698  1.00 -10.00 ? 28 ASP A HB2  1 
ATOM   459  H HB3  . ASP A 1 28 ? -2.767  16.678  18.083  1.00 -10.00 ? 28 ASP A HB3  1 
ATOM   460  N N    . GLY A 1 29 ? -2.122  14.092  15.324  1.00 -10.00 ? 29 GLY A N    1 
ATOM   461  C CA   . GLY A 1 29 ? -3.155  13.654  14.334  1.00 -10.00 ? 29 GLY A CA   1 
ATOM   462  C C    . GLY A 1 29 ? -3.500  12.177  14.559  1.00 -10.00 ? 29 GLY A C    1 
ATOM   463  O O    . GLY A 1 29 ? -3.702  11.743  15.679  1.00 -10.00 ? 29 GLY A O    1 
ATOM   464  H H    . GLY A 1 29 ? -1.223  13.702  15.291  1.00 0.00   ? 29 GLY A H    1 
ATOM   465  H HA2  . GLY A 1 29 ? -4.047  14.254  14.455  1.00 -10.00 ? 29 GLY A HA2  1 
ATOM   466  H HA3  . GLY A 1 29 ? -2.771  13.781  13.332  1.00 0.00   ? 29 GLY A HA3  1 
ATOM   467  N N    . VAL A 1 30 ? -3.570  11.404  13.499  1.00 -10.00 ? 30 VAL A N    1 
ATOM   468  C CA   . VAL A 1 30 ? -3.904  9.950   13.635  1.00 -10.00 ? 30 VAL A CA   1 
ATOM   469  C C    . VAL A 1 30 ? -3.153  9.143   12.566  1.00 -10.00 ? 30 VAL A C    1 
ATOM   470  O O    . VAL A 1 30 ? -3.293  9.382   11.379  1.00 -10.00 ? 30 VAL A O    1 
ATOM   471  C CB   . VAL A 1 30 ? -5.418  9.737   13.469  1.00 -10.00 ? 30 VAL A CB   1 
ATOM   472  C CG1  . VAL A 1 30 ? -6.136  10.099  14.773  1.00 -10.00 ? 30 VAL A CG1  1 
ATOM   473  C CG2  . VAL A 1 30 ? -5.952  10.620  12.334  1.00 -10.00 ? 30 VAL A CG2  1 
ATOM   474  H H    . VAL A 1 30 ? -3.403  11.782  12.611  1.00 0.00   ? 30 VAL A H    1 
ATOM   475  H HA   . VAL A 1 30 ? -3.601  9.607   14.614  1.00 -10.00 ? 30 VAL A HA   1 
ATOM   476  H HB   . VAL A 1 30 ? -5.608  8.699   13.236  1.00 -10.00 ? 30 VAL A HB   1 
ATOM   477  H HG11 . VAL A 1 30 ? -6.112  11.169  14.913  1.00 0.00   ? 30 VAL A HG11 1 
ATOM   478  H HG12 . VAL A 1 30 ? -5.639  9.617   15.602  1.00 0.00   ? 30 VAL A HG12 1 
ATOM   479  H HG13 . VAL A 1 30 ? -7.161  9.765   14.724  1.00 0.00   ? 30 VAL A HG13 1 
ATOM   480  H HG21 . VAL A 1 30 ? -6.944  10.294  12.060  1.00 0.00   ? 30 VAL A HG21 1 
ATOM   481  H HG22 . VAL A 1 30 ? -5.299  10.543  11.479  1.00 0.00   ? 30 VAL A HG22 1 
ATOM   482  H HG23 . VAL A 1 30 ? -5.990  11.649  12.664  1.00 0.00   ? 30 VAL A HG23 1 
ATOM   483  N N    . GLY A 1 31 ? -2.357  8.187   12.985  1.00 -10.00 ? 31 GLY A N    1 
ATOM   484  C CA   . GLY A 1 31 ? -1.590  7.349   12.011  1.00 -10.00 ? 31 GLY A CA   1 
ATOM   485  C C    . GLY A 1 31 ? -2.472  6.198   11.513  1.00 -10.00 ? 31 GLY A C    1 
ATOM   486  O O    . GLY A 1 31 ? -2.599  5.976   10.322  1.00 -10.00 ? 31 GLY A O    1 
ATOM   487  H H    . GLY A 1 31 ? -2.267  8.020   13.947  1.00 0.00   ? 31 GLY A H    1 
ATOM   488  H HA2  . GLY A 1 31 ? -1.285  7.960   11.172  1.00 -10.00 ? 31 GLY A HA2  1 
ATOM   489  H HA3  . GLY A 1 31 ? -0.716  6.942   12.496  1.00 0.00   ? 31 GLY A HA3  1 
ATOM   490  N N    . ALA A 1 32 ? -3.078  5.468   12.420  1.00 -10.00 ? 32 ALA A N    1 
ATOM   491  C CA   . ALA A 1 32 ? -3.956  4.325   12.021  1.00 -10.00 ? 32 ALA A CA   1 
ATOM   492  C C    . ALA A 1 32 ? -5.114  4.184   13.025  1.00 -10.00 ? 32 ALA A C    1 
ATOM   493  O O    . ALA A 1 32 ? -5.267  4.994   13.924  1.00 -10.00 ? 32 ALA A O    1 
ATOM   494  C CB   . ALA A 1 32 ? -3.126  3.037   12.003  1.00 -10.00 ? 32 ALA A CB   1 
ATOM   495  H H    . ALA A 1 32 ? -2.955  5.671   13.371  1.00 0.00   ? 32 ALA A H    1 
ATOM   496  H HA   . ALA A 1 32 ? -4.359  4.509   11.036  1.00 -10.00 ? 32 ALA A HA   1 
ATOM   497  H HB1  . ALA A 1 32 ? -2.966  2.727   10.981  1.00 -10.00 ? 32 ALA A HB1  1 
ATOM   498  H HB2  . ALA A 1 32 ? -3.650  2.260   12.538  1.00 -10.00 ? 32 ALA A HB2  1 
ATOM   499  H HB3  . ALA A 1 32 ? -2.172  3.220   12.475  1.00 -10.00 ? 32 ALA A HB3  1 
ATOM   500  N N    . ALA A 1 33 ? -5.926  3.161   12.880  1.00 -10.00 ? 33 ALA A N    1 
ATOM   501  C CA   . ALA A 1 33 ? -7.067  2.966   13.828  1.00 -10.00 ? 33 ALA A CA   1 
ATOM   502  C C    . ALA A 1 33 ? -6.525  2.412   15.153  1.00 -10.00 ? 33 ALA A C    1 
ATOM   503  O O    . ALA A 1 33 ? -6.332  3.154   16.099  1.00 -10.00 ? 33 ALA A O    1 
ATOM   504  C CB   . ALA A 1 33 ? -8.084  1.993   13.220  1.00 -10.00 ? 33 ALA A CB   1 
ATOM   505  H H    . ALA A 1 33 ? -5.783  2.522   12.152  1.00 0.00   ? 33 ALA A H    1 
ATOM   506  H HA   . ALA A 1 33 ? -7.545  3.918   14.011  1.00 -10.00 ? 33 ALA A HA   1 
ATOM   507  H HB1  . ALA A 1 33 ? -7.566  1.138   12.813  1.00 -10.00 ? 33 ALA A HB1  1 
ATOM   508  H HB2  . ALA A 1 33 ? -8.631  2.491   12.433  1.00 -10.00 ? 33 ALA A HB2  1 
ATOM   509  H HB3  . ALA A 1 33 ? -8.771  1.667   13.986  1.00 -10.00 ? 33 ALA A HB3  1 
ATOM   510  N N    . SER A 1 34 ? -6.254  1.126   15.227  1.00 -10.00 ? 34 SER A N    1 
ATOM   511  C CA   . SER A 1 34 ? -5.699  0.556   16.493  1.00 -10.00 ? 34 SER A CA   1 
ATOM   512  C C    . SER A 1 34 ? -4.168  0.670   16.463  1.00 -10.00 ? 34 SER A C    1 
ATOM   513  O O    . SER A 1 34 ? -3.601  1.548   17.086  1.00 -10.00 ? 34 SER A O    1 
ATOM   514  C CB   . SER A 1 34 ? -6.132  -0.910  16.660  1.00 -10.00 ? 34 SER A CB   1 
ATOM   515  O OG   . SER A 1 34 ? -5.638  -1.692  15.579  1.00 -10.00 ? 34 SER A OG   1 
ATOM   516  H H    . SER A 1 34 ? -6.398  0.547   14.450  1.00 0.00   ? 34 SER A H    1 
ATOM   517  H HA   . SER A 1 34 ? -6.073  1.132   17.328  1.00 -10.00 ? 34 SER A HA   1 
ATOM   518  H HB2  . SER A 1 34 ? -5.738  -1.298  17.583  1.00 -10.00 ? 34 SER A HB2  1 
ATOM   519  H HB3  . SER A 1 34 ? -7.213  -0.959  16.688  1.00 -10.00 ? 34 SER A HB3  1 
ATOM   520  H HG   . SER A 1 34 ? -6.386  -2.147  15.180  1.00 -10.00 ? 34 SER A HG   1 
ATOM   521  N N    . ARG A 1 35 ? -3.495  -0.197  15.735  1.00 -10.00 ? 35 ARG A N    1 
ATOM   522  C CA   . ARG A 1 35 ? -2.005  -0.113  15.663  1.00 -10.00 ? 35 ARG A CA   1 
ATOM   523  C C    . ARG A 1 35 ? -1.581  0.577   14.352  1.00 -10.00 ? 35 ARG A C    1 
ATOM   524  O O    . ARG A 1 35 ? -1.594  1.791   14.263  1.00 -10.00 ? 35 ARG A O    1 
ATOM   525  C CB   . ARG A 1 35 ? -1.409  -1.525  15.749  1.00 -10.00 ? 35 ARG A CB   1 
ATOM   526  C CG   . ARG A 1 35 ? -1.677  -2.109  17.140  1.00 -10.00 ? 35 ARG A CG   1 
ATOM   527  C CD   . ARG A 1 35 ? -2.228  -3.530  17.006  1.00 -10.00 ? 35 ARG A CD   1 
ATOM   528  N NE   . ARG A 1 35 ? -3.567  -3.492  16.346  1.00 -10.00 ? 35 ARG A NE   1 
ATOM   529  C CZ   . ARG A 1 35 ? -4.010  -4.537  15.706  1.00 -10.00 ? 35 ARG A CZ   1 
ATOM   530  N NH1  . ARG A 1 35 ? -3.682  -4.725  14.458  1.00 -10.00 ? 35 ARG A NH1  1 
ATOM   531  N NH2  . ARG A 1 35 ? -4.783  -5.392  16.315  1.00 -10.00 ? 35 ARG A NH2  1 
ATOM   532  H H    . ARG A 1 35 ? -3.972  -0.890  15.232  1.00 0.00   ? 35 ARG A H    1 
ATOM   533  H HA   . ARG A 1 35 ? -1.645  0.472   16.498  1.00 -10.00 ? 35 ARG A HA   1 
ATOM   534  H HB2  . ARG A 1 35 ? -1.867  -2.155  14.999  1.00 -10.00 ? 35 ARG A HB2  1 
ATOM   535  H HB3  . ARG A 1 35 ? -0.344  -1.479  15.580  1.00 -10.00 ? 35 ARG A HB3  1 
ATOM   536  H HG2  . ARG A 1 35 ? -0.755  -2.130  17.703  1.00 -10.00 ? 35 ARG A HG2  1 
ATOM   537  H HG3  . ARG A 1 35 ? -2.399  -1.493  17.656  1.00 -10.00 ? 35 ARG A HG3  1 
ATOM   538  H HD2  . ARG A 1 35 ? -1.550  -4.124  16.411  1.00 -10.00 ? 35 ARG A HD2  1 
ATOM   539  H HD3  . ARG A 1 35 ? -2.324  -3.972  17.988  1.00 -10.00 ? 35 ARG A HD3  1 
ATOM   540  H HE   . ARG A 1 35 ? -4.117  -2.681  16.393  1.00 -10.00 ? 35 ARG A HE   1 
ATOM   541  H HH11 . ARG A 1 35 ? -3.091  -4.066  13.993  1.00 0.00   ? 35 ARG A HH11 1 
ATOM   542  H HH12 . ARG A 1 35 ? -4.020  -5.526  13.966  1.00 0.00   ? 35 ARG A HH12 1 
ATOM   543  H HH21 . ARG A 1 35 ? -5.034  -5.245  17.271  1.00 0.00   ? 35 ARG A HH21 1 
ATOM   544  H HH22 . ARG A 1 35 ? -5.124  -6.196  15.827  1.00 0.00   ? 35 ARG A HH22 1 
ATOM   545  N N    . ASP A 1 36 ? -1.208  -0.181  13.336  1.00 -10.00 ? 36 ASP A N    1 
ATOM   546  C CA   . ASP A 1 36 ? -0.789  0.437   12.036  1.00 -10.00 ? 36 ASP A CA   1 
ATOM   547  C C    . ASP A 1 36 ? -1.607  -0.145  10.870  1.00 -10.00 ? 36 ASP A C    1 
ATOM   548  O O    . ASP A 1 36 ? -2.317  0.564   10.178  1.00 -10.00 ? 36 ASP A O    1 
ATOM   549  C CB   . ASP A 1 36 ? 0.704   0.161   11.806  1.00 -10.00 ? 36 ASP A CB   1 
ATOM   550  C CG   . ASP A 1 36 ? 1.531   0.882   12.875  1.00 -10.00 ? 36 ASP A CG   1 
ATOM   551  O OD1  . ASP A 1 36 ? 1.855   2.039   12.666  1.00 -10.00 ? 36 ASP A OD1  1 
ATOM   552  O OD2  . ASP A 1 36 ? 1.830   0.262   13.884  1.00 -10.00 ? 36 ASP A OD2  1 
ATOM   553  H H    . ASP A 1 36 ? -1.206  -1.155  13.428  1.00 0.00   ? 36 ASP A H    1 
ATOM   554  H HA   . ASP A 1 36 ? -0.949  1.504   12.082  1.00 -10.00 ? 36 ASP A HA   1 
ATOM   555  H HB2  . ASP A 1 36 ? 0.888   -0.902  11.866  1.00 -10.00 ? 36 ASP A HB2  1 
ATOM   556  H HB3  . ASP A 1 36 ? 0.991   0.520   10.829  1.00 -10.00 ? 36 ASP A HB3  1 
ATOM   557  N N    . LEU A 1 37 ? -1.477  -1.435  10.640  1.00 -10.00 ? 37 LEU A N    1 
ATOM   558  C CA   . LEU A 1 37 ? -2.195  -2.108  9.508   1.00 -10.00 ? 37 LEU A CA   1 
ATOM   559  C C    . LEU A 1 37 ? -3.719  -2.002  9.658   1.00 -10.00 ? 37 LEU A C    1 
ATOM   560  O O    . LEU A 1 37 ? -4.423  -1.901  8.673   1.00 -10.00 ? 37 LEU A O    1 
ATOM   561  C CB   . LEU A 1 37 ? -1.799  -3.590  9.473   1.00 -10.00 ? 37 LEU A CB   1 
ATOM   562  C CG   . LEU A 1 37 ? -1.663  -4.057  8.021   1.00 -10.00 ? 37 LEU A CG   1 
ATOM   563  C CD1  . LEU A 1 37 ? -0.728  -5.266  7.961   1.00 -10.00 ? 37 LEU A CD1  1 
ATOM   564  C CD2  . LEU A 1 37 ? -3.038  -4.451  7.473   1.00 -10.00 ? 37 LEU A CD2  1 
ATOM   565  H H    . LEU A 1 37 ? -0.877  -1.962  11.207  1.00 0.00   ? 37 LEU A H    1 
ATOM   566  H HA   . LEU A 1 37 ? -1.900  -1.646  8.578   1.00 -10.00 ? 37 LEU A HA   1 
ATOM   567  H HB2  . LEU A 1 37 ? -0.854  -3.721  9.982   1.00 -10.00 ? 37 LEU A HB2  1 
ATOM   568  H HB3  . LEU A 1 37 ? -2.557  -4.178  9.969   1.00 -10.00 ? 37 LEU A HB3  1 
ATOM   569  H HG   . LEU A 1 37 ? -1.252  -3.256  7.423   1.00 -10.00 ? 37 LEU A HG   1 
ATOM   570  H HD11 . LEU A 1 37 ? 0.233   -4.999  8.375   1.00 0.00   ? 37 LEU A HD11 1 
ATOM   571  H HD12 . LEU A 1 37 ? -0.604  -5.574  6.934   1.00 0.00   ? 37 LEU A HD12 1 
ATOM   572  H HD13 . LEU A 1 37 ? -1.153  -6.079  8.532   1.00 0.00   ? 37 LEU A HD13 1 
ATOM   573  H HD21 . LEU A 1 37 ? -3.549  -3.571  7.112   1.00 0.00   ? 37 LEU A HD21 1 
ATOM   574  H HD22 . LEU A 1 37 ? -3.622  -4.910  8.257   1.00 0.00   ? 37 LEU A HD22 1 
ATOM   575  H HD23 . LEU A 1 37 ? -2.914  -5.153  6.661   1.00 0.00   ? 37 LEU A HD23 1 
ATOM   576  N N    . GLU A 1 38 ? -4.231  -2.044  10.869  1.00 -10.00 ? 38 GLU A N    1 
ATOM   577  C CA   . GLU A 1 38 ? -5.718  -1.967  11.072  1.00 -10.00 ? 38 GLU A CA   1 
ATOM   578  C C    . GLU A 1 38 ? -6.322  -0.813  10.255  1.00 -10.00 ? 38 GLU A C    1 
ATOM   579  O O    . GLU A 1 38 ? -7.403  -0.944  9.708   1.00 -10.00 ? 38 GLU A O    1 
ATOM   580  C CB   . GLU A 1 38 ? -6.029  -1.758  12.555  1.00 -10.00 ? 38 GLU A CB   1 
ATOM   581  C CG   . GLU A 1 38 ? -7.379  -2.411  12.882  1.00 -10.00 ? 38 GLU A CG   1 
ATOM   582  C CD   . GLU A 1 38 ? -8.377  -1.343  13.336  1.00 -10.00 ? 38 GLU A CD   1 
ATOM   583  O OE1  . GLU A 1 38 ? -8.367  -1.011  14.510  1.00 -10.00 ? 38 GLU A OE1  1 
ATOM   584  O OE2  . GLU A 1 38 ? -9.136  -0.878  12.502  1.00 -10.00 ? 38 GLU A OE2  1 
ATOM   585  H H    . GLU A 1 38 ? -3.640  -2.142  11.644  1.00 0.00   ? 38 GLU A H    1 
ATOM   586  H HA   . GLU A 1 38 ? -6.164  -2.896  10.747  1.00 -10.00 ? 38 GLU A HA   1 
ATOM   587  H HB2  . GLU A 1 38 ? -5.252  -2.212  13.153  1.00 -10.00 ? 38 GLU A HB2  1 
ATOM   588  H HB3  . GLU A 1 38 ? -6.079  -0.700  12.769  1.00 -10.00 ? 38 GLU A HB3  1 
ATOM   589  H HG2  . GLU A 1 38 ? -7.760  -2.907  12.001  1.00 -10.00 ? 38 GLU A HG2  1 
ATOM   590  H HG3  . GLU A 1 38 ? -7.245  -3.136  13.671  1.00 -10.00 ? 38 GLU A HG3  1 
ATOM   591  N N    . LYS A 1 39 ? -5.636  0.305   10.164  1.00 -10.00 ? 39 LYS A N    1 
ATOM   592  C CA   . LYS A 1 39 ? -6.170  1.462   9.373   1.00 -10.00 ? 39 LYS A CA   1 
ATOM   593  C C    . LYS A 1 39 ? -6.492  1.008   7.940   1.00 -10.00 ? 39 LYS A C    1 
ATOM   594  O O    . LYS A 1 39 ? -7.592  1.195   7.457   1.00 -10.00 ? 39 LYS A O    1 
ATOM   595  C CB   . LYS A 1 39 ? -5.122  2.582   9.340   1.00 -10.00 ? 39 LYS A CB   1 
ATOM   596  C CG   . LYS A 1 39 ? -5.691  3.809   8.620   1.00 -10.00 ? 39 LYS A CG   1 
ATOM   597  C CD   . LYS A 1 39 ? -4.953  4.014   7.292   1.00 -10.00 ? 39 LYS A CD   1 
ATOM   598  C CE   . LYS A 1 39 ? -3.678  4.827   7.531   1.00 -10.00 ? 39 LYS A CE   1 
ATOM   599  N NZ   . LYS A 1 39 ? -2.771  4.691   6.354   1.00 -10.00 ? 39 LYS A NZ   1 
ATOM   600  H H    . LYS A 1 39 ? -4.766  0.381   10.611  1.00 0.00   ? 39 LYS A H    1 
ATOM   601  H HA   . LYS A 1 39 ? -7.072  1.829   9.843   1.00 -10.00 ? 39 LYS A HA   1 
ATOM   602  H HB2  . LYS A 1 39 ? -4.858  2.850   10.351  1.00 -10.00 ? 39 LYS A HB2  1 
ATOM   603  H HB3  . LYS A 1 39 ? -4.241  2.236   8.821   1.00 -10.00 ? 39 LYS A HB3  1 
ATOM   604  H HG2  . LYS A 1 39 ? -6.743  3.657   8.427   1.00 -10.00 ? 39 LYS A HG2  1 
ATOM   605  H HG3  . LYS A 1 39 ? -5.560  4.682   9.240   1.00 -10.00 ? 39 LYS A HG3  1 
ATOM   606  H HD2  . LYS A 1 39 ? -4.694  3.052   6.872   1.00 -10.00 ? 39 LYS A HD2  1 
ATOM   607  H HD3  . LYS A 1 39 ? -5.593  4.545   6.604   1.00 -10.00 ? 39 LYS A HD3  1 
ATOM   608  H HE2  . LYS A 1 39 ? -3.935  5.868   7.669   1.00 -10.00 ? 39 LYS A HE2  1 
ATOM   609  H HE3  . LYS A 1 39 ? -3.177  4.460   8.415   1.00 -10.00 ? 39 LYS A HE3  1 
ATOM   610  H HZ1  . LYS A 1 39 ? -3.277  4.970   5.489   1.00 -10.00 ? 39 LYS A HZ1  1 
ATOM   611  H HZ2  . LYS A 1 39 ? -2.459  3.701   6.270   1.00 -10.00 ? 39 LYS A HZ2  1 
ATOM   612  H HZ3  . LYS A 1 39 ? -1.942  5.306   6.481   1.00 -10.00 ? 39 LYS A HZ3  1 
ATOM   613  N N    . HIS A 1 40 ? -5.537  0.408   7.264   1.00 -10.00 ? 40 HIS A N    1 
ATOM   614  C CA   . HIS A 1 40 ? -5.777  -0.071  5.863   1.00 -10.00 ? 40 HIS A CA   1 
ATOM   615  C C    . HIS A 1 40 ? -6.543  -1.403  5.892   1.00 -10.00 ? 40 HIS A C    1 
ATOM   616  O O    . HIS A 1 40 ? -7.399  -1.648  5.062   1.00 -10.00 ? 40 HIS A O    1 
ATOM   617  C CB   . HIS A 1 40 ? -4.432  -0.268  5.153   1.00 -10.00 ? 40 HIS A CB   1 
ATOM   618  C CG   . HIS A 1 40 ? -3.954  1.046   4.592   1.00 -10.00 ? 40 HIS A CG   1 
ATOM   619  N ND1  . HIS A 1 40 ? -2.612  1.307   4.364   1.00 -10.00 ? 40 HIS A ND1  1 
ATOM   620  C CD2  . HIS A 1 40 ? -4.625  2.179   4.203   1.00 -10.00 ? 40 HIS A CD2  1 
ATOM   621  C CE1  . HIS A 1 40 ? -2.520  2.551   3.859   1.00 -10.00 ? 40 HIS A CE1  1 
ATOM   622  N NE2  . HIS A 1 40 ? -3.719  3.127   3.740   1.00 -10.00 ? 40 HIS A NE2  1 
ATOM   623  H H    . HIS A 1 40 ? -4.662  0.264   7.681   1.00 0.00   ? 40 HIS A H    1 
ATOM   624  H HA   . HIS A 1 40 ? -6.361  0.663   5.330   1.00 -10.00 ? 40 HIS A HA   1 
ATOM   625  H HB2  . HIS A 1 40 ? -3.704  -0.645  5.857   1.00 -10.00 ? 40 HIS A HB2  1 
ATOM   626  H HB3  . HIS A 1 40 ? -4.552  -0.978  4.347   1.00 -10.00 ? 40 HIS A HB3  1 
ATOM   627  H HD1  . HIS A 1 40 ? -1.865  0.695   4.536   1.00 -10.00 ? 40 HIS A HD1  1 
ATOM   628  H HD2  . HIS A 1 40 ? -5.697  2.312   4.249   1.00 -10.00 ? 40 HIS A HD2  1 
ATOM   629  H HE1  . HIS A 1 40 ? -1.590  3.026   3.581   1.00 -10.00 ? 40 HIS A HE1  1 
ATOM   630  N N    . GLY A 1 41 ? -6.232  -2.261  6.839   1.00 -10.00 ? 41 GLY A N    1 
ATOM   631  C CA   . GLY A 1 41 ? -6.922  -3.587  6.942   1.00 -10.00 ? 41 GLY A CA   1 
ATOM   632  C C    . GLY A 1 41 ? -8.437  -3.401  7.115   1.00 -10.00 ? 41 GLY A C    1 
ATOM   633  O O    . GLY A 1 41 ? -9.213  -4.257  6.730   1.00 -10.00 ? 41 GLY A O    1 
ATOM   634  H H    . GLY A 1 41 ? -5.533  -2.032  7.489   1.00 0.00   ? 41 GLY A H    1 
ATOM   635  H HA2  . GLY A 1 41 ? -6.734  -4.156  6.043   1.00 -10.00 ? 41 GLY A HA2  1 
ATOM   636  H HA3  . GLY A 1 41 ? -6.533  -4.126  7.792   1.00 0.00   ? 41 GLY A HA3  1 
ATOM   637  N N    . ALA A 1 42 ? -8.865  -2.298  7.692   1.00 -10.00 ? 42 ALA A N    1 
ATOM   638  C CA   . ALA A 1 42 ? -10.331 -2.061  7.889   1.00 -10.00 ? 42 ALA A CA   1 
ATOM   639  C C    . ALA A 1 42 ? -10.979 -1.651  6.551   1.00 -10.00 ? 42 ALA A C    1 
ATOM   640  O O    . ALA A 1 42 ? -11.538 -0.575  6.418   1.00 -10.00 ? 42 ALA A O    1 
ATOM   641  C CB   . ALA A 1 42 ? -10.529 -0.953  8.932   1.00 -10.00 ? 42 ALA A CB   1 
ATOM   642  H H    . ALA A 1 42 ? -8.220  -1.625  7.998   1.00 0.00   ? 42 ALA A H    1 
ATOM   643  H HA   . ALA A 1 42 ? -10.794 -2.970  8.243   1.00 -10.00 ? 42 ALA A HA   1 
ATOM   644  H HB1  . ALA A 1 42 ? -9.981  -1.200  9.828   1.00 -10.00 ? 42 ALA A HB1  1 
ATOM   645  H HB2  . ALA A 1 42 ? -11.580 -0.863  9.165   1.00 -10.00 ? 42 ALA A HB2  1 
ATOM   646  H HB3  . ALA A 1 42 ? -10.167 -0.016  8.534   1.00 -10.00 ? 42 ALA A HB3  1 
ATOM   647  N N    . ILE A 1 43 ? -10.907 -2.515  5.565   1.00 -10.00 ? 43 ILE A N    1 
ATOM   648  C CA   . ILE A 1 43 ? -11.509 -2.216  4.227   1.00 -10.00 ? 43 ILE A CA   1 
ATOM   649  C C    . ILE A 1 43 ? -12.059 -3.522  3.633   1.00 -10.00 ? 43 ILE A C    1 
ATOM   650  O O    . ILE A 1 43 ? -11.309 -4.408  3.262   1.00 -10.00 ? 43 ILE A O    1 
ATOM   651  C CB   . ILE A 1 43 ? -10.431 -1.627  3.298   1.00 -10.00 ? 43 ILE A CB   1 
ATOM   652  C CG1  . ILE A 1 43 ? -10.121 -0.180  3.715   1.00 -10.00 ? 43 ILE A CG1  1 
ATOM   653  C CG2  . ILE A 1 43 ? -10.919 -1.644  1.843   1.00 -10.00 ? 43 ILE A CG2  1 
ATOM   654  C CD1  . ILE A 1 43 ? -11.356 0.704   3.507   1.00 -10.00 ? 43 ILE A CD1  1 
ATOM   655  H H    . ILE A 1 43 ? -10.455 -3.373  5.708   1.00 0.00   ? 43 ILE A H    1 
ATOM   656  H HA   . ILE A 1 43 ? -12.315 -1.507  4.344   1.00 -10.00 ? 43 ILE A HA   1 
ATOM   657  H HB   . ILE A 1 43 ? -9.532  -2.221  3.378   1.00 -10.00 ? 43 ILE A HB   1 
ATOM   658  H HG12 . ILE A 1 43 ? -9.839  -0.161  4.759   1.00 0.00   ? 43 ILE A HG12 1 
ATOM   659  H HG13 . ILE A 1 43 ? -9.306  0.198   3.118   1.00 0.00   ? 43 ILE A HG13 1 
ATOM   660  H HG21 . ILE A 1 43 ? -10.914 -2.659  1.473   1.00 0.00   ? 43 ILE A HG21 1 
ATOM   661  H HG22 . ILE A 1 43 ? -10.260 -1.038  1.237   1.00 0.00   ? 43 ILE A HG22 1 
ATOM   662  H HG23 . ILE A 1 43 ? -11.921 -1.246  1.793   1.00 0.00   ? 43 ILE A HG23 1 
ATOM   663  H HD11 . ILE A 1 43 ? -11.075 1.742   3.612   1.00 0.00   ? 43 ILE A HD11 1 
ATOM   664  H HD12 . ILE A 1 43 ? -12.104 0.458   4.245   1.00 0.00   ? 43 ILE A HD12 1 
ATOM   665  H HD13 . ILE A 1 43 ? -11.756 0.539   2.518   1.00 0.00   ? 43 ILE A HD13 1 
ATOM   666  N N    . THR A 1 44 ? -13.363 -3.648  3.548   1.00 -10.00 ? 44 THR A N    1 
ATOM   667  C CA   . THR A 1 44 ? -13.966 -4.897  2.987   1.00 -10.00 ? 44 THR A CA   1 
ATOM   668  C C    . THR A 1 44 ? -14.759 -4.563  1.717   1.00 -10.00 ? 44 THR A C    1 
ATOM   669  O O    . THR A 1 44 ? -15.838 -3.999  1.776   1.00 -10.00 ? 44 THR A O    1 
ATOM   670  C CB   . THR A 1 44 ? -14.900 -5.538  4.026   1.00 -10.00 ? 44 THR A CB   1 
ATOM   671  O OG1  . THR A 1 44 ? -14.210 -5.691  5.260   1.00 -10.00 ? 44 THR A OG1  1 
ATOM   672  C CG2  . THR A 1 44 ? -15.354 -6.912  3.530   1.00 -10.00 ? 44 THR A CG2  1 
ATOM   673  H H    . THR A 1 44 ? -13.945 -2.923  3.859   1.00 0.00   ? 44 THR A H    1 
ATOM   674  H HA   . THR A 1 44 ? -13.177 -5.593  2.739   1.00 -10.00 ? 44 THR A HA   1 
ATOM   675  H HB   . THR A 1 44 ? -15.766 -4.909  4.171   1.00 -10.00 ? 44 THR A HB   1 
ATOM   676  H HG1  . THR A 1 44 ? -14.637 -5.129  5.911   1.00 -10.00 ? 44 THR A HG1  1 
ATOM   677  H HG21 . THR A 1 44 ? -14.519 -7.427  3.078   1.00 0.00   ? 44 THR A HG21 1 
ATOM   678  H HG22 . THR A 1 44 ? -16.140 -6.789  2.800   1.00 0.00   ? 44 THR A HG22 1 
ATOM   679  H HG23 . THR A 1 44 ? -15.724 -7.491  4.363   1.00 0.00   ? 44 THR A HG23 1 
ATOM   680  N N    . SER A 1 45 ? -14.227 -4.912  0.570   1.00 -10.00 ? 45 SER A N    1 
ATOM   681  C CA   . SER A 1 45 ? -14.936 -4.631  -0.715  1.00 -10.00 ? 45 SER A CA   1 
ATOM   682  C C    . SER A 1 45 ? -14.945 -5.906  -1.568  1.00 -10.00 ? 45 SER A C    1 
ATOM   683  O O    . SER A 1 45 ? -13.923 -6.328  -2.080  1.00 -10.00 ? 45 SER A O    1 
ATOM   684  C CB   . SER A 1 45 ? -14.216 -3.503  -1.462  1.00 -10.00 ? 45 SER A CB   1 
ATOM   685  O OG   . SER A 1 45 ? -14.995 -3.108  -2.586  1.00 -10.00 ? 45 SER A OG   1 
ATOM   686  H H    . SER A 1 45 ? -13.358 -5.367  0.556   1.00 0.00   ? 45 SER A H    1 
ATOM   687  H HA   . SER A 1 45 ? -15.954 -4.332  -0.507  1.00 -10.00 ? 45 SER A HA   1 
ATOM   688  H HB2  . SER A 1 45 ? -14.087 -2.659  -0.805  1.00 -10.00 ? 45 SER A HB2  1 
ATOM   689  H HB3  . SER A 1 45 ? -13.246 -3.853  -1.790  1.00 -10.00 ? 45 SER A HB3  1 
ATOM   690  H HG   . SER A 1 45 ? -15.410 -2.262  -2.382  1.00 -10.00 ? 45 SER A HG   1 
ATOM   691  N N    . SER A 1 46 ? -16.094 -6.527  -1.711  1.00 -10.00 ? 46 SER A N    1 
ATOM   692  C CA   . SER A 1 46 ? -16.185 -7.783  -2.520  1.00 -10.00 ? 46 SER A CA   1 
ATOM   693  C C    . SER A 1 46 ? -17.327 -7.661  -3.535  1.00 -10.00 ? 46 SER A C    1 
ATOM   694  O O    . SER A 1 46 ? -18.492 -7.639  -3.174  1.00 -10.00 ? 46 SER A O    1 
ATOM   695  C CB   . SER A 1 46 ? -16.449 -8.968  -1.586  1.00 -10.00 ? 46 SER A CB   1 
ATOM   696  O OG   . SER A 1 46 ? -15.211 -9.446  -1.074  1.00 -10.00 ? 46 SER A OG   1 
ATOM   697  H H    . SER A 1 46 ? -16.897 -6.169  -1.280  1.00 0.00   ? 46 SER A H    1 
ATOM   698  H HA   . SER A 1 46 ? -15.254 -7.941  -3.044  1.00 -10.00 ? 46 SER A HA   1 
ATOM   699  H HB2  . SER A 1 46 ? -17.074 -8.651  -0.768  1.00 -10.00 ? 46 SER A HB2  1 
ATOM   700  H HB3  . SER A 1 46 ? -16.952 -9.753  -2.136  1.00 -10.00 ? 46 SER A HB3  1 
ATOM   701  H HG   . SER A 1 46 ? -15.270 -9.459  -0.115  1.00 -10.00 ? 46 SER A HG   1 
ATOM   702  N N    . ASN A 1 47 ? -16.998 -7.584  -4.803  1.00 -10.00 ? 47 ASN A N    1 
ATOM   703  C CA   . ASN A 1 47 ? -18.050 -7.467  -5.859  1.00 -10.00 ? 47 ASN A CA   1 
ATOM   704  C C    . ASN A 1 47 ? -18.014 -8.706  -6.761  1.00 -10.00 ? 47 ASN A C    1 
ATOM   705  O O    . ASN A 1 47 ? -16.956 -9.177  -7.139  1.00 -10.00 ? 47 ASN A O    1 
ATOM   706  C CB   . ASN A 1 47 ? -17.790 -6.214  -6.702  1.00 -10.00 ? 47 ASN A CB   1 
ATOM   707  C CG   . ASN A 1 47 ? -19.123 -5.619  -7.163  1.00 -10.00 ? 47 ASN A CG   1 
ATOM   708  O OD1  . ASN A 1 47 ? -19.580 -4.633  -6.622  1.00 -10.00 ? 47 ASN A OD1  1 
ATOM   709  N ND2  . ASN A 1 47 ? -19.772 -6.179  -8.148  1.00 -10.00 ? 47 ASN A ND2  1 
ATOM   710  H H    . ASN A 1 47 ? -16.053 -7.607  -5.062  1.00 0.00   ? 47 ASN A H    1 
ATOM   711  H HA   . ASN A 1 47 ? -19.023 -7.391  -5.392  1.00 -10.00 ? 47 ASN A HA   1 
ATOM   712  H HB2  . ASN A 1 47 ? -17.259 -5.485  -6.106  1.00 -10.00 ? 47 ASN A HB2  1 
ATOM   713  H HB3  . ASN A 1 47 ? -17.196 -6.476  -7.563  1.00 -10.00 ? 47 ASN A HB3  1 
ATOM   714  H HD21 . ASN A 1 47 ? -19.407 -6.976  -8.588  1.00 0.00   ? 47 ASN A HD21 1 
ATOM   715  H HD22 . ASN A 1 47 ? -20.625 -5.803  -8.447  1.00 0.00   ? 47 ASN A HD22 1 
ATOM   716  N N    . THR A 1 48 ? -19.164 -9.230  -7.110  1.00 -10.00 ? 48 THR A N    1 
ATOM   717  C CA   . THR A 1 48 ? -19.215 -10.438 -7.993  1.00 -10.00 ? 48 THR A CA   1 
ATOM   718  C C    . THR A 1 48 ? -19.420 -10.000 -9.449  1.00 -10.00 ? 48 THR A C    1 
ATOM   719  O O    . THR A 1 48 ? -20.177 -9.086  -9.728  1.00 -10.00 ? 48 THR A O    1 
ATOM   720  C CB   . THR A 1 48 ? -20.376 -11.351 -7.564  1.00 -10.00 ? 48 THR A CB   1 
ATOM   721  O OG1  . THR A 1 48 ? -21.527 -10.565 -7.277  1.00 -10.00 ? 48 THR A OG1  1 
ATOM   722  C CG2  . THR A 1 48 ? -19.971 -12.141 -6.316  1.00 -10.00 ? 48 THR A CG2  1 
ATOM   723  H H    . THR A 1 48 ? -20.000 -8.825  -6.793  1.00 0.00   ? 48 THR A H    1 
ATOM   724  H HA   . THR A 1 48 ? -18.284 -10.979 -7.911  1.00 -10.00 ? 48 THR A HA   1 
ATOM   725  H HB   . THR A 1 48 ? -20.601 -12.042 -8.361  1.00 -10.00 ? 48 THR A HB   1 
ATOM   726  H HG1  . THR A 1 48 ? -22.172 -10.719 -7.971  1.00 -10.00 ? 48 THR A HG1  1 
ATOM   727  H HG21 . THR A 1 48 ? -19.326 -11.533 -5.699  1.00 0.00   ? 48 THR A HG21 1 
ATOM   728  H HG22 . THR A 1 48 ? -19.446 -13.037 -6.611  1.00 0.00   ? 48 THR A HG22 1 
ATOM   729  H HG23 . THR A 1 48 ? -20.856 -12.409 -5.758  1.00 0.00   ? 48 THR A HG23 1 
ATOM   730  N N    . ALA A 1 49 ? -18.746 -10.649 -10.375 1.00 -10.00 ? 49 ALA A N    1 
ATOM   731  C CA   . ALA A 1 49 ? -18.879 -10.287 -11.823 1.00 -10.00 ? 49 ALA A CA   1 
ATOM   732  C C    . ALA A 1 49 ? -18.612 -8.775  -12.011 1.00 -10.00 ? 49 ALA A C    1 
ATOM   733  O O    . ALA A 1 49 ? -17.611 -8.267  -11.537 1.00 -10.00 ? 49 ALA A O    1 
ATOM   734  C CB   . ALA A 1 49 ? -20.290 -10.659 -12.303 1.00 -10.00 ? 49 ALA A CB   1 
ATOM   735  H H    . ALA A 1 49 ? -18.145 -11.378 -10.113 1.00 0.00   ? 49 ALA A H    1 
ATOM   736  H HA   . ALA A 1 49 ? -18.151 -10.845 -12.394 1.00 -10.00 ? 49 ALA A HA   1 
ATOM   737  H HB1  . ALA A 1 49 ? -21.009 -9.978  -11.872 1.00 -10.00 ? 49 ALA A HB1  1 
ATOM   738  H HB2  . ALA A 1 49 ? -20.520 -11.668 -11.994 1.00 -10.00 ? 49 ALA A HB2  1 
ATOM   739  H HB3  . ALA A 1 49 ? -20.334 -10.594 -13.380 1.00 -10.00 ? 49 ALA A HB3  1 
ATOM   740  N N    . ALA A 1 50 ? -19.489 -8.056  -12.691 1.00 -10.00 ? 50 ALA A N    1 
ATOM   741  C CA   . ALA A 1 50 ? -19.281 -6.584  -12.904 1.00 -10.00 ? 50 ALA A CA   1 
ATOM   742  C C    . ALA A 1 50 ? -17.889 -6.320  -13.518 1.00 -10.00 ? 50 ALA A C    1 
ATOM   743  O O    . ALA A 1 50 ? -17.332 -7.166  -14.196 1.00 -10.00 ? 50 ALA A O    1 
ATOM   744  C CB   . ALA A 1 50 ? -19.409 -5.863  -11.556 1.00 -10.00 ? 50 ALA A CB   1 
ATOM   745  H H    . ALA A 1 50 ? -20.285 -8.484  -13.063 1.00 0.00   ? 50 ALA A H    1 
ATOM   746  H HA   . ALA A 1 50 ? -20.040 -6.213  -13.579 1.00 -10.00 ? 50 ALA A HA   1 
ATOM   747  H HB1  . ALA A 1 50 ? -20.132 -6.379  -10.940 1.00 -10.00 ? 50 ALA A HB1  1 
ATOM   748  H HB2  . ALA A 1 50 ? -19.736 -4.846  -11.719 1.00 -10.00 ? 50 ALA A HB2  1 
ATOM   749  H HB3  . ALA A 1 50 ? -18.451 -5.858  -11.058 1.00 -10.00 ? 50 ALA A HB3  1 
ATOM   750  N N    . ASN A 1 51 ? -17.329 -5.150  -13.292 1.00 -10.00 ? 51 ASN A N    1 
ATOM   751  C CA   . ASN A 1 51 ? -15.981 -4.828  -13.862 1.00 -10.00 ? 51 ASN A CA   1 
ATOM   752  C C    . ASN A 1 51 ? -15.202 -3.922  -12.893 1.00 -10.00 ? 51 ASN A C    1 
ATOM   753  O O    . ASN A 1 51 ? -15.757 -3.391  -11.949 1.00 -10.00 ? 51 ASN A O    1 
ATOM   754  C CB   . ASN A 1 51 ? -16.151 -4.117  -15.214 1.00 -10.00 ? 51 ASN A CB   1 
ATOM   755  C CG   . ASN A 1 51 ? -16.825 -2.755  -15.012 1.00 -10.00 ? 51 ASN A CG   1 
ATOM   756  O OD1  . ASN A 1 51 ? -16.161 -1.742  -14.932 1.00 -10.00 ? 51 ASN A OD1  1 
ATOM   757  N ND2  . ASN A 1 51 ? -18.125 -2.687  -14.930 1.00 -10.00 ? 51 ASN A ND2  1 
ATOM   758  H H    . ASN A 1 51 ? -17.798 -4.481  -12.749 1.00 0.00   ? 51 ASN A H    1 
ATOM   759  H HA   . ASN A 1 51 ? -15.429 -5.745  -14.009 1.00 -10.00 ? 51 ASN A HA   1 
ATOM   760  H HB2  . ASN A 1 51 ? -15.181 -3.973  -15.668 1.00 -10.00 ? 51 ASN A HB2  1 
ATOM   761  H HB3  . ASN A 1 51 ? -16.763 -4.724  -15.864 1.00 -10.00 ? 51 ASN A HB3  1 
ATOM   762  H HD21 . ASN A 1 51 ? -18.665 -3.501  -14.996 1.00 0.00   ? 51 ASN A HD21 1 
ATOM   763  H HD22 . ASN A 1 51 ? -18.561 -1.818  -14.801 1.00 0.00   ? 51 ASN A HD22 1 
ATOM   764  N N    . ASN A 1 52 ? -13.918 -3.745  -13.141 1.00 -10.00 ? 52 ASN A N    1 
ATOM   765  C CA   . ASN A 1 52 ? -13.055 -2.878  -12.267 1.00 -10.00 ? 52 ASN A CA   1 
ATOM   766  C C    . ASN A 1 52 ? -13.334 -3.151  -10.777 1.00 -10.00 ? 52 ASN A C    1 
ATOM   767  O O    . ASN A 1 52 ? -14.120 -2.469  -10.140 1.00 -10.00 ? 52 ASN A O    1 
ATOM   768  C CB   . ASN A 1 52 ? -13.326 -1.402  -12.591 1.00 -10.00 ? 52 ASN A CB   1 
ATOM   769  C CG   . ASN A 1 52 ? -12.194 -0.531  -12.030 1.00 -10.00 ? 52 ASN A CG   1 
ATOM   770  O OD1  . ASN A 1 52 ? -12.439 0.389   -11.277 1.00 -10.00 ? 52 ASN A OD1  1 
ATOM   771  N ND2  . ASN A 1 52 ? -10.959 -0.780  -12.369 1.00 -10.00 ? 52 ASN A ND2  1 
ATOM   772  H H    . ASN A 1 52 ? -13.517 -4.187  -13.917 1.00 0.00   ? 52 ASN A H    1 
ATOM   773  H HA   . ASN A 1 52 ? -12.019 -3.099  -12.473 1.00 -10.00 ? 52 ASN A HA   1 
ATOM   774  H HB2  . ASN A 1 52 ? -13.380 -1.274  -13.662 1.00 -10.00 ? 52 ASN A HB2  1 
ATOM   775  H HB3  . ASN A 1 52 ? -14.262 -1.102  -12.146 1.00 -10.00 ? 52 ASN A HB3  1 
ATOM   776  H HD21 . ASN A 1 52 ? -10.756 -1.519  -12.978 1.00 0.00   ? 52 ASN A HD21 1 
ATOM   777  H HD22 . ASN A 1 52 ? -10.235 -0.226  -12.013 1.00 0.00   ? 52 ASN A HD22 1 
ATOM   778  N N    . ALA A 1 53 ? -12.679 -4.144  -10.223 1.00 -10.00 ? 53 ALA A N    1 
ATOM   779  C CA   . ALA A 1 53 ? -12.879 -4.478  -8.777  1.00 -10.00 ? 53 ALA A CA   1 
ATOM   780  C C    . ALA A 1 53 ? -12.347 -3.337  -7.894  1.00 -10.00 ? 53 ALA A C    1 
ATOM   781  O O    . ALA A 1 53 ? -11.646 -2.453  -8.360  1.00 -10.00 ? 53 ALA A O    1 
ATOM   782  C CB   . ALA A 1 53 ? -12.130 -5.771  -8.442  1.00 -10.00 ? 53 ALA A CB   1 
ATOM   783  H H    . ALA A 1 53 ? -12.048 -4.669  -10.760 1.00 0.00   ? 53 ALA A H    1 
ATOM   784  H HA   . ALA A 1 53 ? -13.933 -4.615  -8.585  1.00 -10.00 ? 53 ALA A HA   1 
ATOM   785  H HB1  . ALA A 1 53 ? -11.067 -5.611  -8.553  1.00 -10.00 ? 53 ALA A HB1  1 
ATOM   786  H HB2  . ALA A 1 53 ? -12.447 -6.556  -9.114  1.00 -10.00 ? 53 ALA A HB2  1 
ATOM   787  H HB3  . ALA A 1 53 ? -12.345 -6.060  -7.425  1.00 -10.00 ? 53 ALA A HB3  1 
ATOM   788  N N    . ALA A 1 54 ? -12.676 -3.360  -6.620  1.00 -10.00 ? 54 ALA A N    1 
ATOM   789  C CA   . ALA A 1 54 ? -12.207 -2.287  -5.681  1.00 -10.00 ? 54 ALA A CA   1 
ATOM   790  C C    . ALA A 1 54 ? -12.679 -0.903  -6.174  1.00 -10.00 ? 54 ALA A C    1 
ATOM   791  O O    . ALA A 1 54 ? -13.522 -0.804  -7.049  1.00 -10.00 ? 54 ALA A O    1 
ATOM   792  C CB   . ALA A 1 54 ? -10.674 -2.323  -5.600  1.00 -10.00 ? 54 ALA A CB   1 
ATOM   793  H H    . ALA A 1 54 ? -13.239 -4.086  -6.279  1.00 0.00   ? 54 ALA A H    1 
ATOM   794  H HA   . ALA A 1 54 ? -12.619 -2.472  -4.699  1.00 -10.00 ? 54 ALA A HA   1 
ATOM   795  H HB1  . ALA A 1 54 ? -10.328 -3.328  -5.794  1.00 -10.00 ? 54 ALA A HB1  1 
ATOM   796  H HB2  . ALA A 1 54 ? -10.357 -2.019  -4.614  1.00 -10.00 ? 54 ALA A HB2  1 
ATOM   797  H HB3  . ALA A 1 54 ? -10.258 -1.651  -6.336  1.00 -10.00 ? 54 ALA A HB3  1 
ATOM   798  N N    . CYS A 1 55 ? -12.146 0.162   -5.606  1.00 -10.00 ? 55 CYS A N    1 
ATOM   799  C CA   . CYS A 1 55 ? -12.554 1.550   -6.015  1.00 -10.00 ? 55 CYS A CA   1 
ATOM   800  C C    . CYS A 1 55 ? -14.093 1.661   -6.079  1.00 -10.00 ? 55 CYS A C    1 
ATOM   801  O O    . CYS A 1 55 ? -14.644 2.347   -6.923  1.00 -10.00 ? 55 CYS A O    1 
ATOM   802  C CB   . CYS A 1 55 ? -11.947 1.872   -7.388  1.00 -10.00 ? 55 CYS A CB   1 
ATOM   803  S SG   . CYS A 1 55 ? -11.174 3.509   -7.337  1.00 -10.00 ? 55 CYS A SG   1 
ATOM   804  H H    . CYS A 1 55 ? -11.477 0.048   -4.900  1.00 0.00   ? 55 CYS A H    1 
ATOM   805  H HA   . CYS A 1 55 ? -12.182 2.257   -5.288  1.00 -10.00 ? 55 CYS A HA   1 
ATOM   806  H HB2  . CYS A 1 55 ? -11.202 1.129   -7.635  1.00 -10.00 ? 55 CYS A HB2  1 
ATOM   807  H HB3  . CYS A 1 55 ? -12.724 1.864   -8.139  1.00 -10.00 ? 55 CYS A HB3  1 
ATOM   808  H HG   . CYS A 1 55 ? -10.899 3.735   -8.229  1.00 -10.00 ? 55 CYS A HG   1 
ATOM   809  N N    . ALA A 1 56 ? -14.783 0.990   -5.182  1.00 0.00   ? 56 ALA A N    1 
ATOM   810  C CA   . ALA A 1 56 ? -16.278 1.044   -5.172  1.00 0.00   ? 56 ALA A CA   1 
ATOM   811  C C    . ALA A 1 56 ? -16.801 0.544   -3.819  1.00 0.00   ? 56 ALA A C    1 
ATOM   812  O O    . ALA A 1 56 ? -16.391 -0.499  -3.334  1.00 0.00   ? 56 ALA A O    1 
ATOM   813  C CB   . ALA A 1 56 ? -16.831 0.159   -6.295  1.00 0.00   ? 56 ALA A CB   1 
ATOM   814  H H    . ALA A 1 56 ? -14.314 0.451   -4.512  1.00 0.00   ? 56 ALA A H    1 
ATOM   815  H HA   . ALA A 1 56 ? -16.602 2.064   -5.326  1.00 0.00   ? 56 ALA A HA   1 
ATOM   816  H HB1  . ALA A 1 56 ? -17.295 0.780   -7.047  1.00 0.00   ? 56 ALA A HB1  1 
ATOM   817  H HB2  . ALA A 1 56 ? -17.563 -0.524  -5.889  1.00 0.00   ? 56 ALA A HB2  1 
ATOM   818  H HB3  . ALA A 1 56 ? -16.023 -0.404  -6.740  1.00 0.00   ? 56 ALA A HB3  1 
ATOM   819  N N    . TRP A 1 57 ? -17.706 1.282   -3.211  1.00 0.00   ? 57 TRP A N    1 
ATOM   820  C CA   . TRP A 1 57 ? -18.278 0.874   -1.886  1.00 0.00   ? 57 TRP A CA   1 
ATOM   821  C C    . TRP A 1 57 ? -17.145 0.700   -0.858  1.00 0.00   ? 57 TRP A C    1 
ATOM   822  O O    . TRP A 1 57 ? -16.927 -0.379  -0.338  1.00 0.00   ? 57 TRP A O    1 
ATOM   823  C CB   . TRP A 1 57 ? -19.060 -0.439  -2.045  1.00 0.00   ? 57 TRP A CB   1 
ATOM   824  C CG   . TRP A 1 57 ? -20.213 -0.231  -2.976  1.00 0.00   ? 57 TRP A CG   1 
ATOM   825  C CD1  . TRP A 1 57 ? -20.333 -0.794  -4.201  1.00 0.00   ? 57 TRP A CD1  1 
ATOM   826  C CD2  . TRP A 1 57 ? -21.405 0.585   -2.784  1.00 0.00   ? 57 TRP A CD2  1 
ATOM   827  N NE1  . TRP A 1 57 ? -21.522 -0.375  -4.772  1.00 0.00   ? 57 TRP A NE1  1 
ATOM   828  C CE2  . TRP A 1 57 ? -22.217 0.476   -3.937  1.00 0.00   ? 57 TRP A CE2  1 
ATOM   829  C CE3  . TRP A 1 57 ? -21.857 1.403   -1.732  1.00 0.00   ? 57 TRP A CE3  1 
ATOM   830  C CZ2  . TRP A 1 57 ? -23.434 1.151   -4.043  1.00 0.00   ? 57 TRP A CZ2  1 
ATOM   831  C CZ3  . TRP A 1 57 ? -23.080 2.085   -1.835  1.00 0.00   ? 57 TRP A CZ3  1 
ATOM   832  C CH2  . TRP A 1 57 ? -23.866 1.959   -2.989  1.00 0.00   ? 57 TRP A CH2  1 
ATOM   833  H H    . TRP A 1 57 ? -18.012 2.112   -3.633  1.00 0.00   ? 57 TRP A H    1 
ATOM   834  H HA   . TRP A 1 57 ? -18.950 1.647   -1.541  1.00 0.00   ? 57 TRP A HA   1 
ATOM   835  H HB2  . TRP A 1 57 ? -18.407 -1.201  -2.446  1.00 0.00   ? 57 TRP A HB2  1 
ATOM   836  H HB3  . TRP A 1 57 ? -19.429 -0.756  -1.082  1.00 0.00   ? 57 TRP A HB3  1 
ATOM   837  H HD1  . TRP A 1 57 ? -19.617 -1.461  -4.659  1.00 0.00   ? 57 TRP A HD1  1 
ATOM   838  H HE1  . TRP A 1 57 ? -21.848 -0.640  -5.657  1.00 0.00   ? 57 TRP A HE1  1 
ATOM   839  H HE3  . TRP A 1 57 ? -21.258 1.507   -0.838  1.00 0.00   ? 57 TRP A HE3  1 
ATOM   840  H HZ2  . TRP A 1 57 ? -24.035 1.051   -4.934  1.00 0.00   ? 57 TRP A HZ2  1 
ATOM   841  H HZ3  . TRP A 1 57 ? -23.416 2.710   -1.021  1.00 0.00   ? 57 TRP A HZ3  1 
ATOM   842  H HH2  . TRP A 1 57 ? -24.806 2.486   -3.062  1.00 0.00   ? 57 TRP A HH2  1 
HETATM 843  N N    . NH2 A 1 58 ? -16.410 1.728   -0.537  1.00 0.00   ? 58 NH2 A N    1 
HETATM 844  H HN1  . NH2 A 1 58 ? -16.579 2.600   -0.950  1.00 0.00   ? 58 NH2 A HN1  1 
HETATM 845  H HN2  . NH2 A 1 58 ? -15.689 1.627   0.118   1.00 0.00   ? 58 NH2 A HN2  1 
HETATM 846  C C1   . MYR A 1 1  ? 29.311  -29.839 -6.994  1.00 -10.00 ? 1  MYR A C1   2 
HETATM 847  O O1   . MYR A 1 1  ? 28.649  -30.489 -7.784  1.00 -10.00 ? 1  MYR A O1   2 
HETATM 848  C C2   . MYR A 1 1  ? 29.704  -30.422 -5.631  1.00 -10.00 ? 1  MYR A C2   2 
HETATM 849  C C3   . MYR A 1 1  ? 31.209  -30.232 -5.393  1.00 -10.00 ? 1  MYR A C3   2 
HETATM 850  C C4   . MYR A 1 1  ? 32.002  -30.887 -6.532  1.00 -10.00 ? 1  MYR A C4   2 
HETATM 851  C C5   . MYR A 1 1  ? 33.504  -30.747 -6.265  1.00 -10.00 ? 1  MYR A C5   2 
HETATM 852  C C6   . MYR A 1 1  ? 33.922  -29.278 -6.371  1.00 -10.00 ? 1  MYR A C6   2 
HETATM 853  C C7   . MYR A 1 1  ? 34.707  -28.883 -5.116  1.00 -10.00 ? 1  MYR A C7   2 
HETATM 854  C C8   . MYR A 1 1  ? 34.431  -27.417 -4.772  1.00 -10.00 ? 1  MYR A C8   2 
HETATM 855  C C9   . MYR A 1 1  ? 33.353  -27.339 -3.687  1.00 -10.00 ? 1  MYR A C9   2 
HETATM 856  C C10  . MYR A 1 1  ? 33.029  -25.873 -3.384  1.00 -10.00 ? 1  MYR A C10  2 
HETATM 857  C C11  . MYR A 1 1  ? 32.037  -25.339 -4.423  1.00 -10.00 ? 1  MYR A C11  2 
HETATM 858  C C12  . MYR A 1 1  ? 30.613  -25.396 -3.859  1.00 -10.00 ? 1  MYR A C12  2 
HETATM 859  C C13  . MYR A 1 1  ? 29.978  -24.004 -3.929  1.00 -10.00 ? 1  MYR A C13  2 
HETATM 860  C C14  . MYR A 1 1  ? 28.501  -24.092 -3.533  1.00 -10.00 ? 1  MYR A C14  2 
HETATM 861  H H21  . MYR A 1 1  ? 29.151  -29.915 -4.855  1.00 -10.00 ? 1  MYR A H21  2 
HETATM 862  H H22  . MYR A 1 1  ? 29.468  -31.477 -5.609  1.00 -10.00 ? 1  MYR A H22  2 
HETATM 863  H H31  . MYR A 1 1  ? 31.434  -29.177 -5.357  1.00 -10.00 ? 1  MYR A H31  2 
HETATM 864  H H32  . MYR A 1 1  ? 31.486  -30.690 -4.455  1.00 -10.00 ? 1  MYR A H32  2 
HETATM 865  H H41  . MYR A 1 1  ? 31.744  -31.934 -6.592  1.00 -10.00 ? 1  MYR A H41  2 
HETATM 866  H H42  . MYR A 1 1  ? 31.757  -30.403 -7.467  1.00 -10.00 ? 1  MYR A H42  2 
HETATM 867  H H51  . MYR A 1 1  ? 33.725  -31.112 -5.272  1.00 -10.00 ? 1  MYR A H51  2 
HETATM 868  H H52  . MYR A 1 1  ? 34.054  -31.328 -6.990  1.00 -10.00 ? 1  MYR A H52  2 
HETATM 869  H H61  . MYR A 1 1  ? 34.546  -29.146 -7.243  1.00 -10.00 ? 1  MYR A H61  2 
HETATM 870  H H62  . MYR A 1 1  ? 33.043  -28.654 -6.458  1.00 -10.00 ? 1  MYR A H62  2 
HETATM 871  H H71  . MYR A 1 1  ? 34.400  -29.510 -4.291  1.00 -10.00 ? 1  MYR A H71  2 
HETATM 872  H H72  . MYR A 1 1  ? 35.765  -29.017 -5.295  1.00 -10.00 ? 1  MYR A H72  2 
HETATM 873  H H81  . MYR A 1 1  ? 35.339  -26.958 -4.412  1.00 -10.00 ? 1  MYR A H81  2 
HETATM 874  H H82  . MYR A 1 1  ? 34.090  -26.896 -5.656  1.00 -10.00 ? 1  MYR A H82  2 
HETATM 875  H H91  . MYR A 1 1  ? 32.462  -27.842 -4.031  1.00 -10.00 ? 1  MYR A H91  2 
HETATM 876  H H92  . MYR A 1 1  ? 33.713  -27.820 -2.788  1.00 -10.00 ? 1  MYR A H92  2 
HETATM 877  H H101 . MYR A 1 1  ? 32.593  -25.798 -2.399  1.00 -10.00 ? 1  MYR A H101 2 
HETATM 878  H H102 . MYR A 1 1  ? 33.937  -25.287 -3.421  1.00 -10.00 ? 1  MYR A H102 2 
HETATM 879  H H111 . MYR A 1 1  ? 32.290  -24.319 -4.665  1.00 -10.00 ? 1  MYR A H111 2 
HETATM 880  H H112 . MYR A 1 1  ? 32.092  -25.944 -5.318  1.00 -10.00 ? 1  MYR A H112 2 
HETATM 881  H H121 . MYR A 1 1  ? 30.024  -26.090 -4.441  1.00 -10.00 ? 1  MYR A H121 2 
HETATM 882  H H122 . MYR A 1 1  ? 30.644  -25.724 -2.829  1.00 -10.00 ? 1  MYR A H122 2 
HETATM 883  H H131 . MYR A 1 1  ? 30.493  -23.343 -3.250  1.00 -10.00 ? 1  MYR A H131 2 
HETATM 884  H H132 . MYR A 1 1  ? 30.057  -23.620 -4.937  1.00 -10.00 ? 1  MYR A H132 2 
HETATM 885  H H141 . MYR A 1 1  ? 28.076  -25.005 -3.924  1.00 -10.00 ? 1  MYR A H141 2 
HETATM 886  H H142 . MYR A 1 1  ? 27.968  -23.244 -3.939  1.00 -10.00 ? 1  MYR A H142 2 
HETATM 887  H H143 . MYR A 1 1  ? 28.417  -24.089 -2.455  1.00 -10.00 ? 1  MYR A H143 2 
ATOM   888  N N    . GLY A 1 2  ? 29.714  -28.620 -7.273  1.00 -10.00 ? 2  GLY A N    2 
ATOM   889  C CA   . GLY A 1 2  ? 29.366  -27.988 -8.584  1.00 -10.00 ? 2  GLY A CA   2 
ATOM   890  C C    . GLY A 1 2  ? 30.447  -28.291 -9.630  1.00 -10.00 ? 2  GLY A C    2 
ATOM   891  O O    . GLY A 1 2  ? 30.152  -28.403 -10.807 1.00 -10.00 ? 2  GLY A O    2 
ATOM   892  H H    . GLY A 1 2  ? 30.247  -28.119 -6.618  1.00 0.00   ? 2  GLY A H    2 
ATOM   893  H HA2  . GLY A 1 2  ? 28.419  -28.380 -8.927  1.00 -10.00 ? 2  GLY A HA2  2 
ATOM   894  H HA3  . GLY A 1 2  ? 29.286  -26.921 -8.455  1.00 0.00   ? 2  GLY A HA3  2 
ATOM   895  N N    . GLY A 1 3  ? 31.691  -28.415 -9.215  1.00 -10.00 ? 3  GLY A N    2 
ATOM   896  C CA   . GLY A 1 3  ? 32.793  -28.696 -10.190 1.00 -10.00 ? 3  GLY A CA   2 
ATOM   897  C C    . GLY A 1 3  ? 33.010  -27.468 -11.079 1.00 -10.00 ? 3  GLY A C    2 
ATOM   898  O O    . GLY A 1 3  ? 32.109  -26.674 -11.267 1.00 -10.00 ? 3  GLY A O    2 
ATOM   899  H H    . GLY A 1 3  ? 31.901  -28.315 -8.263  1.00 0.00   ? 3  GLY A H    2 
ATOM   900  H HA2  . GLY A 1 3  ? 33.702  -28.923 -9.653  1.00 -10.00 ? 3  GLY A HA2  2 
ATOM   901  H HA3  . GLY A 1 3  ? 32.520  -29.538 -10.807 1.00 0.00   ? 3  GLY A HA3  2 
ATOM   902  N N    . LYS A 1 4  ? 34.199  -27.313 -11.628 1.00 -10.00 ? 4  LYS A N    2 
ATOM   903  C CA   . LYS A 1 4  ? 34.503  -26.131 -12.509 1.00 -10.00 ? 4  LYS A CA   2 
ATOM   904  C C    . LYS A 1 4  ? 34.153  -24.821 -11.765 1.00 -10.00 ? 4  LYS A C    2 
ATOM   905  O O    . LYS A 1 4  ? 32.998  -24.466 -11.604 1.00 -10.00 ? 4  LYS A O    2 
ATOM   906  C CB   . LYS A 1 4  ? 33.683  -26.255 -13.807 1.00 -10.00 ? 4  LYS A CB   2 
ATOM   907  C CG   . LYS A 1 4  ? 33.572  -24.893 -14.505 1.00 -10.00 ? 4  LYS A CG   2 
ATOM   908  C CD   . LYS A 1 4  ? 32.132  -24.379 -14.407 1.00 -10.00 ? 4  LYS A CD   2 
ATOM   909  C CE   . LYS A 1 4  ? 31.308  -24.920 -15.582 1.00 -10.00 ? 4  LYS A CE   2 
ATOM   910  N NZ   . LYS A 1 4  ? 30.017  -25.475 -15.083 1.00 -10.00 ? 4  LYS A NZ   2 
ATOM   911  H H    . LYS A 1 4  ? 34.898  -27.977 -11.456 1.00 0.00   ? 4  LYS A H    2 
ATOM   912  H HA   . LYS A 1 4  ? 35.555  -26.132 -12.750 1.00 -10.00 ? 4  LYS A HA   2 
ATOM   913  H HB2  . LYS A 1 4  ? 34.170  -26.957 -14.470 1.00 -10.00 ? 4  LYS A HB2  2 
ATOM   914  H HB3  . LYS A 1 4  ? 32.694  -26.616 -13.572 1.00 -10.00 ? 4  LYS A HB3  2 
ATOM   915  H HG2  . LYS A 1 4  ? 34.241  -24.189 -14.032 1.00 -10.00 ? 4  LYS A HG2  2 
ATOM   916  H HG3  . LYS A 1 4  ? 33.842  -25.000 -15.545 1.00 -10.00 ? 4  LYS A HG3  2 
ATOM   917  H HD2  . LYS A 1 4  ? 31.694  -24.712 -13.477 1.00 -10.00 ? 4  LYS A HD2  2 
ATOM   918  H HD3  . LYS A 1 4  ? 32.135  -23.300 -14.436 1.00 -10.00 ? 4  LYS A HD3  2 
ATOM   919  H HE2  . LYS A 1 4  ? 31.108  -24.120 -16.278 1.00 -10.00 ? 4  LYS A HE2  2 
ATOM   920  H HE3  . LYS A 1 4  ? 31.865  -25.700 -16.081 1.00 -10.00 ? 4  LYS A HE3  2 
ATOM   921  H HZ1  . LYS A 1 4  ? 29.384  -25.657 -15.888 1.00 -10.00 ? 4  LYS A HZ1  2 
ATOM   922  H HZ2  . LYS A 1 4  ? 29.571  -24.790 -14.438 1.00 -10.00 ? 4  LYS A HZ2  2 
ATOM   923  H HZ3  . LYS A 1 4  ? 30.192  -26.365 -14.576 1.00 -10.00 ? 4  LYS A HZ3  2 
ATOM   924  N N    . TRP A 1 5  ? 35.149  -24.108 -11.288 1.00 -10.00 ? 5  TRP A N    2 
ATOM   925  C CA   . TRP A 1 5  ? 34.867  -22.837 -10.524 1.00 -10.00 ? 5  TRP A CA   2 
ATOM   926  C C    . TRP A 1 5  ? 34.214  -21.757 -11.423 1.00 -10.00 ? 5  TRP A C    2 
ATOM   927  O O    . TRP A 1 5  ? 34.789  -21.325 -12.407 1.00 -10.00 ? 5  TRP A O    2 
ATOM   928  C CB   . TRP A 1 5  ? 36.177  -22.305 -9.935  1.00 -10.00 ? 5  TRP A CB   2 
ATOM   929  C CG   . TRP A 1 5  ? 36.333  -22.833 -8.541  1.00 -10.00 ? 5  TRP A CG   2 
ATOM   930  C CD1  . TRP A 1 5  ? 36.221  -22.095 -7.414  1.00 -10.00 ? 5  TRP A CD1  2 
ATOM   931  C CD2  . TRP A 1 5  ? 36.616  -24.199 -8.109  1.00 -10.00 ? 5  TRP A CD2  2 
ATOM   932  N NE1  . TRP A 1 5  ? 36.418  -22.917 -6.318  1.00 -10.00 ? 5  TRP A NE1  2 
ATOM   933  C CE2  . TRP A 1 5  ? 36.663  -24.223 -6.695  1.00 -10.00 ? 5  TRP A CE2  2 
ATOM   934  C CE3  . TRP A 1 5  ? 36.835  -25.408 -8.798  1.00 -10.00 ? 5  TRP A CE3  2 
ATOM   935  C CZ2  . TRP A 1 5  ? 36.916  -25.402 -5.989  1.00 -10.00 ? 5  TRP A CZ2  2 
ATOM   936  C CZ3  . TRP A 1 5  ? 37.090  -26.594 -8.091  1.00 -10.00 ? 5  TRP A CZ3  2 
ATOM   937  C CH2  . TRP A 1 5  ? 37.130  -26.591 -6.690  1.00 -10.00 ? 5  TRP A CH2  2 
ATOM   938  H H    . TRP A 1 5  ? 36.087  -24.420 -11.412 1.00 0.00   ? 5  TRP A H    2 
ATOM   939  H HA   . TRP A 1 5  ? 34.190  -23.067 -9.715  1.00 -10.00 ? 5  TRP A HA   2 
ATOM   940  H HB2  . TRP A 1 5  ? 37.007  -22.633 -10.544 1.00 -10.00 ? 5  TRP A HB2  2 
ATOM   941  H HB3  . TRP A 1 5  ? 36.151  -21.226 -9.911  1.00 -10.00 ? 5  TRP A HB3  2 
ATOM   942  H HD1  . TRP A 1 5  ? 36.010  -21.035 -7.374  1.00 -10.00 ? 5  TRP A HD1  2 
ATOM   943  H HE1  . TRP A 1 5  ? 36.390  -22.628 -5.382  1.00 -10.00 ? 5  TRP A HE1  2 
ATOM   944  H HE3  . TRP A 1 5  ? 36.809  -25.423 -9.877  1.00 -10.00 ? 5  TRP A HE3  2 
ATOM   945  H HZ2  . TRP A 1 5  ? 36.943  -25.398 -4.909  1.00 -10.00 ? 5  TRP A HZ2  2 
ATOM   946  H HZ3  . TRP A 1 5  ? 37.256  -27.516 -8.630  1.00 -10.00 ? 5  TRP A HZ3  2 
ATOM   947  H HH2  . TRP A 1 5  ? 37.328  -27.506 -6.152  1.00 -10.00 ? 5  TRP A HH2  2 
ATOM   948  N N    . SER A 1 6  ? 33.010  -21.314 -11.069 1.00 -10.00 ? 6  SER A N    2 
ATOM   949  C CA   . SER A 1 6  ? 32.294  -20.251 -11.878 1.00 -10.00 ? 6  SER A CA   2 
ATOM   950  C C    . SER A 1 6  ? 30.972  -19.824 -11.182 1.00 -10.00 ? 6  SER A C    2 
ATOM   951  O O    . SER A 1 6  ? 30.386  -20.588 -10.435 1.00 -10.00 ? 6  SER A O    2 
ATOM   952  C CB   . SER A 1 6  ? 31.976  -20.807 -13.272 1.00 -10.00 ? 6  SER A CB   2 
ATOM   953  O OG   . SER A 1 6  ? 32.158  -19.782 -14.242 1.00 -10.00 ? 6  SER A OG   2 
ATOM   954  H H    . SER A 1 6  ? 32.579  -21.676 -10.265 1.00 0.00   ? 6  SER A H    2 
ATOM   955  H HA   . SER A 1 6  ? 32.936  -19.389 -11.977 1.00 -10.00 ? 6  SER A HA   2 
ATOM   956  H HB2  . SER A 1 6  ? 32.639  -21.627 -13.496 1.00 -10.00 ? 6  SER A HB2  2 
ATOM   957  H HB3  . SER A 1 6  ? 30.954  -21.160 -13.294 1.00 -10.00 ? 6  SER A HB3  2 
ATOM   958  H HG   . SER A 1 6  ? 31.315  -19.341 -14.369 1.00 -10.00 ? 6  SER A HG   2 
ATOM   959  N N    . LYS A 1 7  ? 30.498  -18.602 -11.426 1.00 -10.00 ? 7  LYS A N    2 
ATOM   960  C CA   . LYS A 1 7  ? 29.213  -18.124 -10.777 1.00 -10.00 ? 7  LYS A CA   2 
ATOM   961  C C    . LYS A 1 7  ? 28.677  -16.840 -11.469 1.00 -10.00 ? 7  LYS A C    2 
ATOM   962  O O    . LYS A 1 7  ? 29.401  -16.148 -12.162 1.00 -10.00 ? 7  LYS A O    2 
ATOM   963  C CB   . LYS A 1 7  ? 29.480  -17.826 -9.293  1.00 -10.00 ? 7  LYS A CB   2 
ATOM   964  C CG   . LYS A 1 7  ? 28.157  -17.756 -8.518  1.00 -10.00 ? 7  LYS A CG   2 
ATOM   965  C CD   . LYS A 1 7  ? 27.426  -19.101 -8.610  1.00 -10.00 ? 7  LYS A CD   2 
ATOM   966  C CE   . LYS A 1 7  ? 26.185  -19.069 -7.715  1.00 -10.00 ? 7  LYS A CE   2 
ATOM   967  N NZ   . LYS A 1 7  ? 25.019  -18.555 -8.493  1.00 -10.00 ? 7  LYS A NZ   2 
ATOM   968  H H    . LYS A 1 7  ? 30.986  -18.004 -12.030 1.00 0.00   ? 7  LYS A H    2 
ATOM   969  H HA   . LYS A 1 7  ? 28.468  -18.901 -10.854 1.00 -10.00 ? 7  LYS A HA   2 
ATOM   970  H HB2  . LYS A 1 7  ? 30.097  -18.609 -8.875  1.00 -10.00 ? 7  LYS A HB2  2 
ATOM   971  H HB3  . LYS A 1 7  ? 29.995  -16.881 -9.204  1.00 -10.00 ? 7  LYS A HB3  2 
ATOM   972  H HG2  . LYS A 1 7  ? 28.363  -17.528 -7.482  1.00 -10.00 ? 7  LYS A HG2  2 
ATOM   973  H HG3  . LYS A 1 7  ? 27.534  -16.981 -8.938  1.00 -10.00 ? 7  LYS A HG3  2 
ATOM   974  H HD2  . LYS A 1 7  ? 27.128  -19.281 -9.632  1.00 -10.00 ? 7  LYS A HD2  2 
ATOM   975  H HD3  . LYS A 1 7  ? 28.082  -19.892 -8.281  1.00 -10.00 ? 7  LYS A HD3  2 
ATOM   976  H HE2  . LYS A 1 7  ? 25.972  -20.067 -7.362  1.00 -10.00 ? 7  LYS A HE2  2 
ATOM   977  H HE3  . LYS A 1 7  ? 26.369  -18.419 -6.873  1.00 -10.00 ? 7  LYS A HE3  2 
ATOM   978  H HZ1  . LYS A 1 7  ? 24.221  -18.383 -7.849  1.00 -10.00 ? 7  LYS A HZ1  2 
ATOM   979  H HZ2  . LYS A 1 7  ? 24.744  -19.260 -9.209  1.00 -10.00 ? 7  LYS A HZ2  2 
ATOM   980  H HZ3  . LYS A 1 7  ? 25.279  -17.665 -8.964  1.00 -10.00 ? 7  LYS A HZ3  2 
ATOM   981  N N    . SER A 1 8  ? 27.398  -16.527 -11.272 1.00 -10.00 ? 8  SER A N    2 
ATOM   982  C CA   . SER A 1 8  ? 26.777  -15.297 -11.899 1.00 -10.00 ? 8  SER A CA   2 
ATOM   983  C C    . SER A 1 8  ? 25.765  -14.640 -10.915 1.00 -10.00 ? 8  SER A C    2 
ATOM   984  O O    . SER A 1 8  ? 25.750  -14.963 -9.739  1.00 -10.00 ? 8  SER A O    2 
ATOM   985  C CB   . SER A 1 8  ? 26.051  -15.706 -13.183 1.00 -10.00 ? 8  SER A CB   2 
ATOM   986  O OG   . SER A 1 8  ? 26.143  -14.654 -14.134 1.00 -10.00 ? 8  SER A OG   2 
ATOM   987  H H    . SER A 1 8  ? 26.844  -17.109 -10.710 1.00 0.00   ? 8  SER A H    2 
ATOM   988  H HA   . SER A 1 8  ? 27.557  -14.585 -12.138 1.00 -10.00 ? 8  SER A HA   2 
ATOM   989  H HB2  . SER A 1 8  ? 26.509  -16.592 -13.592 1.00 -10.00 ? 8  SER A HB2  2 
ATOM   990  H HB3  . SER A 1 8  ? 25.012  -15.914 -12.960 1.00 -10.00 ? 8  SER A HB3  2 
ATOM   991  H HG   . SER A 1 8  ? 25.252  -14.374 -14.353 1.00 -10.00 ? 8  SER A HG   2 
ATOM   992  N N    . SER A 1 9  ? 24.921  -13.713 -11.382 1.00 -10.00 ? 9  SER A N    2 
ATOM   993  C CA   . SER A 1 9  ? 23.927  -13.045 -10.450 1.00 -10.00 ? 9  SER A CA   2 
ATOM   994  C C    . SER A 1 9  ? 22.836  -12.245 -11.219 1.00 -10.00 ? 9  SER A C    2 
ATOM   995  O O    . SER A 1 9  ? 22.883  -12.108 -12.429 1.00 -10.00 ? 9  SER A O    2 
ATOM   996  C CB   . SER A 1 9  ? 24.687  -12.093 -9.519  1.00 -10.00 ? 9  SER A CB   2 
ATOM   997  O OG   . SER A 1 9  ? 25.073  -10.922 -10.234 1.00 -10.00 ? 9  SER A OG   2 
ATOM   998  H H    . SER A 1 9  ? 24.949  -13.458 -12.329 1.00 0.00   ? 9  SER A H    2 
ATOM   999  H HA   . SER A 1 9  ? 23.443  -13.803 -9.854  1.00 -10.00 ? 9  SER A HA   2 
ATOM   1000 H HB2  . SER A 1 9  ? 24.055  -11.810 -8.693  1.00 -10.00 ? 9  SER A HB2  2 
ATOM   1001 H HB3  . SER A 1 9  ? 25.567  -12.597 -9.136  1.00 -10.00 ? 9  SER A HB3  2 
ATOM   1002 H HG   . SER A 1 9  ? 24.385  -10.263 -10.119 1.00 -10.00 ? 9  SER A HG   2 
ATOM   1003 N N    . VAL A 1 10 ? 21.854  -11.717 -10.490 1.00 -10.00 ? 10 VAL A N    2 
ATOM   1004 C CA   . VAL A 1 10 ? 20.734  -10.912 -11.112 1.00 -10.00 ? 10 VAL A CA   2 
ATOM   1005 C C    . VAL A 1 10 ? 20.735  -9.468  -10.541 1.00 -10.00 ? 10 VAL A C    2 
ATOM   1006 O O    . VAL A 1 10 ? 21.629  -9.089  -9.805  1.00 -10.00 ? 10 VAL A O    2 
ATOM   1007 C CB   . VAL A 1 10 ? 19.388  -11.614 -10.806 1.00 -10.00 ? 10 VAL A CB   2 
ATOM   1008 C CG1  . VAL A 1 10 ? 18.802  -11.126 -9.475  1.00 -10.00 ? 10 VAL A CG1  2 
ATOM   1009 C CG2  . VAL A 1 10 ? 18.385  -11.341 -11.931 1.00 -10.00 ? 10 VAL A CG2  2 
ATOM   1010 H H    . VAL A 1 10 ? 21.856  -11.853 -9.519  1.00 0.00   ? 10 VAL A H    2 
ATOM   1011 H HA   . VAL A 1 10 ? 20.877  -10.869 -12.183 1.00 -10.00 ? 10 VAL A HA   2 
ATOM   1012 H HB   . VAL A 1 10 ? 19.557  -12.677 -10.739 1.00 -10.00 ? 10 VAL A HB   2 
ATOM   1013 H HG11 . VAL A 1 10 ? 19.316  -11.608 -8.656  1.00 0.00   ? 10 VAL A HG11 2 
ATOM   1014 H HG12 . VAL A 1 10 ? 17.752  -11.376 -9.434  1.00 0.00   ? 10 VAL A HG12 2 
ATOM   1015 H HG13 . VAL A 1 10 ? 18.919  -10.056 -9.392  1.00 0.00   ? 10 VAL A HG13 2 
ATOM   1016 H HG21 . VAL A 1 10 ? 17.532  -10.809 -11.533 1.00 0.00   ? 10 VAL A HG21 2 
ATOM   1017 H HG22 . VAL A 1 10 ? 18.056  -12.279 -12.354 1.00 0.00   ? 10 VAL A HG22 2 
ATOM   1018 H HG23 . VAL A 1 10 ? 18.854  -10.745 -12.698 1.00 0.00   ? 10 VAL A HG23 2 
ATOM   1019 N N    . VAL A 1 11 ? 19.734  -8.662  -10.874 1.00 -10.00 ? 11 VAL A N    2 
ATOM   1020 C CA   . VAL A 1 11 ? 19.674  -7.245  -10.348 1.00 -10.00 ? 11 VAL A CA   2 
ATOM   1021 C C    . VAL A 1 11 ? 18.241  -6.908  -9.850  1.00 -10.00 ? 11 VAL A C    2 
ATOM   1022 O O    . VAL A 1 11 ? 17.322  -7.693  -10.012 1.00 -10.00 ? 11 VAL A O    2 
ATOM   1023 C CB   . VAL A 1 11 ? 20.102  -6.268  -11.460 1.00 -10.00 ? 11 VAL A CB   2 
ATOM   1024 C CG1  . VAL A 1 11 ? 18.916  -5.932  -12.371 1.00 -10.00 ? 11 VAL A CG1  2 
ATOM   1025 C CG2  . VAL A 1 11 ? 20.641  -4.978  -10.830 1.00 -10.00 ? 11 VAL A CG2  2 
ATOM   1026 H H    . VAL A 1 11 ? 19.025  -8.991  -11.465 1.00 0.00   ? 11 VAL A H    2 
ATOM   1027 H HA   . VAL A 1 11 ? 20.360  -7.155  -9.518  1.00 -10.00 ? 11 VAL A HA   2 
ATOM   1028 H HB   . VAL A 1 11 ? 20.881  -6.724  -12.048 1.00 -10.00 ? 11 VAL A HB   2 
ATOM   1029 H HG11 . VAL A 1 11 ? 18.279  -5.208  -11.884 1.00 0.00   ? 11 VAL A HG11 2 
ATOM   1030 H HG12 . VAL A 1 11 ? 18.351  -6.829  -12.573 1.00 0.00   ? 11 VAL A HG12 2 
ATOM   1031 H HG13 . VAL A 1 11 ? 19.281  -5.521  -13.301 1.00 0.00   ? 11 VAL A HG13 2 
ATOM   1032 H HG21 . VAL A 1 11 ? 20.907  -5.163  -9.799  1.00 0.00   ? 11 VAL A HG21 2 
ATOM   1033 H HG22 . VAL A 1 11 ? 19.883  -4.210  -10.873 1.00 0.00   ? 11 VAL A HG22 2 
ATOM   1034 H HG23 . VAL A 1 11 ? 21.515  -4.651  -11.373 1.00 0.00   ? 11 VAL A HG23 2 
ATOM   1035 N N    . GLY A 1 12 ? 18.056  -5.748  -9.233  1.00 -10.00 ? 12 GLY A N    2 
ATOM   1036 C CA   . GLY A 1 12 ? 16.692  -5.356  -8.704  1.00 -10.00 ? 12 GLY A CA   2 
ATOM   1037 C C    . GLY A 1 12 ? 16.333  -3.895  -9.076  1.00 -10.00 ? 12 GLY A C    2 
ATOM   1038 O O    . GLY A 1 12 ? 16.935  -3.304  -9.955  1.00 -10.00 ? 12 GLY A O    2 
ATOM   1039 H H    . GLY A 1 12 ? 18.817  -5.143  -9.109  1.00 0.00   ? 12 GLY A H    2 
ATOM   1040 H HA2  . GLY A 1 12 ? 15.948  -6.018  -9.121  1.00 -10.00 ? 12 GLY A HA2  2 
ATOM   1041 H HA3  . GLY A 1 12 ? 16.689  -5.455  -7.630  1.00 0.00   ? 12 GLY A HA3  2 
ATOM   1042 N N    . TRP A 1 13 ? 15.329  -3.319  -8.411  1.00 -10.00 ? 13 TRP A N    2 
ATOM   1043 C CA   . TRP A 1 13 ? 14.897  -1.903  -8.727  1.00 -10.00 ? 13 TRP A CA   2 
ATOM   1044 C C    . TRP A 1 13 ? 14.256  -1.205  -7.486  1.00 -10.00 ? 13 TRP A C    2 
ATOM   1045 O O    . TRP A 1 13 ? 13.193  -1.598  -7.046  1.00 -10.00 ? 13 TRP A O    2 
ATOM   1046 C CB   . TRP A 1 13 ? 13.865  -1.934  -9.876  1.00 -10.00 ? 13 TRP A CB   2 
ATOM   1047 C CG   . TRP A 1 13 ? 12.771  -2.926  -9.581  1.00 -10.00 ? 13 TRP A CG   2 
ATOM   1048 C CD1  . TRP A 1 13 ? 11.561  -2.617  -9.054  1.00 -10.00 ? 13 TRP A CD1  2 
ATOM   1049 C CD2  . TRP A 1 13 ? 12.765  -4.371  -9.794  1.00 -10.00 ? 13 TRP A CD2  2 
ATOM   1050 N NE1  . TRP A 1 13 ? 10.820  -3.779  -8.922  1.00 -10.00 ? 13 TRP A NE1  2 
ATOM   1051 C CE2  . TRP A 1 13 ? 11.517  -4.885  -9.366  1.00 -10.00 ? 13 TRP A CE2  2 
ATOM   1052 C CE3  . TRP A 1 13 ? 13.712  -5.275  -10.308 1.00 -10.00 ? 13 TRP A CE3  2 
ATOM   1053 C CZ2  . TRP A 1 13 ? 11.221  -6.249  -9.446  1.00 -10.00 ? 13 TRP A CZ2  2 
ATOM   1054 C CZ3  . TRP A 1 13 ? 13.417  -6.646  -10.391 1.00 -10.00 ? 13 TRP A CZ3  2 
ATOM   1055 C CH2  . TRP A 1 13 ? 12.175  -7.132  -9.960  1.00 -10.00 ? 13 TRP A CH2  2 
ATOM   1056 H H    . TRP A 1 13 ? 14.854  -3.827  -7.720  1.00 0.00   ? 13 TRP A H    2 
ATOM   1057 H HA   . TRP A 1 13 ? 15.755  -1.336  -9.050  1.00 -10.00 ? 13 TRP A HA   2 
ATOM   1058 H HB2  . TRP A 1 13 ? 13.433  -0.953  -9.994  1.00 -10.00 ? 13 TRP A HB2  2 
ATOM   1059 H HB3  . TRP A 1 13 ? 14.362  -2.215  -10.793 1.00 -10.00 ? 13 TRP A HB3  2 
ATOM   1060 H HD1  . TRP A 1 13 ? 11.231  -1.628  -8.773  1.00 -10.00 ? 13 TRP A HD1  2 
ATOM   1061 H HE1  . TRP A 1 13 ? 9.908   -3.830  -8.562  1.00 -10.00 ? 13 TRP A HE1  2 
ATOM   1062 H HE3  . TRP A 1 13 ? 14.672  -4.913  -10.644 1.00 -10.00 ? 13 TRP A HE3  2 
ATOM   1063 H HZ2  . TRP A 1 13 ? 10.262  -6.617  -9.113  1.00 -10.00 ? 13 TRP A HZ2  2 
ATOM   1064 H HZ3  . TRP A 1 13 ? 14.152  -7.331  -10.787 1.00 -10.00 ? 13 TRP A HZ3  2 
ATOM   1065 H HH2  . TRP A 1 13 ? 11.954  -8.188  -10.027 1.00 -10.00 ? 13 TRP A HH2  2 
ATOM   1066 N N    . PRO A 1 14 ? 14.922  -0.175  -6.965  1.00 -10.00 ? 14 PRO A N    2 
ATOM   1067 C CA   . PRO A 1 14 ? 14.429  0.612   -5.797  1.00 -10.00 ? 14 PRO A CA   2 
ATOM   1068 C C    . PRO A 1 14 ? 13.503  1.771   -6.254  1.00 -10.00 ? 14 PRO A C    2 
ATOM   1069 O O    . PRO A 1 14 ? 13.972  2.818   -6.669  1.00 -10.00 ? 14 PRO A O    2 
ATOM   1070 C CB   . PRO A 1 14 ? 15.720  1.184   -5.200  1.00 -10.00 ? 14 PRO A CB   2 
ATOM   1071 C CG   . PRO A 1 14 ? 16.762  1.212   -6.351  1.00 -10.00 ? 14 PRO A CG   2 
ATOM   1072 C CD   . PRO A 1 14 ? 16.238  0.278   -7.463  1.00 -10.00 ? 14 PRO A CD   2 
ATOM   1073 H HA   . PRO A 1 14 ? 13.936  -0.021  -5.080  1.00 -10.00 ? 14 PRO A HA   2 
ATOM   1074 H HB2  . PRO A 1 14 ? 15.543  2.186   -4.830  1.00 -10.00 ? 14 PRO A HB2  2 
ATOM   1075 H HB3  . PRO A 1 14 ? 16.077  0.550   -4.404  1.00 -10.00 ? 14 PRO A HB3  2 
ATOM   1076 H HG2  . PRO A 1 14 ? 16.862  2.220   -6.731  1.00 -10.00 ? 14 PRO A HG2  2 
ATOM   1077 H HG3  . PRO A 1 14 ? 17.715  0.855   -5.995  1.00 -10.00 ? 14 PRO A HG3  2 
ATOM   1078 H HD2  . PRO A 1 14 ? 16.128  0.822   -8.391  1.00 -10.00 ? 14 PRO A HD2  2 
ATOM   1079 H HD3  . PRO A 1 14 ? 16.899  -0.565  -7.590  1.00 -10.00 ? 14 PRO A HD3  2 
ATOM   1080 N N    . ALA A 1 15 ? 12.199  1.585   -6.203  1.00 -10.00 ? 15 ALA A N    2 
ATOM   1081 C CA   . ALA A 1 15 ? 11.246  2.664   -6.654  1.00 -10.00 ? 15 ALA A CA   2 
ATOM   1082 C C    . ALA A 1 15 ? 10.788  3.595   -5.504  1.00 -10.00 ? 15 ALA A C    2 
ATOM   1083 O O    . ALA A 1 15 ? 10.795  4.804   -5.639  1.00 -10.00 ? 15 ALA A O    2 
ATOM   1084 C CB   . ALA A 1 15 ? 10.014  2.008   -7.285  1.00 -10.00 ? 15 ALA A CB   2 
ATOM   1085 H H    . ALA A 1 15 ? 11.843  0.729   -5.879  1.00 0.00   ? 15 ALA A H    2 
ATOM   1086 H HA   . ALA A 1 15 ? 11.734  3.263   -7.404  1.00 -10.00 ? 15 ALA A HA   2 
ATOM   1087 H HB1  . ALA A 1 15 ? 9.158   2.655   -7.166  1.00 -10.00 ? 15 ALA A HB1  2 
ATOM   1088 H HB2  . ALA A 1 15 ? 9.821   1.062   -6.799  1.00 -10.00 ? 15 ALA A HB2  2 
ATOM   1089 H HB3  . ALA A 1 15 ? 10.194  1.840   -8.336  1.00 -10.00 ? 15 ALA A HB3  2 
ATOM   1090 N N    . VAL A 1 16 ? 10.329  3.028   -4.411  1.00 -10.00 ? 16 VAL A N    2 
ATOM   1091 C CA   . VAL A 1 16 ? 9.782   3.839   -3.255  1.00 -10.00 ? 16 VAL A CA   2 
ATOM   1092 C C    . VAL A 1 16 ? 10.781  4.875   -2.691  1.00 -10.00 ? 16 VAL A C    2 
ATOM   1093 O O    . VAL A 1 16 ? 10.378  5.803   -2.012  1.00 -10.00 ? 16 VAL A O    2 
ATOM   1094 C CB   . VAL A 1 16 ? 9.349   2.876   -2.138  1.00 -10.00 ? 16 VAL A CB   2 
ATOM   1095 C CG1  . VAL A 1 16 ? 10.537  2.540   -1.228  1.00 -10.00 ? 16 VAL A CG1  2 
ATOM   1096 C CG2  . VAL A 1 16 ? 8.237   3.526   -1.307  1.00 -10.00 ? 16 VAL A CG2  2 
ATOM   1097 H H    . VAL A 1 16 ? 10.296  2.051   -4.364  1.00 0.00   ? 16 VAL A H    2 
ATOM   1098 H HA   . VAL A 1 16 ? 8.907   4.369   -3.602  1.00 -10.00 ? 16 VAL A HA   2 
ATOM   1099 H HB   . VAL A 1 16 ? 8.977   1.966   -2.583  1.00 -10.00 ? 16 VAL A HB   2 
ATOM   1100 H HG11 . VAL A 1 16 ? 10.284  1.695   -0.604  1.00 0.00   ? 16 VAL A HG11 2 
ATOM   1101 H HG12 . VAL A 1 16 ? 10.767  3.391   -0.604  1.00 0.00   ? 16 VAL A HG12 2 
ATOM   1102 H HG13 . VAL A 1 16 ? 11.397  2.295   -1.834  1.00 0.00   ? 16 VAL A HG13 2 
ATOM   1103 H HG21 . VAL A 1 16 ? 7.689   2.762   -0.778  1.00 0.00   ? 16 VAL A HG21 2 
ATOM   1104 H HG22 . VAL A 1 16 ? 7.565   4.062   -1.962  1.00 0.00   ? 16 VAL A HG22 2 
ATOM   1105 H HG23 . VAL A 1 16 ? 8.672   4.215   -0.597  1.00 0.00   ? 16 VAL A HG23 2 
ATOM   1106 N N    . ARG A 1 17 ? 12.058  4.711   -2.924  1.00 -10.00 ? 17 ARG A N    2 
ATOM   1107 C CA   . ARG A 1 17 ? 13.082  5.667   -2.365  1.00 -10.00 ? 17 ARG A CA   2 
ATOM   1108 C C    . ARG A 1 17 ? 12.678  7.150   -2.549  1.00 -10.00 ? 17 ARG A C    2 
ATOM   1109 O O    . ARG A 1 17 ? 12.992  7.978   -1.713  1.00 -10.00 ? 17 ARG A O    2 
ATOM   1110 C CB   . ARG A 1 17 ? 14.420  5.428   -3.074  1.00 -10.00 ? 17 ARG A CB   2 
ATOM   1111 C CG   . ARG A 1 17 ? 15.522  6.249   -2.394  1.00 -10.00 ? 17 ARG A CG   2 
ATOM   1112 C CD   . ARG A 1 17 ? 15.816  7.511   -3.218  1.00 -10.00 ? 17 ARG A CD   2 
ATOM   1113 N NE   . ARG A 1 17 ? 15.536  8.725   -2.393  1.00 -10.00 ? 17 ARG A NE   2 
ATOM   1114 C CZ   . ARG A 1 17 ? 15.939  9.903   -2.797  1.00 -10.00 ? 17 ARG A CZ   2 
ATOM   1115 N NH1  . ARG A 1 17 ? 15.164  10.636  -3.556  1.00 -10.00 ? 17 ARG A NH1  2 
ATOM   1116 N NH2  . ARG A 1 17 ? 17.111  10.353  -2.432  1.00 -10.00 ? 17 ARG A NH2  2 
ATOM   1117 H H    . ARG A 1 17 ? 12.357  3.938   -3.448  1.00 0.00   ? 17 ARG A H    2 
ATOM   1118 H HA   . ARG A 1 17 ? 13.207  5.466   -1.312  1.00 -10.00 ? 17 ARG A HA   2 
ATOM   1119 H HB2  . ARG A 1 17 ? 14.671  4.378   -3.023  1.00 -10.00 ? 17 ARG A HB2  2 
ATOM   1120 H HB3  . ARG A 1 17 ? 14.338  5.727   -4.108  1.00 -10.00 ? 17 ARG A HB3  2 
ATOM   1121 H HG2  . ARG A 1 17 ? 15.197  6.532   -1.403  1.00 -10.00 ? 17 ARG A HG2  2 
ATOM   1122 H HG3  . ARG A 1 17 ? 16.420  5.653   -2.320  1.00 -10.00 ? 17 ARG A HG3  2 
ATOM   1123 H HD2  . ARG A 1 17 ? 16.855  7.509   -3.516  1.00 -10.00 ? 17 ARG A HD2  2 
ATOM   1124 H HD3  . ARG A 1 17 ? 15.191  7.521   -4.098  1.00 -10.00 ? 17 ARG A HD3  2 
ATOM   1125 H HE   . ARG A 1 17 ? 15.049  8.640   -1.548  1.00 -10.00 ? 17 ARG A HE   2 
ATOM   1126 H HH11 . ARG A 1 17 ? 14.265  10.296  -3.830  1.00 0.00   ? 17 ARG A HH11 2 
ATOM   1127 H HH12 . ARG A 1 17 ? 15.471  11.538  -3.863  1.00 0.00   ? 17 ARG A HH12 2 
ATOM   1128 H HH21 . ARG A 1 17 ? 17.700  9.797   -1.845  1.00 0.00   ? 17 ARG A HH21 2 
ATOM   1129 H HH22 . ARG A 1 17 ? 17.421  11.256  -2.738  1.00 0.00   ? 17 ARG A HH22 2 
ATOM   1130 N N    . GLU A 1 18 ? 12.034  7.498   -3.642  1.00 -10.00 ? 18 GLU A N    2 
ATOM   1131 C CA   . GLU A 1 18 ? 11.667  8.937   -3.899  1.00 -10.00 ? 18 GLU A CA   2 
ATOM   1132 C C    . GLU A 1 18 ? 10.876  9.579   -2.736  1.00 -10.00 ? 18 GLU A C    2 
ATOM   1133 O O    . GLU A 1 18 ? 11.382  10.458  -2.060  1.00 -10.00 ? 18 GLU A O    2 
ATOM   1134 C CB   . GLU A 1 18 ? 10.832  9.025   -5.183  1.00 -10.00 ? 18 GLU A CB   2 
ATOM   1135 C CG   . GLU A 1 18 ? 11.217  10.289  -5.964  1.00 -10.00 ? 18 GLU A CG   2 
ATOM   1136 C CD   . GLU A 1 18 ? 10.842  11.538  -5.159  1.00 -10.00 ? 18 GLU A CD   2 
ATOM   1137 O OE1  . GLU A 1 18 ? 9.667   11.875  -5.134  1.00 -10.00 ? 18 GLU A OE1  2 
ATOM   1138 O OE2  . GLU A 1 18 ? 11.734  12.139  -4.580  1.00 -10.00 ? 18 GLU A OE2  2 
ATOM   1139 H H    . GLU A 1 18 ? 11.822  6.818   -4.316  1.00 0.00   ? 18 GLU A H    2 
ATOM   1140 H HA   . GLU A 1 18 ? 12.575  9.500   -4.045  1.00 -10.00 ? 18 GLU A HA   2 
ATOM   1141 H HB2  . GLU A 1 18 ? 11.018  8.154   -5.793  1.00 -10.00 ? 18 GLU A HB2  2 
ATOM   1142 H HB3  . GLU A 1 18 ? 9.783   9.069   -4.931  1.00 -10.00 ? 18 GLU A HB3  2 
ATOM   1143 H HG2  . GLU A 1 18 ? 12.282  10.285  -6.149  1.00 -10.00 ? 18 GLU A HG2  2 
ATOM   1144 H HG3  . GLU A 1 18 ? 10.692  10.301  -6.908  1.00 -10.00 ? 18 GLU A HG3  2 
ATOM   1145 N N    . ARG A 1 19 ? 9.638   9.188   -2.525  1.00 -10.00 ? 19 ARG A N    2 
ATOM   1146 C CA   . ARG A 1 19 ? 8.812   9.819   -1.435  1.00 -10.00 ? 19 ARG A CA   2 
ATOM   1147 C C    . ARG A 1 19 ? 9.279   9.382   -0.030  1.00 -10.00 ? 19 ARG A C    2 
ATOM   1148 O O    . ARG A 1 19 ? 8.937   10.011  0.958   1.00 -10.00 ? 19 ARG A O    2 
ATOM   1149 C CB   . ARG A 1 19 ? 7.335   9.442   -1.634  1.00 -10.00 ? 19 ARG A CB   2 
ATOM   1150 C CG   . ARG A 1 19 ? 7.095   7.993   -1.196  1.00 -10.00 ? 19 ARG A CG   2 
ATOM   1151 C CD   . ARG A 1 19 ? 6.544   7.978   0.232   1.00 -10.00 ? 19 ARG A CD   2 
ATOM   1152 N NE   . ARG A 1 19 ? 5.080   7.697   0.202   1.00 -10.00 ? 19 ARG A NE   2 
ATOM   1153 C CZ   . ARG A 1 19 ? 4.520   7.049   1.187   1.00 -10.00 ? 19 ARG A CZ   2 
ATOM   1154 N NH1  . ARG A 1 19 ? 4.570   5.744   1.222   1.00 -10.00 ? 19 ARG A NH1  2 
ATOM   1155 N NH2  . ARG A 1 19 ? 3.908   7.708   2.139   1.00 -10.00 ? 19 ARG A NH2  2 
ATOM   1156 H H    . ARG A 1 19 ? 9.239   8.501   -3.099  1.00 0.00   ? 19 ARG A H    2 
ATOM   1157 H HA   . ARG A 1 19 ? 8.905   10.893  -1.511  1.00 -10.00 ? 19 ARG A HA   2 
ATOM   1158 H HB2  . ARG A 1 19 ? 6.716   10.102  -1.046  1.00 -10.00 ? 19 ARG A HB2  2 
ATOM   1159 H HB3  . ARG A 1 19 ? 7.078   9.547   -2.678  1.00 -10.00 ? 19 ARG A HB3  2 
ATOM   1160 H HG2  . ARG A 1 19 ? 6.385   7.528   -1.865  1.00 -10.00 ? 19 ARG A HG2  2 
ATOM   1161 H HG3  . ARG A 1 19 ? 8.027   7.449   -1.227  1.00 -10.00 ? 19 ARG A HG3  2 
ATOM   1162 H HD2  . ARG A 1 19 ? 7.046   7.211   0.803   1.00 -10.00 ? 19 ARG A HD2  2 
ATOM   1163 H HD3  . ARG A 1 19 ? 6.715   8.939   0.695   1.00 -10.00 ? 19 ARG A HD3  2 
ATOM   1164 H HE   . ARG A 1 19 ? 4.537   8.001   -0.556  1.00 -10.00 ? 19 ARG A HE   2 
ATOM   1165 H HH11 . ARG A 1 19 ? 5.037   5.243   0.494   1.00 0.00   ? 19 ARG A HH11 2 
ATOM   1166 H HH12 . ARG A 1 19 ? 4.144   5.245   1.977   1.00 0.00   ? 19 ARG A HH12 2 
ATOM   1167 H HH21 . ARG A 1 19 ? 3.869   8.707   2.110   1.00 0.00   ? 19 ARG A HH21 2 
ATOM   1168 H HH22 . ARG A 1 19 ? 3.480   7.213   2.897   1.00 0.00   ? 19 ARG A HH22 2 
ATOM   1169 N N    . MET A 1 20 ? 10.028  8.308   0.067   1.00 -10.00 ? 20 MET A N    2 
ATOM   1170 C CA   . MET A 1 20 ? 10.499  7.803   1.401   1.00 -10.00 ? 20 MET A CA   2 
ATOM   1171 C C    . MET A 1 20 ? 11.187  8.907   2.228   1.00 -10.00 ? 20 MET A C    2 
ATOM   1172 O O    . MET A 1 20 ? 11.094  8.917   3.442   1.00 -10.00 ? 20 MET A O    2 
ATOM   1173 C CB   . MET A 1 20 ? 11.490  6.655   1.181   1.00 -10.00 ? 20 MET A CB   2 
ATOM   1174 C CG   . MET A 1 20 ? 11.574  5.799   2.445   1.00 -10.00 ? 20 MET A CG   2 
ATOM   1175 S SD   . MET A 1 20 ? 12.753  4.451   2.184   1.00 -10.00 ? 20 MET A SD   2 
ATOM   1176 C CE   . MET A 1 20 ? 14.258  5.458   2.143   1.00 -10.00 ? 20 MET A CE   2 
ATOM   1177 H H    . MET A 1 20 ? 10.270  7.816   -0.745  1.00 0.00   ? 20 MET A H    2 
ATOM   1178 H HA   . MET A 1 20 ? 9.650   7.428   1.954   1.00 -10.00 ? 20 MET A HA   2 
ATOM   1179 H HB2  . MET A 1 20 ? 11.158  6.045   0.355   1.00 -10.00 ? 20 MET A HB2  2 
ATOM   1180 H HB3  . MET A 1 20 ? 12.465  7.061   0.960   1.00 -10.00 ? 20 MET A HB3  2 
ATOM   1181 H HG2  . MET A 1 20 ? 11.901  6.410   3.274   1.00 -10.00 ? 20 MET A HG2  2 
ATOM   1182 H HG3  . MET A 1 20 ? 10.600  5.387   2.665   1.00 -10.00 ? 20 MET A HG3  2 
ATOM   1183 H HE1  . MET A 1 20 ? 14.047  6.439   2.549   1.00 -10.00 ? 20 MET A HE1  2 
ATOM   1184 H HE2  . MET A 1 20 ? 14.596  5.561   1.124   1.00 -10.00 ? 20 MET A HE2  2 
ATOM   1185 H HE3  . MET A 1 20 ? 15.028  4.978   2.730   1.00 -10.00 ? 20 MET A HE3  2 
ATOM   1186 N N    . ARG A 1 21 ? 11.896  9.811   1.589   1.00 -10.00 ? 21 ARG A N    2 
ATOM   1187 C CA   . ARG A 1 21 ? 12.617  10.888  2.347   1.00 -10.00 ? 21 ARG A CA   2 
ATOM   1188 C C    . ARG A 1 21 ? 11.665  12.005  2.803   1.00 -10.00 ? 21 ARG A C    2 
ATOM   1189 O O    . ARG A 1 21 ? 11.838  12.568  3.869   1.00 -10.00 ? 21 ARG A O    2 
ATOM   1190 C CB   . ARG A 1 21 ? 13.701  11.496  1.450   1.00 -10.00 ? 21 ARG A CB   2 
ATOM   1191 C CG   . ARG A 1 21 ? 14.861  12.006  2.314   1.00 -10.00 ? 21 ARG A CG   2 
ATOM   1192 C CD   . ARG A 1 21 ? 14.700  13.511  2.561   1.00 -10.00 ? 21 ARG A CD   2 
ATOM   1193 N NE   . ARG A 1 21 ? 15.709  13.963  3.562   1.00 -10.00 ? 21 ARG A NE   2 
ATOM   1194 C CZ   . ARG A 1 21 ? 15.393  14.029  4.830   1.00 -10.00 ? 21 ARG A CZ   2 
ATOM   1195 N NH1  . ARG A 1 21 ? 14.742  15.065  5.290   1.00 -10.00 ? 21 ARG A NH1  2 
ATOM   1196 N NH2  . ARG A 1 21 ? 15.732  13.059  5.639   1.00 -10.00 ? 21 ARG A NH2  2 
ATOM   1197 H H    . ARG A 1 21 ? 11.973  9.768   0.614   1.00 0.00   ? 21 ARG A H    2 
ATOM   1198 H HA   . ARG A 1 21 ? 13.085  10.451  3.214   1.00 -10.00 ? 21 ARG A HA   2 
ATOM   1199 H HB2  . ARG A 1 21 ? 14.066  10.742  0.766   1.00 -10.00 ? 21 ARG A HB2  2 
ATOM   1200 H HB3  . ARG A 1 21 ? 13.285  12.318  0.889   1.00 -10.00 ? 21 ARG A HB3  2 
ATOM   1201 H HG2  . ARG A 1 21 ? 14.860  11.485  3.261   1.00 -10.00 ? 21 ARG A HG2  2 
ATOM   1202 H HG3  . ARG A 1 21 ? 15.795  11.827  1.803   1.00 -10.00 ? 21 ARG A HG3  2 
ATOM   1203 H HD2  . ARG A 1 21 ? 14.846  14.045  1.636   1.00 -10.00 ? 21 ARG A HD2  2 
ATOM   1204 H HD3  . ARG A 1 21 ? 13.706  13.710  2.937   1.00 -10.00 ? 21 ARG A HD3  2 
ATOM   1205 H HE   . ARG A 1 21 ? 16.611  14.211  3.269   1.00 -10.00 ? 21 ARG A HE   2 
ATOM   1206 H HH11 . ARG A 1 21 ? 14.484  15.809  4.672   1.00 0.00   ? 21 ARG A HH11 2 
ATOM   1207 H HH12 . ARG A 1 21 ? 14.501  15.116  6.259   1.00 0.00   ? 21 ARG A HH12 2 
ATOM   1208 H HH21 . ARG A 1 21 ? 16.231  12.267  5.288   1.00 0.00   ? 21 ARG A HH21 2 
ATOM   1209 H HH22 . ARG A 1 21 ? 15.492  13.108  6.608   1.00 0.00   ? 21 ARG A HH22 2 
ATOM   1210 N N    . ARG A 1 22 ? 10.689  12.350  1.998   1.00 -10.00 ? 22 ARG A N    2 
ATOM   1211 C CA   . ARG A 1 22 ? 9.749   13.460  2.372   1.00 -10.00 ? 22 ARG A CA   2 
ATOM   1212 C C    . ARG A 1 22 ? 8.921   13.095  3.612   1.00 -10.00 ? 22 ARG A C    2 
ATOM   1213 O O    . ARG A 1 22 ? 8.875   13.849  4.566   1.00 -10.00 ? 22 ARG A O    2 
ATOM   1214 C CB   . ARG A 1 22 ? 8.814   13.763  1.193   1.00 -10.00 ? 22 ARG A CB   2 
ATOM   1215 C CG   . ARG A 1 22 ? 7.957   14.994  1.511   1.00 -10.00 ? 22 ARG A CG   2 
ATOM   1216 C CD   . ARG A 1 22 ? 8.842   16.245  1.570   1.00 -10.00 ? 22 ARG A CD   2 
ATOM   1217 N NE   . ARG A 1 22 ? 8.353   17.161  2.642   1.00 -10.00 ? 22 ARG A NE   2 
ATOM   1218 C CZ   . ARG A 1 22 ? 8.557   16.869  3.902   1.00 -10.00 ? 22 ARG A CZ   2 
ATOM   1219 N NH1  . ARG A 1 22 ? 9.760   16.958  4.407   1.00 -10.00 ? 22 ARG A NH1  2 
ATOM   1220 N NH2  . ARG A 1 22 ? 7.553   16.497  4.655   1.00 -10.00 ? 22 ARG A NH2  2 
ATOM   1221 H H    . ARG A 1 22 ? 10.588  11.895  1.138   1.00 0.00   ? 22 ARG A H    2 
ATOM   1222 H HA   . ARG A 1 22 ? 10.327  14.341  2.591   1.00 -10.00 ? 22 ARG A HA   2 
ATOM   1223 H HB2  . ARG A 1 22 ? 9.404   13.956  0.309   1.00 -10.00 ? 22 ARG A HB2  2 
ATOM   1224 H HB3  . ARG A 1 22 ? 8.170   12.917  1.016   1.00 -10.00 ? 22 ARG A HB3  2 
ATOM   1225 H HG2  . ARG A 1 22 ? 7.211   15.118  0.741   1.00 -10.00 ? 22 ARG A HG2  2 
ATOM   1226 H HG3  . ARG A 1 22 ? 7.470   14.857  2.465   1.00 -10.00 ? 22 ARG A HG3  2 
ATOM   1227 H HD2  . ARG A 1 22 ? 9.862   15.957  1.780   1.00 -10.00 ? 22 ARG A HD2  2 
ATOM   1228 H HD3  . ARG A 1 22 ? 8.804   16.755  0.617   1.00 -10.00 ? 22 ARG A HD3  2 
ATOM   1229 H HE   . ARG A 1 22 ? 7.879   17.985  2.402   1.00 -10.00 ? 22 ARG A HE   2 
ATOM   1230 H HH11 . ARG A 1 22 ? 10.524  17.248  3.831   1.00 0.00   ? 22 ARG A HH11 2 
ATOM   1231 H HH12 . ARG A 1 22 ? 9.917   16.735  5.370   1.00 0.00   ? 22 ARG A HH12 2 
ATOM   1232 H HH21 . ARG A 1 22 ? 6.633   16.434  4.268   1.00 0.00   ? 22 ARG A HH21 2 
ATOM   1233 H HH22 . ARG A 1 22 ? 7.705   16.275  5.620   1.00 0.00   ? 22 ARG A HH22 2 
ATOM   1234 N N    . ALA A 1 23 ? 8.268   11.953  3.601   1.00 -10.00 ? 23 ALA A N    2 
ATOM   1235 C CA   . ALA A 1 23 ? 7.423   11.527  4.771   1.00 -10.00 ? 23 ALA A CA   2 
ATOM   1236 C C    . ALA A 1 23 ? 6.417   12.640  5.150   1.00 -10.00 ? 23 ALA A C    2 
ATOM   1237 O O    . ALA A 1 23 ? 6.248   13.609  4.430   1.00 -10.00 ? 23 ALA A O    2 
ATOM   1238 C CB   . ALA A 1 23 ? 8.340   11.224  5.962   1.00 -10.00 ? 23 ALA A CB   2 
ATOM   1239 H H    . ALA A 1 23 ? 8.329   11.373  2.815   1.00 0.00   ? 23 ALA A H    2 
ATOM   1240 H HA   . ALA A 1 23 ? 6.877   10.632  4.507   1.00 -10.00 ? 23 ALA A HA   2 
ATOM   1241 H HB1  . ALA A 1 23 ? 7.978   10.349  6.483   1.00 -10.00 ? 23 ALA A HB1  2 
ATOM   1242 H HB2  . ALA A 1 23 ? 8.347   12.069  6.637   1.00 -10.00 ? 23 ALA A HB2  2 
ATOM   1243 H HB3  . ALA A 1 23 ? 9.343   11.040  5.604   1.00 -10.00 ? 23 ALA A HB3  2 
ATOM   1244 N N    . GLU A 1 24 ? 5.733   12.492  6.268   1.00 -10.00 ? 24 GLU A N    2 
ATOM   1245 C CA   . GLU A 1 24 ? 4.730   13.523  6.688   1.00 -10.00 ? 24 GLU A CA   2 
ATOM   1246 C C    . GLU A 1 24 ? 5.323   14.418  7.789   1.00 -10.00 ? 24 GLU A C    2 
ATOM   1247 O O    . GLU A 1 24 ? 5.831   13.918  8.778   1.00 -10.00 ? 24 GLU A O    2 
ATOM   1248 C CB   . GLU A 1 24 ? 3.482   12.818  7.228   1.00 -10.00 ? 24 GLU A CB   2 
ATOM   1249 C CG   . GLU A 1 24 ? 2.426   12.724  6.121   1.00 -10.00 ? 24 GLU A CG   2 
ATOM   1250 C CD   . GLU A 1 24 ? 1.090   12.269  6.718   1.00 -10.00 ? 24 GLU A CD   2 
ATOM   1251 O OE1  . GLU A 1 24 ? 0.331   13.124  7.146   1.00 -10.00 ? 24 GLU A OE1  2 
ATOM   1252 O OE2  . GLU A 1 24 ? 0.846   11.073  6.736   1.00 -10.00 ? 24 GLU A OE2  2 
ATOM   1253 H H    . GLU A 1 24 ? 5.869   11.698  6.823   1.00 0.00   ? 24 GLU A H    2 
ATOM   1254 H HA   . GLU A 1 24 ? 4.459   14.124  5.837   1.00 -10.00 ? 24 GLU A HA   2 
ATOM   1255 H HB2  . GLU A 1 24 ? 3.748   11.825  7.559   1.00 -10.00 ? 24 GLU A HB2  2 
ATOM   1256 H HB3  . GLU A 1 24 ? 3.082   13.380  8.060   1.00 -10.00 ? 24 GLU A HB3  2 
ATOM   1257 H HG2  . GLU A 1 24 ? 2.304   13.694  5.659   1.00 -10.00 ? 24 GLU A HG2  2 
ATOM   1258 H HG3  . GLU A 1 24 ? 2.749   12.010  5.378   1.00 -10.00 ? 24 GLU A HG3  2 
ATOM   1259 N N    . PRO A 1 25 ? 5.238   15.720  7.588   1.00 -10.00 ? 25 PRO A N    2 
ATOM   1260 C CA   . PRO A 1 25 ? 5.754   16.713  8.554   1.00 -10.00 ? 25 PRO A CA   2 
ATOM   1261 C C    . PRO A 1 25 ? 4.773   16.908  9.721   1.00 -10.00 ? 25 PRO A C    2 
ATOM   1262 O O    . PRO A 1 25 ? 5.172   16.975  10.870  1.00 -10.00 ? 25 PRO A O    2 
ATOM   1263 C CB   . PRO A 1 25 ? 5.871   17.995  7.722   1.00 -10.00 ? 25 PRO A CB   2 
ATOM   1264 C CG   . PRO A 1 25 ? 4.903   17.833  6.526   1.00 -10.00 ? 25 PRO A CG   2 
ATOM   1265 C CD   . PRO A 1 25 ? 4.626   16.325  6.381   1.00 -10.00 ? 25 PRO A CD   2 
ATOM   1266 H HA   . PRO A 1 25 ? 6.723   16.421  8.915   1.00 -10.00 ? 25 PRO A HA   2 
ATOM   1267 H HB2  . PRO A 1 25 ? 5.588   18.851  8.319   1.00 -10.00 ? 25 PRO A HB2  2 
ATOM   1268 H HB3  . PRO A 1 25 ? 6.880   18.112  7.359   1.00 -10.00 ? 25 PRO A HB3  2 
ATOM   1269 H HG2  . PRO A 1 25 ? 3.983   18.366  6.721   1.00 -10.00 ? 25 PRO A HG2  2 
ATOM   1270 H HG3  . PRO A 1 25 ? 5.364   18.206  5.624   1.00 -10.00 ? 25 PRO A HG3  2 
ATOM   1271 H HD2  . PRO A 1 25 ? 3.561   16.141  6.359   1.00 -10.00 ? 25 PRO A HD2  2 
ATOM   1272 H HD3  . PRO A 1 25 ? 5.098   15.942  5.490   1.00 -10.00 ? 25 PRO A HD3  2 
ATOM   1273 N N    . ALA A 1 26 ? 3.499   17.008  9.426   1.00 -10.00 ? 26 ALA A N    2 
ATOM   1274 C CA   . ALA A 1 26 ? 2.471   17.213  10.497  1.00 -10.00 ? 26 ALA A CA   2 
ATOM   1275 C C    . ALA A 1 26 ? 2.338   15.951  11.357  1.00 -10.00 ? 26 ALA A C    2 
ATOM   1276 O O    . ALA A 1 26 ? 2.297   14.844  10.850  1.00 -10.00 ? 26 ALA A O    2 
ATOM   1277 C CB   . ALA A 1 26 ? 1.119   17.528  9.851   1.00 -10.00 ? 26 ALA A CB   2 
ATOM   1278 H H    . ALA A 1 26 ? 3.217   16.956  8.490   1.00 0.00   ? 26 ALA A H    2 
ATOM   1279 H HA   . ALA A 1 26 ? 2.768   18.042  11.123  1.00 -10.00 ? 26 ALA A HA   2 
ATOM   1280 H HB1  . ALA A 1 26 ? 1.204   18.430  9.263   1.00 -10.00 ? 26 ALA A HB1  2 
ATOM   1281 H HB2  . ALA A 1 26 ? 0.375   17.669  10.622  1.00 -10.00 ? 26 ALA A HB2  2 
ATOM   1282 H HB3  . ALA A 1 26 ? 0.826   16.708  9.213   1.00 -10.00 ? 26 ALA A HB3  2 
ATOM   1283 N N    . ALA A 1 27 ? 2.266   16.120  12.657  1.00 -10.00 ? 27 ALA A N    2 
ATOM   1284 C CA   . ALA A 1 27 ? 2.129   14.949  13.572  1.00 -10.00 ? 27 ALA A CA   2 
ATOM   1285 C C    . ALA A 1 27 ? 0.902   15.149  14.482  1.00 -10.00 ? 27 ALA A C    2 
ATOM   1286 O O    . ALA A 1 27 ? -0.018  15.875  14.142  1.00 -10.00 ? 27 ALA A O    2 
ATOM   1287 C CB   . ALA A 1 27 ? 3.400   14.829  14.421  1.00 -10.00 ? 27 ALA A CB   2 
ATOM   1288 H H    . ALA A 1 27 ? 2.298   17.023  13.033  1.00 0.00   ? 27 ALA A H    2 
ATOM   1289 H HA   . ALA A 1 27 ? 1.999   14.049  12.988  1.00 -10.00 ? 27 ALA A HA   2 
ATOM   1290 H HB1  . ALA A 1 27 ? 4.267   14.990  13.796  1.00 -10.00 ? 27 ALA A HB1  2 
ATOM   1291 H HB2  . ALA A 1 27 ? 3.450   13.842  14.857  1.00 -10.00 ? 27 ALA A HB2  2 
ATOM   1292 H HB3  . ALA A 1 27 ? 3.381   15.570  15.206  1.00 -10.00 ? 27 ALA A HB3  2 
ATOM   1293 N N    . ASP A 1 28 ? 0.891   14.509  15.632  1.00 -10.00 ? 28 ASP A N    2 
ATOM   1294 C CA   . ASP A 1 28 ? -0.258  14.636  16.592  1.00 -10.00 ? 28 ASP A CA   2 
ATOM   1295 C C    . ASP A 1 28 ? -1.601  14.475  15.851  1.00 -10.00 ? 28 ASP A C    2 
ATOM   1296 O O    . ASP A 1 28 ? -2.471  15.328  15.920  1.00 -10.00 ? 28 ASP A O    2 
ATOM   1297 C CB   . ASP A 1 28 ? -0.197  16.009  17.279  1.00 -10.00 ? 28 ASP A CB   2 
ATOM   1298 C CG   . ASP A 1 28 ? 1.097   16.124  18.096  1.00 -10.00 ? 28 ASP A CG   2 
ATOM   1299 O OD1  . ASP A 1 28 ? 1.081   15.740  19.255  1.00 -10.00 ? 28 ASP A OD1  2 
ATOM   1300 O OD2  . ASP A 1 28 ? 2.081   16.598  17.551  1.00 -10.00 ? 28 ASP A OD2  2 
ATOM   1301 H H    . ASP A 1 28 ? 1.648   13.936  15.869  1.00 0.00   ? 28 ASP A H    2 
ATOM   1302 H HA   . ASP A 1 28 ? -0.177  13.862  17.340  1.00 -10.00 ? 28 ASP A HA   2 
ATOM   1303 H HB2  . ASP A 1 28 ? -0.220  16.788  16.530  1.00 -10.00 ? 28 ASP A HB2  2 
ATOM   1304 H HB3  . ASP A 1 28 ? -1.045  16.120  17.937  1.00 -10.00 ? 28 ASP A HB3  2 
ATOM   1305 N N    . GLY A 1 29 ? -1.772  13.378  15.147  1.00 -10.00 ? 29 GLY A N    2 
ATOM   1306 C CA   . GLY A 1 29 ? -3.049  13.139  14.404  1.00 -10.00 ? 29 GLY A CA   2 
ATOM   1307 C C    . GLY A 1 29 ? -3.494  11.684  14.603  1.00 -10.00 ? 29 GLY A C    2 
ATOM   1308 O O    . GLY A 1 29 ? -3.417  11.150  15.696  1.00 -10.00 ? 29 GLY A O    2 
ATOM   1309 H H    . GLY A 1 29 ? -1.060  12.706  15.112  1.00 0.00   ? 29 GLY A H    2 
ATOM   1310 H HA2  . GLY A 1 29 ? -3.813  13.807  14.777  1.00 -10.00 ? 29 GLY A HA2  2 
ATOM   1311 H HA3  . GLY A 1 29 ? -2.892  13.323  13.352  1.00 0.00   ? 29 GLY A HA3  2 
ATOM   1312 N N    . VAL A 1 30 ? -3.959  11.041  13.556  1.00 -10.00 ? 30 VAL A N    2 
ATOM   1313 C CA   . VAL A 1 30 ? -4.411  9.616   13.673  1.00 -10.00 ? 30 VAL A CA   2 
ATOM   1314 C C    . VAL A 1 30 ? -4.173  8.880   12.346  1.00 -10.00 ? 30 VAL A C    2 
ATOM   1315 O O    . VAL A 1 30 ? -4.536  9.361   11.284  1.00 -10.00 ? 30 VAL A O    2 
ATOM   1316 C CB   . VAL A 1 30 ? -5.907  9.556   14.026  1.00 -10.00 ? 30 VAL A CB   2 
ATOM   1317 C CG1  . VAL A 1 30 ? -6.093  9.798   15.525  1.00 -10.00 ? 30 VAL A CG1  2 
ATOM   1318 C CG2  . VAL A 1 30 ? -6.679  10.621  13.240  1.00 -10.00 ? 30 VAL A CG2  2 
ATOM   1319 H H    . VAL A 1 30 ? -4.007  11.497  12.689  1.00 0.00   ? 30 VAL A H    2 
ATOM   1320 H HA   . VAL A 1 30 ? -3.843  9.129   14.452  1.00 -10.00 ? 30 VAL A HA   2 
ATOM   1321 H HB   . VAL A 1 30 ? -6.292  8.576   13.776  1.00 -10.00 ? 30 VAL A HB   2 
ATOM   1322 H HG11 . VAL A 1 30 ? -7.102  9.538   15.810  1.00 0.00   ? 30 VAL A HG11 2 
ATOM   1323 H HG12 . VAL A 1 30 ? -5.915  10.839  15.747  1.00 0.00   ? 30 VAL A HG12 2 
ATOM   1324 H HG13 . VAL A 1 30 ? -5.395  9.188   16.079  1.00 0.00   ? 30 VAL A HG13 2 
ATOM   1325 H HG21 . VAL A 1 30 ? -6.357  10.612  12.209  1.00 0.00   ? 30 VAL A HG21 2 
ATOM   1326 H HG22 . VAL A 1 30 ? -6.487  11.594  13.667  1.00 0.00   ? 30 VAL A HG22 2 
ATOM   1327 H HG23 . VAL A 1 30 ? -7.737  10.409  13.289  1.00 0.00   ? 30 VAL A HG23 2 
ATOM   1328 N N    . GLY A 1 31 ? -3.568  7.717   12.405  1.00 -10.00 ? 31 GLY A N    2 
ATOM   1329 C CA   . GLY A 1 31 ? -3.301  6.930   11.159  1.00 -10.00 ? 31 GLY A CA   2 
ATOM   1330 C C    . GLY A 1 31 ? -3.337  5.424   11.468  1.00 -10.00 ? 31 GLY A C    2 
ATOM   1331 O O    . GLY A 1 31 ? -2.670  4.642   10.816  1.00 -10.00 ? 31 GLY A O    2 
ATOM   1332 H H    . GLY A 1 31 ? -3.290  7.358   13.274  1.00 0.00   ? 31 GLY A H    2 
ATOM   1333 H HA2  . GLY A 1 31 ? -4.053  7.164   10.419  1.00 -10.00 ? 31 GLY A HA2  2 
ATOM   1334 H HA3  . GLY A 1 31 ? -2.326  7.188   10.773  1.00 0.00   ? 31 GLY A HA3  2 
ATOM   1335 N N    . ALA A 1 32 ? -4.114  5.019   12.455  1.00 -10.00 ? 32 ALA A N    2 
ATOM   1336 C CA   . ALA A 1 32 ? -4.214  3.568   12.828  1.00 -10.00 ? 32 ALA A CA   2 
ATOM   1337 C C    . ALA A 1 32 ? -4.946  3.446   14.167  1.00 -10.00 ? 32 ALA A C    2 
ATOM   1338 O O    . ALA A 1 32 ? -4.678  4.192   15.095  1.00 -10.00 ? 32 ALA A O    2 
ATOM   1339 C CB   . ALA A 1 32 ? -2.814  2.961   12.974  1.00 -10.00 ? 32 ALA A CB   2 
ATOM   1340 H H    . ALA A 1 32 ? -4.639  5.678   12.955  1.00 0.00   ? 32 ALA A H    2 
ATOM   1341 H HA   . ALA A 1 32 ? -4.763  3.033   12.067  1.00 -10.00 ? 32 ALA A HA   2 
ATOM   1342 H HB1  . ALA A 1 32 ? -2.746  2.438   13.917  1.00 -10.00 ? 32 ALA A HB1  2 
ATOM   1343 H HB2  . ALA A 1 32 ? -2.076  3.748   12.945  1.00 -10.00 ? 32 ALA A HB2  2 
ATOM   1344 H HB3  . ALA A 1 32 ? -2.635  2.268   12.164  1.00 -10.00 ? 32 ALA A HB3  2 
ATOM   1345 N N    . ALA A 1 33 ? -5.867  2.516   14.282  1.00 -10.00 ? 33 ALA A N    2 
ATOM   1346 C CA   . ALA A 1 33 ? -6.604  2.363   15.571  1.00 -10.00 ? 33 ALA A CA   2 
ATOM   1347 C C    . ALA A 1 33 ? -5.742  1.588   16.572  1.00 -10.00 ? 33 ALA A C    2 
ATOM   1348 O O    . ALA A 1 33 ? -5.371  2.119   17.603  1.00 -10.00 ? 33 ALA A O    2 
ATOM   1349 C CB   . ALA A 1 33 ? -7.915  1.611   15.338  1.00 -10.00 ? 33 ALA A CB   2 
ATOM   1350 H H    . ALA A 1 33 ? -6.068  1.927   13.526  1.00 0.00   ? 33 ALA A H    2 
ATOM   1351 H HA   . ALA A 1 33 ? -6.821  3.342   15.974  1.00 -10.00 ? 33 ALA A HA   2 
ATOM   1352 H HB1  . ALA A 1 33 ? -8.447  2.061   14.513  1.00 -10.00 ? 33 ALA A HB1  2 
ATOM   1353 H HB2  . ALA A 1 33 ? -8.521  1.664   16.230  1.00 -10.00 ? 33 ALA A HB2  2 
ATOM   1354 H HB3  . ALA A 1 33 ? -7.703  0.577   15.109  1.00 -10.00 ? 33 ALA A HB3  2 
ATOM   1355 N N    . SER A 1 34 ? -5.415  0.342   16.287  1.00 -10.00 ? 34 SER A N    2 
ATOM   1356 C CA   . SER A 1 34 ? -4.572  -0.434  17.248  1.00 -10.00 ? 34 SER A CA   2 
ATOM   1357 C C    . SER A 1 34 ? -3.082  -0.150  16.989  1.00 -10.00 ? 34 SER A C    2 
ATOM   1358 O O    . SER A 1 34 ? -2.524  0.769   17.562  1.00 -10.00 ? 34 SER A O    2 
ATOM   1359 C CB   . SER A 1 34 ? -4.867  -1.933  17.096  1.00 -10.00 ? 34 SER A CB   2 
ATOM   1360 O OG   . SER A 1 34 ? -4.769  -2.307  15.726  1.00 -10.00 ? 34 SER A OG   2 
ATOM   1361 H H    . SER A 1 34 ? -5.719  -0.070  15.453  1.00 0.00   ? 34 SER A H    2 
ATOM   1362 H HA   . SER A 1 34 ? -4.816  -0.127  18.254  1.00 -10.00 ? 34 SER A HA   2 
ATOM   1363 H HB2  . SER A 1 34 ? -4.154  -2.502  17.668  1.00 -10.00 ? 34 SER A HB2  2 
ATOM   1364 H HB3  . SER A 1 34 ? -5.863  -2.137  17.465  1.00 -10.00 ? 34 SER A HB3  2 
ATOM   1365 H HG   . SER A 1 34 ? -5.114  -3.199  15.637  1.00 -10.00 ? 34 SER A HG   2 
ATOM   1366 N N    . ARG A 1 35 ? -2.433  -0.909  16.122  1.00 -10.00 ? 35 ARG A N    2 
ATOM   1367 C CA   . ARG A 1 35 ? -0.987  -0.643  15.835  1.00 -10.00 ? 35 ARG A CA   2 
ATOM   1368 C C    . ARG A 1 35 ? -0.815  -0.042  14.428  1.00 -10.00 ? 35 ARG A C    2 
ATOM   1369 O O    . ARG A 1 35 ? -0.870  1.159   14.250  1.00 -10.00 ? 35 ARG A O    2 
ATOM   1370 C CB   . ARG A 1 35 ? -0.198  -1.953  15.946  1.00 -10.00 ? 35 ARG A CB   2 
ATOM   1371 C CG   . ARG A 1 35 ? 0.053   -2.281  17.419  1.00 -10.00 ? 35 ARG A CG   2 
ATOM   1372 C CD   . ARG A 1 35 ? 1.040   -3.447  17.525  1.00 -10.00 ? 35 ARG A CD   2 
ATOM   1373 N NE   . ARG A 1 35 ? 0.317   -4.670  17.976  1.00 -10.00 ? 35 ARG A NE   2 
ATOM   1374 C CZ   . ARG A 1 35 ? -0.257  -5.450  17.100  1.00 -10.00 ? 35 ARG A CZ   2 
ATOM   1375 N NH1  . ARG A 1 35 ? 0.421   -6.426  16.552  1.00 -10.00 ? 35 ARG A NH1  2 
ATOM   1376 N NH2  . ARG A 1 35 ? -1.507  -5.252  16.769  1.00 -10.00 ? 35 ARG A NH2  2 
ATOM   1377 H H    . ARG A 1 35 ? -2.898  -1.636  15.657  1.00 0.00   ? 35 ARG A H    2 
ATOM   1378 H HA   . ARG A 1 35 ? -0.608  0.057   16.563  1.00 -10.00 ? 35 ARG A HA   2 
ATOM   1379 H HB2  . ARG A 1 35 ? -0.762  -2.753  15.490  1.00 -10.00 ? 35 ARG A HB2  2 
ATOM   1380 H HB3  . ARG A 1 35 ? 0.749   -1.845  15.437  1.00 -10.00 ? 35 ARG A HB3  2 
ATOM   1381 H HG2  . ARG A 1 35 ? 0.464   -1.414  17.916  1.00 -10.00 ? 35 ARG A HG2  2 
ATOM   1382 H HG3  . ARG A 1 35 ? -0.880  -2.557  17.889  1.00 -10.00 ? 35 ARG A HG3  2 
ATOM   1383 H HD2  . ARG A 1 35 ? 1.489   -3.630  16.559  1.00 -10.00 ? 35 ARG A HD2  2 
ATOM   1384 H HD3  . ARG A 1 35 ? 1.812   -3.201  18.240  1.00 -10.00 ? 35 ARG A HD3  2 
ATOM   1385 H HE   . ARG A 1 35 ? 0.270   -4.888  18.930  1.00 -10.00 ? 35 ARG A HE   2 
ATOM   1386 H HH11 . ARG A 1 35 ? 1.377   -6.575  16.805  1.00 0.00   ? 35 ARG A HH11 2 
ATOM   1387 H HH12 . ARG A 1 35 ? -0.016  -7.023  15.880  1.00 0.00   ? 35 ARG A HH12 2 
ATOM   1388 H HH21 . ARG A 1 35 ? -2.024  -4.504  17.188  1.00 0.00   ? 35 ARG A HH21 2 
ATOM   1389 H HH22 . ARG A 1 35 ? -1.947  -5.847  16.095  1.00 0.00   ? 35 ARG A HH22 2 
ATOM   1390 N N    . ASP A 1 36 ? -0.598  -0.882  13.431  1.00 -10.00 ? 36 ASP A N    2 
ATOM   1391 C CA   . ASP A 1 36 ? -0.414  -0.392  12.027  1.00 -10.00 ? 36 ASP A CA   2 
ATOM   1392 C C    . ASP A 1 36 ? -1.515  -0.947  11.109  1.00 -10.00 ? 36 ASP A C    2 
ATOM   1393 O O    . ASP A 1 36 ? -2.231  -0.209  10.455  1.00 -10.00 ? 36 ASP A O    2 
ATOM   1394 C CB   . ASP A 1 36 ? 0.957   -0.850  11.510  1.00 -10.00 ? 36 ASP A CB   2 
ATOM   1395 C CG   . ASP A 1 36 ? 2.064   -0.040  12.194  1.00 -10.00 ? 36 ASP A CG   2 
ATOM   1396 O OD1  . ASP A 1 36 ? 2.469   -0.426  13.280  1.00 -10.00 ? 36 ASP A OD1  2 
ATOM   1397 O OD2  . ASP A 1 36 ? 2.485   0.952   11.622  1.00 -10.00 ? 36 ASP A OD2  2 
ATOM   1398 H H    . ASP A 1 36 ? -0.558  -1.844  13.610  1.00 0.00   ? 36 ASP A H    2 
ATOM   1399 H HA   . ASP A 1 36 ? -0.455  0.686   12.017  1.00 -10.00 ? 36 ASP A HA   2 
ATOM   1400 H HB2  . ASP A 1 36 ? 1.091   -1.899  11.729  1.00 -10.00 ? 36 ASP A HB2  2 
ATOM   1401 H HB3  . ASP A 1 36 ? 1.009   -0.695  10.442  1.00 -10.00 ? 36 ASP A HB3  2 
ATOM   1402 N N    . LEU A 1 37 ? -1.598  -2.260  11.034  1.00 -10.00 ? 37 LEU A N    2 
ATOM   1403 C CA   . LEU A 1 37 ? -2.585  -2.957  10.141  1.00 -10.00 ? 37 LEU A CA   2 
ATOM   1404 C C    . LEU A 1 37 ? -4.009  -2.402  10.285  1.00 -10.00 ? 37 LEU A C    2 
ATOM   1405 O O    . LEU A 1 37 ? -4.723  -2.306  9.310   1.00 -10.00 ? 37 LEU A O    2 
ATOM   1406 C CB   . LEU A 1 37 ? -2.598  -4.449  10.488  1.00 -10.00 ? 37 LEU A CB   2 
ATOM   1407 C CG   . LEU A 1 37 ? -2.389  -5.276  9.218   1.00 -10.00 ? 37 LEU A CG   2 
ATOM   1408 C CD1  . LEU A 1 37 ? -0.914  -5.661  9.090   1.00 -10.00 ? 37 LEU A CD1  2 
ATOM   1409 C CD2  . LEU A 1 37 ? -3.239  -6.546  9.294   1.00 -10.00 ? 37 LEU A CD2  2 
ATOM   1410 H H    . LEU A 1 37 ? -0.971  -2.802  11.555  1.00 0.00   ? 37 LEU A H    2 
ATOM   1411 H HA   . LEU A 1 37 ? -2.268  -2.843  9.116   1.00 -10.00 ? 37 LEU A HA   2 
ATOM   1412 H HB2  . LEU A 1 37 ? -1.805  -4.662  11.191  1.00 -10.00 ? 37 LEU A HB2  2 
ATOM   1413 H HB3  . LEU A 1 37 ? -3.548  -4.707  10.930  1.00 -10.00 ? 37 LEU A HB3  2 
ATOM   1414 H HG   . LEU A 1 37 ? -2.685  -4.694  8.356   1.00 -10.00 ? 37 LEU A HG   2 
ATOM   1415 H HD11 . LEU A 1 37 ? -0.317  -4.769  8.976   1.00 0.00   ? 37 LEU A HD11 2 
ATOM   1416 H HD12 . LEU A 1 37 ? -0.781  -6.295  8.225   1.00 0.00   ? 37 LEU A HD12 2 
ATOM   1417 H HD13 . LEU A 1 37 ? -0.602  -6.193  9.977   1.00 0.00   ? 37 LEU A HD13 2 
ATOM   1418 H HD21 . LEU A 1 37 ? -3.009  -7.183  8.454   1.00 0.00   ? 37 LEU A HD21 2 
ATOM   1419 H HD22 . LEU A 1 37 ? -4.286  -6.280  9.269   1.00 0.00   ? 37 LEU A HD22 2 
ATOM   1420 H HD23 . LEU A 1 37 ? -3.022  -7.070  10.214  1.00 0.00   ? 37 LEU A HD23 2 
ATOM   1421 N N    . GLU A 1 38 ? -4.436  -2.066  11.481  1.00 -10.00 ? 38 GLU A N    2 
ATOM   1422 C CA   . GLU A 1 38 ? -5.834  -1.549  11.673  1.00 -10.00 ? 38 GLU A CA   2 
ATOM   1423 C C    . GLU A 1 38 ? -6.151  -0.433  10.663  1.00 -10.00 ? 38 GLU A C    2 
ATOM   1424 O O    . GLU A 1 38 ? -7.244  -0.375  10.125  1.00 -10.00 ? 38 GLU A O    2 
ATOM   1425 C CB   . GLU A 1 38 ? -5.995  -1.009  13.095  1.00 -10.00 ? 38 GLU A CB   2 
ATOM   1426 C CG   . GLU A 1 38 ? -7.258  -1.606  13.735  1.00 -10.00 ? 38 GLU A CG   2 
ATOM   1427 C CD   . GLU A 1 38 ? -8.494  -1.241  12.900  1.00 -10.00 ? 38 GLU A CD   2 
ATOM   1428 O OE1  . GLU A 1 38 ? -8.883  -0.083  12.921  1.00 -10.00 ? 38 GLU A OE1  2 
ATOM   1429 O OE2  . GLU A 1 38 ? -9.031  -2.127  12.254  1.00 -10.00 ? 38 GLU A OE2  2 
ATOM   1430 H H    . GLU A 1 38 ? -3.847  -2.173  12.257  1.00 0.00   ? 38 GLU A H    2 
ATOM   1431 H HA   . GLU A 1 38 ? -6.530  -2.361  11.524  1.00 -10.00 ? 38 GLU A HA   2 
ATOM   1432 H HB2  . GLU A 1 38 ? -5.131  -1.284  13.682  1.00 -10.00 ? 38 GLU A HB2  2 
ATOM   1433 H HB3  . GLU A 1 38 ? -6.083  0.065   13.066  1.00 -10.00 ? 38 GLU A HB3  2 
ATOM   1434 H HG2  . GLU A 1 38 ? -7.160  -2.681  13.784  1.00 -10.00 ? 38 GLU A HG2  2 
ATOM   1435 H HG3  . GLU A 1 38 ? -7.374  -1.213  14.734  1.00 -10.00 ? 38 GLU A HG3  2 
ATOM   1436 N N    . LYS A 1 39 ? -5.210  0.447   10.405  1.00 -10.00 ? 39 LYS A N    2 
ATOM   1437 C CA   . LYS A 1 39 ? -5.453  1.560   9.433   1.00 -10.00 ? 39 LYS A CA   2 
ATOM   1438 C C    . LYS A 1 39 ? -5.822  0.989   8.049   1.00 -10.00 ? 39 LYS A C    2 
ATOM   1439 O O    . LYS A 1 39 ? -6.810  1.385   7.457   1.00 -10.00 ? 39 LYS A O    2 
ATOM   1440 C CB   . LYS A 1 39 ? -4.185  2.419   9.326   1.00 -10.00 ? 39 LYS A CB   2 
ATOM   1441 C CG   . LYS A 1 39 ? -4.445  3.632   8.427   1.00 -10.00 ? 39 LYS A CG   2 
ATOM   1442 C CD   . LYS A 1 39 ? -3.142  4.037   7.735   1.00 -10.00 ? 39 LYS A CD   2 
ATOM   1443 C CE   . LYS A 1 39 ? -3.239  5.493   7.272   1.00 -10.00 ? 39 LYS A CE   2 
ATOM   1444 N NZ   . LYS A 1 39 ? -1.871  6.026   7.016   1.00 -10.00 ? 39 LYS A NZ   2 
ATOM   1445 H H    . LYS A 1 39 ? -4.342  0.376   10.854  1.00 0.00   ? 39 LYS A H    2 
ATOM   1446 H HA   . LYS A 1 39 ? -6.267  2.174   9.792   1.00 -10.00 ? 39 LYS A HA   2 
ATOM   1447 H HB2  . LYS A 1 39 ? -3.902  2.759   10.312  1.00 -10.00 ? 39 LYS A HB2  2 
ATOM   1448 H HB3  . LYS A 1 39 ? -3.383  1.831   8.910   1.00 -10.00 ? 39 LYS A HB3  2 
ATOM   1449 H HG2  . LYS A 1 39 ? -5.185  3.377   7.683   1.00 -10.00 ? 39 LYS A HG2  2 
ATOM   1450 H HG3  . LYS A 1 39 ? -4.803  4.455   9.027   1.00 -10.00 ? 39 LYS A HG3  2 
ATOM   1451 H HD2  . LYS A 1 39 ? -2.319  3.933   8.426   1.00 -10.00 ? 39 LYS A HD2  2 
ATOM   1452 H HD3  . LYS A 1 39 ? -2.977  3.401   6.879   1.00 -10.00 ? 39 LYS A HD3  2 
ATOM   1453 H HE2  . LYS A 1 39 ? -3.821  5.545   6.365   1.00 -10.00 ? 39 LYS A HE2  2 
ATOM   1454 H HE3  . LYS A 1 39 ? -3.716  6.083   8.041   1.00 -10.00 ? 39 LYS A HE3  2 
ATOM   1455 H HZ1  . LYS A 1 39 ? -1.940  6.977   6.603   1.00 -10.00 ? 39 LYS A HZ1  2 
ATOM   1456 H HZ2  . LYS A 1 39 ? -1.372  5.397   6.353   1.00 -10.00 ? 39 LYS A HZ2  2 
ATOM   1457 H HZ3  . LYS A 1 39 ? -1.344  6.078   7.911   1.00 -10.00 ? 39 LYS A HZ3  2 
ATOM   1458 N N    . HIS A 1 40 ? -5.038  0.066   7.536   1.00 -10.00 ? 40 HIS A N    2 
ATOM   1459 C CA   . HIS A 1 40 ? -5.336  -0.534  6.193   1.00 -10.00 ? 40 HIS A CA   2 
ATOM   1460 C C    . HIS A 1 40 ? -6.462  -1.577  6.307   1.00 -10.00 ? 40 HIS A C    2 
ATOM   1461 O O    . HIS A 1 40 ? -7.280  -1.711  5.415   1.00 -10.00 ? 40 HIS A O    2 
ATOM   1462 C CB   . HIS A 1 40 ? -4.070  -1.204  5.645   1.00 -10.00 ? 40 HIS A CB   2 
ATOM   1463 C CG   . HIS A 1 40 ? -3.127  -0.149  5.128   1.00 -10.00 ? 40 HIS A CG   2 
ATOM   1464 N ND1  . HIS A 1 40 ? -2.416  0.690   5.974   1.00 -10.00 ? 40 HIS A ND1  2 
ATOM   1465 C CD2  . HIS A 1 40 ? -2.775  0.220   3.854   1.00 -10.00 ? 40 HIS A CD2  2 
ATOM   1466 C CE1  . HIS A 1 40 ? -1.681  1.513   5.204   1.00 -10.00 ? 40 HIS A CE1  2 
ATOM   1467 N NE2  . HIS A 1 40 ? -1.863  1.270   3.904   1.00 -10.00 ? 40 HIS A NE2  2 
ATOM   1468 H H    . HIS A 1 40 ? -4.251  -0.238  8.035   1.00 0.00   ? 40 HIS A H    2 
ATOM   1469 H HA   . HIS A 1 40 ? -5.645  0.248   5.515   1.00 -10.00 ? 40 HIS A HA   2 
ATOM   1470 H HB2  . HIS A 1 40 ? -3.588  -1.763  6.434   1.00 -10.00 ? 40 HIS A HB2  2 
ATOM   1471 H HB3  . HIS A 1 40 ? -4.336  -1.872  4.840   1.00 -10.00 ? 40 HIS A HB3  2 
ATOM   1472 H HD1  . HIS A 1 40 ? -2.439  0.682   6.954   1.00 -10.00 ? 40 HIS A HD1  2 
ATOM   1473 H HD2  . HIS A 1 40 ? -3.147  -0.237  2.949   1.00 -10.00 ? 40 HIS A HD2  2 
ATOM   1474 H HE1  . HIS A 1 40 ? -1.028  2.283   5.592   1.00 -10.00 ? 40 HIS A HE1  2 
ATOM   1475 N N    . GLY A 1 41 ? -6.494  -2.318  7.395   1.00 -10.00 ? 41 GLY A N    2 
ATOM   1476 C CA   . GLY A 1 41 ? -7.544  -3.370  7.595   1.00 -10.00 ? 41 GLY A CA   2 
ATOM   1477 C C    . GLY A 1 41 ? -8.958  -2.791  7.421   1.00 -10.00 ? 41 GLY A C    2 
ATOM   1478 O O    . GLY A 1 41 ? -9.880  -3.509  7.082   1.00 -10.00 ? 41 GLY A O    2 
ATOM   1479 H H    . GLY A 1 41 ? -5.812  -2.188  8.086   1.00 0.00   ? 41 GLY A H    2 
ATOM   1480 H HA2  . GLY A 1 41 ? -7.396  -4.161  6.875   1.00 -10.00 ? 41 GLY A HA2  2 
ATOM   1481 H HA3  . GLY A 1 41 ? -7.451  -3.777  8.592   1.00 0.00   ? 41 GLY A HA3  2 
ATOM   1482 N N    . ALA A 1 42 ? -9.138  -1.507  7.656   1.00 -10.00 ? 42 ALA A N    2 
ATOM   1483 C CA   . ALA A 1 42 ? -10.496 -0.888  7.508   1.00 -10.00 ? 42 ALA A CA   2 
ATOM   1484 C C    . ALA A 1 42 ? -10.818 -0.668  6.016   1.00 -10.00 ? 42 ALA A C    2 
ATOM   1485 O O    . ALA A 1 42 ? -11.111 0.436   5.589   1.00 -10.00 ? 42 ALA A O    2 
ATOM   1486 C CB   . ALA A 1 42 ? -10.519 0.452   8.252   1.00 -10.00 ? 42 ALA A CB   2 
ATOM   1487 H H    . ALA A 1 42 ? -8.381  -0.951  7.935   1.00 0.00   ? 42 ALA A H    2 
ATOM   1488 H HA   . ALA A 1 42 ? -11.236 -1.548  7.938   1.00 -10.00 ? 42 ALA A HA   2 
ATOM   1489 H HB1  . ALA A 1 42 ? -11.517 0.866   8.216   1.00 -10.00 ? 42 ALA A HB1  2 
ATOM   1490 H HB2  . ALA A 1 42 ? -9.828  1.137   7.783   1.00 -10.00 ? 42 ALA A HB2  2 
ATOM   1491 H HB3  . ALA A 1 42 ? -10.230 0.298   9.281   1.00 -10.00 ? 42 ALA A HB3  2 
ATOM   1492 N N    . ILE A 1 43 ? -10.776 -1.719  5.223   1.00 -10.00 ? 43 ILE A N    2 
ATOM   1493 C CA   . ILE A 1 43 ? -11.084 -1.593  3.765   1.00 -10.00 ? 43 ILE A CA   2 
ATOM   1494 C C    . ILE A 1 43 ? -11.780 -2.880  3.289   1.00 -10.00 ? 43 ILE A C    2 
ATOM   1495 O O    . ILE A 1 43 ? -11.143 -3.894  3.068   1.00 -10.00 ? 43 ILE A O    2 
ATOM   1496 C CB   . ILE A 1 43 ? -9.777  -1.378  2.976   1.00 -10.00 ? 43 ILE A CB   2 
ATOM   1497 C CG1  . ILE A 1 43 ? -9.192  0.006   3.300   1.00 -10.00 ? 43 ILE A CG1  2 
ATOM   1498 C CG2  . ILE A 1 43 ? -10.048 -1.472  1.467   1.00 -10.00 ? 43 ILE A CG2  2 
ATOM   1499 C CD1  . ILE A 1 43 ? -10.100 1.108   2.742   1.00 -10.00 ? 43 ILE A CD1  2 
ATOM   1500 H H    . ILE A 1 43 ? -10.548 -2.597  5.593   1.00 0.00   ? 43 ILE A H    2 
ATOM   1501 H HA   . ILE A 1 43 ? -11.745 -0.752  3.609   1.00 -10.00 ? 43 ILE A HA   2 
ATOM   1502 H HB   . ILE A 1 43 ? -9.067  -2.141  3.255   1.00 -10.00 ? 43 ILE A HB   2 
ATOM   1503 H HG12 . ILE A 1 43 ? -9.107  0.118   4.371   1.00 0.00   ? 43 ILE A HG12 2 
ATOM   1504 H HG13 . ILE A 1 43 ? -8.212  0.093   2.854   1.00 0.00   ? 43 ILE A HG13 2 
ATOM   1505 H HG21 . ILE A 1 43 ? -9.230  -1.018  0.927   1.00 0.00   ? 43 ILE A HG21 2 
ATOM   1506 H HG22 . ILE A 1 43 ? -10.966 -0.954  1.229   1.00 0.00   ? 43 ILE A HG22 2 
ATOM   1507 H HG23 . ILE A 1 43 ? -10.136 -2.510  1.180   1.00 0.00   ? 43 ILE A HG23 2 
ATOM   1508 H HD11 . ILE A 1 43 ? -9.852  1.290   1.707   1.00 0.00   ? 43 ILE A HD11 2 
ATOM   1509 H HD12 . ILE A 1 43 ? -9.956  2.015   3.311   1.00 0.00   ? 43 ILE A HD12 2 
ATOM   1510 H HD13 . ILE A 1 43 ? -11.132 0.799   2.816   1.00 0.00   ? 43 ILE A HD13 2 
ATOM   1511 N N    . THR A 1 44 ? -13.085 -2.838  3.140   1.00 -10.00 ? 44 THR A N    2 
ATOM   1512 C CA   . THR A 1 44 ? -13.840 -4.048  2.683   1.00 -10.00 ? 44 THR A CA   2 
ATOM   1513 C C    . THR A 1 44 ? -14.749 -3.654  1.511   1.00 -10.00 ? 44 THR A C    2 
ATOM   1514 O O    . THR A 1 44 ? -15.721 -2.937  1.682   1.00 -10.00 ? 44 THR A O    2 
ATOM   1515 C CB   . THR A 1 44 ? -14.682 -4.598  3.847   1.00 -10.00 ? 44 THR A CB   2 
ATOM   1516 O OG1  . THR A 1 44 ? -13.856 -4.766  4.994   1.00 -10.00 ? 44 THR A OG1  2 
ATOM   1517 C CG2  . THR A 1 44 ? -15.285 -5.951  3.459   1.00 -10.00 ? 44 THR A CG2  2 
ATOM   1518 H H    . THR A 1 44 ? -13.570 -2.008  3.332   1.00 0.00   ? 44 THR A H    2 
ATOM   1519 H HA   . THR A 1 44 ? -13.141 -4.805  2.355   1.00 -10.00 ? 44 THR A HA   2 
ATOM   1520 H HB   . THR A 1 44 ? -15.478 -3.906  4.073   1.00 -10.00 ? 44 THR A HB   2 
ATOM   1521 H HG1  . THR A 1 44 ? -14.052 -4.053  5.606   1.00 -10.00 ? 44 THR A HG1  2 
ATOM   1522 H HG21 . THR A 1 44 ? -15.833 -6.354  4.298   1.00 0.00   ? 44 THR A HG21 2 
ATOM   1523 H HG22 . THR A 1 44 ? -14.493 -6.633  3.186   1.00 0.00   ? 44 THR A HG22 2 
ATOM   1524 H HG23 . THR A 1 44 ? -15.955 -5.821  2.622   1.00 0.00   ? 44 THR A HG23 2 
ATOM   1525 N N    . SER A 1 45 ? -14.428 -4.106  0.317   1.00 -10.00 ? 45 SER A N    2 
ATOM   1526 C CA   . SER A 1 45 ? -15.255 -3.754  -0.880  1.00 -10.00 ? 45 SER A CA   2 
ATOM   1527 C C    . SER A 1 45 ? -15.615 -5.022  -1.668  1.00 -10.00 ? 45 SER A C    2 
ATOM   1528 O O    . SER A 1 45 ? -14.761 -5.835  -1.978  1.00 -10.00 ? 45 SER A O    2 
ATOM   1529 C CB   . SER A 1 45 ? -14.458 -2.808  -1.782  1.00 -10.00 ? 45 SER A CB   2 
ATOM   1530 O OG   . SER A 1 45 ? -15.194 -1.605  -1.972  1.00 -10.00 ? 45 SER A OG   2 
ATOM   1531 H H    . SER A 1 45 ? -13.634 -4.670  0.209   1.00 0.00   ? 45 SER A H    2 
ATOM   1532 H HA   . SER A 1 45 ? -16.163 -3.264  -0.558  1.00 -10.00 ? 45 SER A HA   2 
ATOM   1533 H HB2  . SER A 1 45 ? -13.514 -2.575  -1.320  1.00 -10.00 ? 45 SER A HB2  2 
ATOM   1534 H HB3  . SER A 1 45 ? -14.280 -3.287  -2.737  1.00 -10.00 ? 45 SER A HB3  2 
ATOM   1535 H HG   . SER A 1 45 ? -15.684 -1.682  -2.793  1.00 -10.00 ? 45 SER A HG   2 
ATOM   1536 N N    . SER A 1 46 ? -16.877 -5.182  -2.001  1.00 -10.00 ? 46 SER A N    2 
ATOM   1537 C CA   . SER A 1 46 ? -17.327 -6.379  -2.781  1.00 -10.00 ? 46 SER A CA   2 
ATOM   1538 C C    . SER A 1 46 ? -18.689 -6.071  -3.423  1.00 -10.00 ? 46 SER A C    2 
ATOM   1539 O O    . SER A 1 46 ? -19.728 -6.478  -2.933  1.00 -10.00 ? 46 SER A O    2 
ATOM   1540 C CB   . SER A 1 46 ? -17.444 -7.588  -1.845  1.00 -10.00 ? 46 SER A CB   2 
ATOM   1541 O OG   . SER A 1 46 ? -16.190 -8.254  -1.780  1.00 -10.00 ? 46 SER A OG   2 
ATOM   1542 H H    . SER A 1 46 ? -17.533 -4.502  -1.741  1.00 0.00   ? 46 SER A H    2 
ATOM   1543 H HA   . SER A 1 46 ? -16.606 -6.593  -3.558  1.00 -10.00 ? 46 SER A HA   2 
ATOM   1544 H HB2  . SER A 1 46 ? -17.721 -7.257  -0.859  1.00 -10.00 ? 46 SER A HB2  2 
ATOM   1545 H HB3  . SER A 1 46 ? -18.202 -8.261  -2.223  1.00 -10.00 ? 46 SER A HB3  2 
ATOM   1546 H HG   . SER A 1 46 ? -16.106 -8.645  -0.907  1.00 -10.00 ? 46 SER A HG   2 
ATOM   1547 N N    . ASN A 1 47 ? -18.686 -5.333  -4.512  1.00 -10.00 ? 47 ASN A N    2 
ATOM   1548 C CA   . ASN A 1 47 ? -19.968 -4.964  -5.193  1.00 -10.00 ? 47 ASN A CA   2 
ATOM   1549 C C    . ASN A 1 47 ? -19.828 -5.125  -6.718  1.00 -10.00 ? 47 ASN A C    2 
ATOM   1550 O O    . ASN A 1 47 ? -18.737 -5.093  -7.262  1.00 -10.00 ? 47 ASN A O    2 
ATOM   1551 C CB   . ASN A 1 47 ? -20.304 -3.503  -4.845  1.00 -10.00 ? 47 ASN A CB   2 
ATOM   1552 C CG   . ASN A 1 47 ? -21.163 -2.863  -5.946  1.00 -10.00 ? 47 ASN A CG   2 
ATOM   1553 O OD1  . ASN A 1 47 ? -22.371 -2.998  -5.947  1.00 -10.00 ? 47 ASN A OD1  2 
ATOM   1554 N ND2  . ASN A 1 47 ? -20.584 -2.168  -6.889  1.00 -10.00 ? 47 ASN A ND2  2 
ATOM   1555 H H    . ASN A 1 47 ? -17.834 -5.009  -4.874  1.00 0.00   ? 47 ASN A H    2 
ATOM   1556 H HA   . ASN A 1 47 ? -20.762 -5.607  -4.840  1.00 -10.00 ? 47 ASN A HA   2 
ATOM   1557 H HB2  . ASN A 1 47 ? -20.846 -3.478  -3.911  1.00 -10.00 ? 47 ASN A HB2  2 
ATOM   1558 H HB3  . ASN A 1 47 ? -19.385 -2.945  -4.741  1.00 -10.00 ? 47 ASN A HB3  2 
ATOM   1559 H HD21 . ASN A 1 47 ? -19.611 -2.058  -6.890  1.00 0.00   ? 47 ASN A HD21 2 
ATOM   1560 H HD22 . ASN A 1 47 ? -21.123 -1.759  -7.599  1.00 0.00   ? 47 ASN A HD22 2 
ATOM   1561 N N    . THR A 1 48 ? -20.938 -5.286  -7.405  1.00 -10.00 ? 48 THR A N    2 
ATOM   1562 C CA   . THR A 1 48 ? -20.904 -5.439  -8.893  1.00 -10.00 ? 48 THR A CA   2 
ATOM   1563 C C    . THR A 1 48 ? -22.015 -4.579  -9.526  1.00 -10.00 ? 48 THR A C    2 
ATOM   1564 O O    . THR A 1 48 ? -23.192 -4.801  -9.292  1.00 -10.00 ? 48 THR A O    2 
ATOM   1565 C CB   . THR A 1 48 ? -21.102 -6.919  -9.263  1.00 -10.00 ? 48 THR A CB   2 
ATOM   1566 O OG1  . THR A 1 48 ? -22.239 -7.437  -8.583  1.00 -10.00 ? 48 THR A OG1  2 
ATOM   1567 C CG2  . THR A 1 48 ? -19.860 -7.721  -8.861  1.00 -10.00 ? 48 THR A CG2  2 
ATOM   1568 H H    . THR A 1 48 ? -21.800 -5.301  -6.939  1.00 0.00   ? 48 THR A H    2 
ATOM   1569 H HA   . THR A 1 48 ? -19.945 -5.104  -9.262  1.00 -10.00 ? 48 THR A HA   2 
ATOM   1570 H HB   . THR A 1 48 ? -21.247 -7.007  -10.329 1.00 -10.00 ? 48 THR A HB   2 
ATOM   1571 H HG1  . THR A 1 48 ? -22.951 -7.523  -9.221  1.00 -10.00 ? 48 THR A HG1  2 
ATOM   1572 H HG21 . THR A 1 48 ? -19.670 -7.588  -7.806  1.00 0.00   ? 48 THR A HG21 2 
ATOM   1573 H HG22 . THR A 1 48 ? -19.008 -7.373  -9.427  1.00 0.00   ? 48 THR A HG22 2 
ATOM   1574 H HG23 . THR A 1 48 ? -20.025 -8.769  -9.068  1.00 0.00   ? 48 THR A HG23 2 
ATOM   1575 N N    . ALA A 1 49 ? -21.634 -3.603  -10.325 1.00 -10.00 ? 49 ALA A N    2 
ATOM   1576 C CA   . ALA A 1 49 ? -22.628 -2.695  -11.004 1.00 -10.00 ? 49 ALA A CA   2 
ATOM   1577 C C    . ALA A 1 49 ? -23.648 -2.122  -9.990  1.00 -10.00 ? 49 ALA A C    2 
ATOM   1578 O O    . ALA A 1 49 ? -23.310 -1.862  -8.850  1.00 -10.00 ? 49 ALA A O    2 
ATOM   1579 C CB   . ALA A 1 49 ? -23.356 -3.479  -12.109 1.00 -10.00 ? 49 ALA A CB   2 
ATOM   1580 H H    . ALA A 1 49 ? -20.677 -3.462  -10.484 1.00 0.00   ? 49 ALA A H    2 
ATOM   1581 H HA   . ALA A 1 49 ? -22.092 -1.872  -11.456 1.00 -10.00 ? 49 ALA A HA   2 
ATOM   1582 H HB1  . ALA A 1 49 ? -22.660 -4.150  -12.592 1.00 -10.00 ? 49 ALA A HB1  2 
ATOM   1583 H HB2  . ALA A 1 49 ? -23.753 -2.788  -12.838 1.00 -10.00 ? 49 ALA A HB2  2 
ATOM   1584 H HB3  . ALA A 1 49 ? -24.164 -4.049  -11.674 1.00 -10.00 ? 49 ALA A HB3  2 
ATOM   1585 N N    . ALA A 1 50 ? -24.887 -1.922  -10.414 1.00 -10.00 ? 50 ALA A N    2 
ATOM   1586 C CA   . ALA A 1 50 ? -25.959 -1.356  -9.521  1.00 -10.00 ? 50 ALA A CA   2 
ATOM   1587 C C    . ALA A 1 50 ? -25.606 0.066   -9.040  1.00 -10.00 ? 50 ALA A C    2 
ATOM   1588 O O    . ALA A 1 50 ? -24.538 0.318   -8.512  1.00 -10.00 ? 50 ALA A O    2 
ATOM   1589 C CB   . ALA A 1 50 ? -26.141 -2.264  -8.303  1.00 -10.00 ? 50 ALA A CB   2 
ATOM   1590 H H    . ALA A 1 50 ? -25.116 -2.136  -11.341 1.00 0.00   ? 50 ALA A H    2 
ATOM   1591 H HA   . ALA A 1 50 ? -26.888 -1.319  -10.070 1.00 -10.00 ? 50 ALA A HA   2 
ATOM   1592 H HB1  . ALA A 1 50 ? -25.431 -1.986  -7.537  1.00 -10.00 ? 50 ALA A HB1  2 
ATOM   1593 H HB2  . ALA A 1 50 ? -25.974 -3.292  -8.592  1.00 -10.00 ? 50 ALA A HB2  2 
ATOM   1594 H HB3  . ALA A 1 50 ? -27.145 -2.155  -7.919  1.00 -10.00 ? 50 ALA A HB3  2 
ATOM   1595 N N    . ASN A 1 51 ? -26.525 0.997   -9.223  1.00 -10.00 ? 51 ASN A N    2 
ATOM   1596 C CA   . ASN A 1 51 ? -26.281 2.410   -8.785  1.00 -10.00 ? 51 ASN A CA   2 
ATOM   1597 C C    . ASN A 1 51 ? -27.492 2.939   -7.971  1.00 -10.00 ? 51 ASN A C    2 
ATOM   1598 O O    . ASN A 1 51 ? -27.720 2.493   -6.859  1.00 -10.00 ? 51 ASN A O    2 
ATOM   1599 C CB   . ASN A 1 51 ? -26.012 3.290   -10.018 1.00 -10.00 ? 51 ASN A CB   2 
ATOM   1600 C CG   . ASN A 1 51 ? -24.700 2.858   -10.687 1.00 -10.00 ? 51 ASN A CG   2 
ATOM   1601 O OD1  . ASN A 1 51 ? -24.712 2.199   -11.708 1.00 -10.00 ? 51 ASN A OD1  2 
ATOM   1602 N ND2  . ASN A 1 51 ? -23.561 3.209   -10.150 1.00 -10.00 ? 51 ASN A ND2  2 
ATOM   1603 H H    . ASN A 1 51 ? -27.377 0.763   -9.649  1.00 0.00   ? 51 ASN A H    2 
ATOM   1604 H HA   . ASN A 1 51 ? -25.410 2.428   -8.149  1.00 -10.00 ? 51 ASN A HA   2 
ATOM   1605 H HB2  . ASN A 1 51 ? -26.824 3.187   -10.722 1.00 -10.00 ? 51 ASN A HB2  2 
ATOM   1606 H HB3  . ASN A 1 51 ? -25.928 4.321   -9.710  1.00 -10.00 ? 51 ASN A HB3  2 
ATOM   1607 H HD21 . ASN A 1 51 ? -23.549 3.742   -9.327  1.00 0.00   ? 51 ASN A HD21 2 
ATOM   1608 H HD22 . ASN A 1 51 ? -22.717 2.941   -10.572 1.00 0.00   ? 51 ASN A HD22 2 
ATOM   1609 N N    . ASN A 1 52 ? -28.255 3.895   -8.488  1.00 -10.00 ? 52 ASN A N    2 
ATOM   1610 C CA   . ASN A 1 52 ? -29.424 4.457   -7.714  1.00 -10.00 ? 52 ASN A CA   2 
ATOM   1611 C C    . ASN A 1 52 ? -30.446 5.100   -8.681  1.00 -10.00 ? 52 ASN A C    2 
ATOM   1612 O O    . ASN A 1 52 ? -30.147 5.333   -9.838  1.00 -10.00 ? 52 ASN A O    2 
ATOM   1613 C CB   . ASN A 1 52 ? -28.928 5.529   -6.717  1.00 -10.00 ? 52 ASN A CB   2 
ATOM   1614 C CG   . ASN A 1 52 ? -27.397 5.657   -6.770  1.00 -10.00 ? 52 ASN A CG   2 
ATOM   1615 O OD1  . ASN A 1 52 ? -26.704 5.178   -5.890  1.00 -10.00 ? 52 ASN A OD1  2 
ATOM   1616 N ND2  . ASN A 1 52 ? -26.839 6.290   -7.768  1.00 -10.00 ? 52 ASN A ND2  2 
ATOM   1617 H H    . ASN A 1 52 ? -28.052 4.255   -9.371  1.00 0.00   ? 52 ASN A H    2 
ATOM   1618 H HA   . ASN A 1 52 ? -29.904 3.657   -7.167  1.00 -10.00 ? 52 ASN A HA   2 
ATOM   1619 H HB2  . ASN A 1 52 ? -29.373 6.481   -6.971  1.00 -10.00 ? 52 ASN A HB2  2 
ATOM   1620 H HB3  . ASN A 1 52 ? -29.228 5.250   -5.718  1.00 -10.00 ? 52 ASN A HB3  2 
ATOM   1621 H HD21 . ASN A 1 52 ? -27.396 6.678   -8.477  1.00 0.00   ? 52 ASN A HD21 2 
ATOM   1622 H HD22 . ASN A 1 52 ? -25.863 6.364   -7.816  1.00 0.00   ? 52 ASN A HD22 2 
ATOM   1623 N N    . ALA A 1 53 ? -31.653 5.393   -8.211  1.00 -10.00 ? 53 ALA A N    2 
ATOM   1624 C CA   . ALA A 1 53 ? -32.690 6.025   -9.110  1.00 -10.00 ? 53 ALA A CA   2 
ATOM   1625 C C    . ALA A 1 53 ? -33.928 6.486   -8.290  1.00 -10.00 ? 53 ALA A C    2 
ATOM   1626 O O    . ALA A 1 53 ? -33.794 7.273   -7.370  1.00 -10.00 ? 53 ALA A O    2 
ATOM   1627 C CB   . ALA A 1 53 ? -33.092 5.012   -10.192 1.00 -10.00 ? 53 ALA A CB   2 
ATOM   1628 H H    . ALA A 1 53 ? -31.873 5.201   -7.273  1.00 0.00   ? 53 ALA A H    2 
ATOM   1629 H HA   . ALA A 1 53 ? -32.252 6.890   -9.586  1.00 -10.00 ? 53 ALA A HA   2 
ATOM   1630 H HB1  . ALA A 1 53 ? -33.556 4.152   -9.731  1.00 -10.00 ? 53 ALA A HB1  2 
ATOM   1631 H HB2  . ALA A 1 53 ? -32.211 4.697   -10.731 1.00 -10.00 ? 53 ALA A HB2  2 
ATOM   1632 H HB3  . ALA A 1 53 ? -33.785 5.475   -10.879 1.00 -10.00 ? 53 ALA A HB3  2 
ATOM   1633 N N    . ALA A 1 54 ? -35.126 6.005   -8.616  1.00 -10.00 ? 54 ALA A N    2 
ATOM   1634 C CA   . ALA A 1 54 ? -36.383 6.405   -7.878  1.00 -10.00 ? 54 ALA A CA   2 
ATOM   1635 C C    . ALA A 1 54 ? -36.696 7.910   -8.036  1.00 -10.00 ? 54 ALA A C    2 
ATOM   1636 O O    . ALA A 1 54 ? -35.810 8.738   -8.150  1.00 -10.00 ? 54 ALA A O    2 
ATOM   1637 C CB   . ALA A 1 54 ? -36.223 6.082   -6.391  1.00 -10.00 ? 54 ALA A CB   2 
ATOM   1638 H H    . ALA A 1 54 ? -35.204 5.378   -9.358  1.00 0.00   ? 54 ALA A H    2 
ATOM   1639 H HA   . ALA A 1 54 ? -37.211 5.832   -8.270  1.00 -10.00 ? 54 ALA A HA   2 
ATOM   1640 H HB1  . ALA A 1 54 ? -35.748 6.915   -5.890  1.00 -10.00 ? 54 ALA A HB1  2 
ATOM   1641 H HB2  . ALA A 1 54 ? -35.614 5.198   -6.277  1.00 -10.00 ? 54 ALA A HB2  2 
ATOM   1642 H HB3  . ALA A 1 54 ? -37.195 5.910   -5.955  1.00 -10.00 ? 54 ALA A HB3  2 
ATOM   1643 N N    . CYS A 1 55 ? -37.978 8.262   -8.035  1.00 -10.00 ? 55 CYS A N    2 
ATOM   1644 C CA   . CYS A 1 55 ? -38.393 9.704   -8.178  1.00 -10.00 ? 55 CYS A CA   2 
ATOM   1645 C C    . CYS A 1 55 ? -39.933 9.832   -8.107  1.00 -10.00 ? 55 CYS A C    2 
ATOM   1646 O O    . CYS A 1 55 ? -40.650 9.151   -8.818  1.00 -10.00 ? 55 CYS A O    2 
ATOM   1647 C CB   . CYS A 1 55 ? -37.903 10.253  -9.523  1.00 -10.00 ? 55 CYS A CB   2 
ATOM   1648 S SG   . CYS A 1 55 ? -36.695 11.569  -9.232  1.00 -10.00 ? 55 CYS A SG   2 
ATOM   1649 H H    . CYS A 1 55 ? -38.666 7.572   -7.937  1.00 0.00   ? 55 CYS A H    2 
ATOM   1650 H HA   . CYS A 1 55 ? -37.953 10.281  -7.378  1.00 -10.00 ? 55 CYS A HA   2 
ATOM   1651 H HB2  . CYS A 1 55 ? -37.443 9.458   -10.094 1.00 -10.00 ? 55 CYS A HB2  2 
ATOM   1652 H HB3  . CYS A 1 55 ? -38.741 10.653  -10.077 1.00 -10.00 ? 55 CYS A HB3  2 
ATOM   1653 H HG   . CYS A 1 55 ? -35.966 11.442  -9.844  1.00 -10.00 ? 55 CYS A HG   2 
ATOM   1654 N N    . ALA A 1 56 ? -40.433 10.717  -7.253  1.00 0.00   ? 56 ALA A N    2 
ATOM   1655 C CA   . ALA A 1 56 ? -41.928 10.930  -7.109  1.00 0.00   ? 56 ALA A CA   2 
ATOM   1656 C C    . ALA A 1 56 ? -42.207 11.857  -5.904  1.00 0.00   ? 56 ALA A C    2 
ATOM   1657 O O    . ALA A 1 56 ? -41.303 12.182  -5.159  1.00 0.00   ? 56 ALA A O    2 
ATOM   1658 C CB   . ALA A 1 56 ? -42.625 9.585   -6.875  1.00 0.00   ? 56 ALA A CB   2 
ATOM   1659 H H    . ALA A 1 56 ? -39.820 11.250  -6.706  1.00 0.00   ? 56 ALA A H    2 
ATOM   1660 H HA   . ALA A 1 56 ? -42.313 11.383  -8.011  1.00 0.00   ? 56 ALA A HA   2 
ATOM   1661 H HB1  . ALA A 1 56 ? -42.825 9.112   -7.825  1.00 0.00   ? 56 ALA A HB1  2 
ATOM   1662 H HB2  . ALA A 1 56 ? -43.556 9.747   -6.350  1.00 0.00   ? 56 ALA A HB2  2 
ATOM   1663 H HB3  . ALA A 1 56 ? -41.987 8.946   -6.282  1.00 0.00   ? 56 ALA A HB3  2 
ATOM   1664 N N    . TRP A 1 57 ? -43.457 12.283  -5.708  1.00 0.00   ? 57 TRP A N    2 
ATOM   1665 C CA   . TRP A 1 57 ? -43.814 13.184  -4.550  1.00 0.00   ? 57 TRP A CA   2 
ATOM   1666 C C    . TRP A 1 57 ? -42.911 14.433  -4.497  1.00 0.00   ? 57 TRP A C    2 
ATOM   1667 O O    . TRP A 1 57 ? -42.071 14.640  -5.352  1.00 0.00   ? 57 TRP A O    2 
ATOM   1668 C CB   . TRP A 1 57 ? -43.763 12.390  -3.218  1.00 0.00   ? 57 TRP A CB   2 
ATOM   1669 C CG   . TRP A 1 57 ? -42.375 12.328  -2.632  1.00 0.00   ? 57 TRP A CG   2 
ATOM   1670 C CD1  . TRP A 1 57 ? -41.750 13.339  -1.982  1.00 0.00   ? 57 TRP A CD1  2 
ATOM   1671 C CD2  . TRP A 1 57 ? -41.448 11.198  -2.604  1.00 0.00   ? 57 TRP A CD2  2 
ATOM   1672 N NE1  . TRP A 1 57 ? -40.499 12.912  -1.582  1.00 0.00   ? 57 TRP A NE1  2 
ATOM   1673 C CE2  . TRP A 1 57 ? -40.265 11.603  -1.938  1.00 0.00   ? 57 TRP A CE2  2 
ATOM   1674 C CE3  . TRP A 1 57 ? -41.512 9.881   -3.093  1.00 0.00   ? 57 TRP A CE3  2 
ATOM   1675 C CZ2  . TRP A 1 57 ? -39.188 10.734  -1.764  1.00 0.00   ? 57 TRP A CZ2  2 
ATOM   1676 C CZ3  . TRP A 1 57 ? -40.430 9.003   -2.918  1.00 0.00   ? 57 TRP A CZ3  2 
ATOM   1677 C CH2  . TRP A 1 57 ? -39.270 9.430   -2.255  1.00 0.00   ? 57 TRP A CH2  2 
ATOM   1678 H H    . TRP A 1 57 ? -44.176 12.008  -6.329  1.00 0.00   ? 57 TRP A H    2 
ATOM   1679 H HA   . TRP A 1 57 ? -44.831 13.522  -4.698  1.00 0.00   ? 57 TRP A HA   2 
ATOM   1680 H HB2  . TRP A 1 57 ? -44.418 12.862  -2.505  1.00 0.00   ? 57 TRP A HB2  2 
ATOM   1681 H HB3  . TRP A 1 57 ? -44.115 11.384  -3.400  1.00 0.00   ? 57 TRP A HB3  2 
ATOM   1682 H HD1  . TRP A 1 57 ? -42.159 14.322  -1.812  1.00 0.00   ? 57 TRP A HD1  2 
ATOM   1683 H HE1  . TRP A 1 57 ? -39.844 13.459  -1.098  1.00 0.00   ? 57 TRP A HE1  2 
ATOM   1684 H HE3  . TRP A 1 57 ? -42.401 9.540   -3.604  1.00 0.00   ? 57 TRP A HE3  2 
ATOM   1685 H HZ2  . TRP A 1 57 ? -38.299 11.069  -1.253  1.00 0.00   ? 57 TRP A HZ2  2 
ATOM   1686 H HZ3  . TRP A 1 57 ? -40.489 7.993   -3.296  1.00 0.00   ? 57 TRP A HZ3  2 
ATOM   1687 H HH2  . TRP A 1 57 ? -38.441 8.750   -2.124  1.00 0.00   ? 57 TRP A HH2  2 
HETATM 1688 N N    . NH2 A 1 58 ? -43.072 15.300  -3.532  1.00 0.00   ? 58 NH2 A N    2 
HETATM 1689 H HN1  . NH2 A 1 58 ? -43.747 15.141  -2.838  1.00 0.00   ? 58 NH2 A HN1  2 
HETATM 1690 H HN2  . NH2 A 1 58 ? -42.517 16.106  -3.502  1.00 0.00   ? 58 NH2 A HN2  2 
# 
loop_
_pdbx_poly_seq_scheme.asym_id 
_pdbx_poly_seq_scheme.entity_id 
_pdbx_poly_seq_scheme.seq_id 
_pdbx_poly_seq_scheme.mon_id 
_pdbx_poly_seq_scheme.ndb_seq_num 
_pdbx_poly_seq_scheme.pdb_seq_num 
_pdbx_poly_seq_scheme.auth_seq_num 
_pdbx_poly_seq_scheme.pdb_mon_id 
_pdbx_poly_seq_scheme.auth_mon_id 
_pdbx_poly_seq_scheme.pdb_strand_id 
_pdbx_poly_seq_scheme.pdb_ins_code 
_pdbx_poly_seq_scheme.hetero 
A 1 1  MYR 1  1  1  MYR MYR A . n 
A 1 2  GLY 2  2  2  GLY GLY A . n 
A 1 3  GLY 3  3  3  GLY GLY A . n 
A 1 4  LYS 4  4  4  LYS LYS A . n 
A 1 5  TRP 5  5  5  TRP TRP A . n 
A 1 6  SER 6  6  6  SER SER A . n 
A 1 7  LYS 7  7  7  LYS LYS A . n 
A 1 8  SER 8  8  8  SER SER A . n 
A 1 9  SER 9  9  9  SER SER A . n 
A 1 10 VAL 10 10 10 VAL VAL A . n 
A 1 11 VAL 11 11 11 VAL VAL A . n 
A 1 12 GLY 12 12 12 GLY GLY A . n 
A 1 13 TRP 13 13 13 TRP TRP A . n 
A 1 14 PRO 14 14 14 PRO PRO A . n 
A 1 15 ALA 15 15 15 ALA ALA A . n 
A 1 16 VAL 16 16 16 VAL VAL A . n 
A 1 17 ARG 17 17 17 ARG ARG A . n 
A 1 18 GLU 18 18 18 GLU GLU A . n 
A 1 19 ARG 19 19 19 ARG ARG A . n 
A 1 20 MET 20 20 20 MET MET A . n 
A 1 21 ARG 21 21 21 ARG ARG A . n 
A 1 22 ARG 22 22 22 ARG ARG A . n 
A 1 23 ALA 23 23 23 ALA ALA A . n 
A 1 24 GLU 24 24 24 GLU GLU A . n 
A 1 25 PRO 25 25 25 PRO PRO A . n 
A 1 26 ALA 26 26 26 ALA ALA A . n 
A 1 27 ALA 27 27 27 ALA ALA A . n 
A 1 28 ASP 28 28 28 ASP ASP A . n 
A 1 29 GLY 29 29 29 GLY GLY A . n 
A 1 30 VAL 30 30 30 VAL VAL A . n 
A 1 31 GLY 31 31 31 GLY GLY A . n 
A 1 32 ALA 32 32 32 ALA ALA A . n 
A 1 33 ALA 33 33 33 ALA ALA A . n 
A 1 34 SER 34 34 34 SER SER A . n 
A 1 35 ARG 35 35 35 ARG ARG A . n 
A 1 36 ASP 36 36 36 ASP ASP A . n 
A 1 37 LEU 37 37 37 LEU LEU A . n 
A 1 38 GLU 38 38 38 GLU GLU A . n 
A 1 39 LYS 39 39 39 LYS LYS A . n 
A 1 40 HIS 40 40 40 HIS HIS A . n 
A 1 41 GLY 41 41 41 GLY GLY A . n 
A 1 42 ALA 42 42 42 ALA ALA A . n 
A 1 43 ILE 43 43 43 ILE ILE A . n 
A 1 44 THR 44 44 44 THR THR A . n 
A 1 45 SER 45 45 45 SER SER A . n 
A 1 46 SER 46 46 46 SER SER A . n 
A 1 47 ASN 47 47 47 ASN ASN A . n 
A 1 48 THR 48 48 48 THR THR A . n 
A 1 49 ALA 49 49 49 ALA ALA A . n 
A 1 50 ALA 50 50 50 ALA ALA A . n 
A 1 51 ASN 51 51 51 ASN ASN A . n 
A 1 52 ASN 52 52 52 ASN ASN A . n 
A 1 53 ALA 53 53 53 ALA ALA A . n 
A 1 54 ALA 54 54 54 ALA ALA A . n 
A 1 55 CYS 55 55 55 CYS CYS A . n 
A 1 56 ALA 56 56 56 ALA ALA A . n 
A 1 57 TRP 57 57 57 TRP TRP A . n 
A 1 58 NH2 58 58 57 NH2 TRP A . n 
# 
_pdbx_struct_assembly.id                   1 
_pdbx_struct_assembly.details              author_defined_assembly 
_pdbx_struct_assembly.method_details       ? 
_pdbx_struct_assembly.oligomeric_details   monomeric 
_pdbx_struct_assembly.oligomeric_count     1 
# 
_pdbx_struct_assembly_gen.assembly_id       1 
_pdbx_struct_assembly_gen.oper_expression   1 
_pdbx_struct_assembly_gen.asym_id_list      A 
# 
loop_
_pdbx_struct_assembly_prop.biol_id 
_pdbx_struct_assembly_prop.type 
_pdbx_struct_assembly_prop.value 
_pdbx_struct_assembly_prop.details 
1 'ABSA (A^2)' 310  ? 
1 MORE         2    ? 
1 'SSA (A^2)'  6460 ? 
# 
_pdbx_struct_oper_list.id                   1 
_pdbx_struct_oper_list.type                 'identity operation' 
_pdbx_struct_oper_list.name                 1_555 
_pdbx_struct_oper_list.symmetry_operation   ? 
_pdbx_struct_oper_list.matrix[1][1]         1.0000000000 
_pdbx_struct_oper_list.matrix[1][2]         0.0000000000 
_pdbx_struct_oper_list.matrix[1][3]         0.0000000000 
_pdbx_struct_oper_list.vector[1]            0.0000000000 
_pdbx_struct_oper_list.matrix[2][1]         0.0000000000 
_pdbx_struct_oper_list.matrix[2][2]         1.0000000000 
_pdbx_struct_oper_list.matrix[2][3]         0.0000000000 
_pdbx_struct_oper_list.vector[2]            0.0000000000 
_pdbx_struct_oper_list.matrix[3][1]         0.0000000000 
_pdbx_struct_oper_list.matrix[3][2]         0.0000000000 
_pdbx_struct_oper_list.matrix[3][3]         1.0000000000 
_pdbx_struct_oper_list.vector[3]            0.0000000000 
# 
loop_
_pdbx_audit_revision_history.ordinal 
_pdbx_audit_revision_history.data_content_type 
_pdbx_audit_revision_history.major_revision 
_pdbx_audit_revision_history.minor_revision 
_pdbx_audit_revision_history.revision_date 
1 'Structure model' 1 0 1999-05-26 
2 'Structure model' 1 1 2008-04-26 
3 'Structure model' 1 2 2011-07-13 
4 'Structure model' 1 3 2019-11-27 
5 'Structure model' 1 4 2021-10-27 
6 'Structure model' 1 5 2022-12-21 
# 
_pdbx_audit_revision_details.ordinal             1 
_pdbx_audit_revision_details.revision_ordinal    1 
_pdbx_audit_revision_details.data_content_type   'Structure model' 
_pdbx_audit_revision_details.provider            repository 
_pdbx_audit_revision_details.type                'Initial release' 
_pdbx_audit_revision_details.description         ? 
_pdbx_audit_revision_details.details             ? 
# 
loop_
_pdbx_audit_revision_group.ordinal 
_pdbx_audit_revision_group.revision_ordinal 
_pdbx_audit_revision_group.data_content_type 
_pdbx_audit_revision_group.group 
1 2 'Structure model' 'Version format compliance' 
2 3 'Structure model' 'Version format compliance' 
3 4 'Structure model' 'Database references'       
4 4 'Structure model' 'Derived calculations'      
5 5 'Structure model' 'Data collection'           
6 5 'Structure model' 'Database references'       
7 5 'Structure model' 'Source and taxonomy'       
8 6 'Structure model' 'Database references'       
# 
loop_
_pdbx_audit_revision_category.ordinal 
_pdbx_audit_revision_category.revision_ordinal 
_pdbx_audit_revision_category.data_content_type 
_pdbx_audit_revision_category.category 
1  4 'Structure model' citation                  
2  4 'Structure model' citation_author           
3  4 'Structure model' pdbx_struct_assembly      
4  4 'Structure model' pdbx_struct_assembly_prop 
5  4 'Structure model' pdbx_struct_oper_list     
6  4 'Structure model' struct_conn               
7  4 'Structure model' struct_ref_seq_dif        
8  5 'Structure model' database_2                
9  5 'Structure model' pdbx_entity_src_syn       
10 5 'Structure model' pdbx_nmr_software         
11 5 'Structure model' pdbx_nmr_spectrometer     
12 6 'Structure model' struct_ref_seq_dif        
# 
loop_
_pdbx_audit_revision_item.ordinal 
_pdbx_audit_revision_item.revision_ordinal 
_pdbx_audit_revision_item.data_content_type 
_pdbx_audit_revision_item.item 
1  4 'Structure model' '_citation.pdbx_database_id_DOI'            
2  4 'Structure model' '_citation.pdbx_database_id_PubMed'         
3  4 'Structure model' '_citation.title'                           
4  4 'Structure model' '_citation_author.name'                     
5  4 'Structure model' '_struct_conn.pdbx_leaving_atom_flag'       
6  4 'Structure model' '_struct_ref_seq_dif.details'               
7  5 'Structure model' '_database_2.pdbx_DOI'                      
8  5 'Structure model' '_database_2.pdbx_database_accession'       
9  5 'Structure model' '_pdbx_entity_src_syn.details'              
10 5 'Structure model' '_pdbx_entity_src_syn.ncbi_taxonomy_id'     
11 5 'Structure model' '_pdbx_entity_src_syn.organism_common_name' 
12 5 'Structure model' '_pdbx_entity_src_syn.organism_scientific'  
13 5 'Structure model' '_pdbx_nmr_software.authors'                
14 5 'Structure model' '_pdbx_nmr_software.classification'         
15 5 'Structure model' '_pdbx_nmr_spectrometer.manufacturer'       
16 5 'Structure model' '_pdbx_nmr_spectrometer.model'              
17 6 'Structure model' '_struct_ref_seq_dif.details'               
# 
loop_
_pdbx_validate_torsion.id 
_pdbx_validate_torsion.PDB_model_num 
_pdbx_validate_torsion.auth_comp_id 
_pdbx_validate_torsion.auth_asym_id 
_pdbx_validate_torsion.auth_seq_id 
_pdbx_validate_torsion.PDB_ins_code 
_pdbx_validate_torsion.label_alt_id 
_pdbx_validate_torsion.phi 
_pdbx_validate_torsion.psi 
1  1 SER A 6  ? ? 50.18   86.30   
2  1 VAL A 11 ? ? 58.08   154.70  
3  1 TRP A 13 ? ? -159.42 81.03   
4  1 PRO A 14 ? ? -80.66  45.22   
5  1 ARG A 22 ? ? -87.45  -76.13  
6  1 ALA A 23 ? ? 155.77  -84.36  
7  1 GLU A 24 ? ? 176.77  112.44  
8  1 ASP A 28 ? ? 47.03   71.65   
9  1 ALA A 33 ? ? -76.14  -79.78  
10 1 SER A 34 ? ? -87.89  -77.52  
11 1 ARG A 35 ? ? -100.32 -98.68  
12 1 ASP A 36 ? ? -125.66 -62.71  
13 1 ALA A 49 ? ? 53.28   -129.50 
14 1 ALA A 50 ? ? 53.36   -153.65 
15 1 ASN A 52 ? ? 44.17   85.54   
16 1 ALA A 54 ? ? 57.99   -167.66 
17 2 LYS A 4  ? ? 53.38   104.63  
18 2 GLU A 18 ? ? -53.72  -70.47  
19 2 ALA A 23 ? ? 52.57   -170.89 
20 2 ALA A 27 ? ? -125.90 -156.00 
21 2 ALA A 32 ? ? 168.35  135.89  
22 2 SER A 34 ? ? -85.44  -89.29  
23 2 ARG A 35 ? ? -108.26 -91.89  
24 2 SER A 46 ? ? -160.78 78.66   
25 2 ALA A 49 ? ? 50.32   -145.86 
26 2 ALA A 50 ? ? 61.89   128.07  
27 2 ASN A 51 ? ? -131.34 -111.58 
28 2 ALA A 53 ? ? -170.65 -122.50 
29 2 ALA A 54 ? ? 63.88   148.20  
30 2 CYS A 55 ? ? -178.53 128.67  
31 2 ALA A 56 ? ? 171.61  172.56  
# 
loop_
_pdbx_validate_planes.id 
_pdbx_validate_planes.PDB_model_num 
_pdbx_validate_planes.auth_comp_id 
_pdbx_validate_planes.auth_asym_id 
_pdbx_validate_planes.auth_seq_id 
_pdbx_validate_planes.PDB_ins_code 
_pdbx_validate_planes.label_alt_id 
_pdbx_validate_planes.rmsd 
_pdbx_validate_planes.type 
1  1 ARG A 17 ? ? 0.310 'SIDE CHAIN' 
2  1 ARG A 19 ? ? 0.299 'SIDE CHAIN' 
3  1 ARG A 21 ? ? 0.314 'SIDE CHAIN' 
4  1 ARG A 22 ? ? 0.317 'SIDE CHAIN' 
5  1 ARG A 35 ? ? 0.316 'SIDE CHAIN' 
6  2 ARG A 17 ? ? 0.316 'SIDE CHAIN' 
7  2 ARG A 19 ? ? 0.315 'SIDE CHAIN' 
8  2 ARG A 21 ? ? 0.313 'SIDE CHAIN' 
9  2 ARG A 22 ? ? 0.299 'SIDE CHAIN' 
10 2 ARG A 35 ? ? 0.318 'SIDE CHAIN' 
# 
